data_4GOF
# 
_entry.id   4GOF 
# 
_audit_conform.dict_name       mmcif_pdbx.dic 
_audit_conform.dict_version    5.403 
_audit_conform.dict_location   http://mmcif.pdb.org/dictionaries/ascii/mmcif_pdbx.dic 
# 
loop_
_database_2.database_id 
_database_2.database_code 
_database_2.pdbx_database_accession 
_database_2.pdbx_DOI 
PDB   4GOF         pdb_00004gof 10.2210/pdb4gof/pdb 
RCSB  RCSB074438   ?            ?                   
WWPDB D_1000074438 ?            ?                   
# 
loop_
_pdbx_audit_revision_history.ordinal 
_pdbx_audit_revision_history.data_content_type 
_pdbx_audit_revision_history.major_revision 
_pdbx_audit_revision_history.minor_revision 
_pdbx_audit_revision_history.revision_date 
_pdbx_audit_revision_history.part_number 
1 'Structure model' 1 0 2012-11-21 ? 
2 'Structure model' 1 1 2013-01-02 ? 
3 'Structure model' 1 2 2013-01-16 ? 
4 'Structure model' 1 3 2025-03-26 ? 
# 
_pdbx_audit_revision_details.ordinal             1 
_pdbx_audit_revision_details.revision_ordinal    1 
_pdbx_audit_revision_details.data_content_type   'Structure model' 
_pdbx_audit_revision_details.provider            repository 
_pdbx_audit_revision_details.type                'Initial release' 
_pdbx_audit_revision_details.description         ? 
_pdbx_audit_revision_details.details             ? 
# 
loop_
_pdbx_audit_revision_group.ordinal 
_pdbx_audit_revision_group.revision_ordinal 
_pdbx_audit_revision_group.data_content_type 
_pdbx_audit_revision_group.group 
1 2 'Structure model' 'Database references'  
2 3 'Structure model' 'Database references'  
3 4 'Structure model' 'Data collection'      
4 4 'Structure model' 'Database references'  
5 4 'Structure model' 'Derived calculations' 
6 4 'Structure model' 'Structure summary'    
# 
loop_
_pdbx_audit_revision_category.ordinal 
_pdbx_audit_revision_category.revision_ordinal 
_pdbx_audit_revision_category.data_content_type 
_pdbx_audit_revision_category.category 
1 4 'Structure model' chem_comp_atom     
2 4 'Structure model' chem_comp_bond     
3 4 'Structure model' database_2         
4 4 'Structure model' pdbx_entry_details 
5 4 'Structure model' struct_conn        
6 4 'Structure model' struct_ref_seq_dif 
7 4 'Structure model' struct_site        
# 
loop_
_pdbx_audit_revision_item.ordinal 
_pdbx_audit_revision_item.revision_ordinal 
_pdbx_audit_revision_item.data_content_type 
_pdbx_audit_revision_item.item 
1 4 'Structure model' '_database_2.pdbx_DOI'                
2 4 'Structure model' '_database_2.pdbx_database_accession' 
3 4 'Structure model' '_struct_conn.pdbx_leaving_atom_flag' 
4 4 'Structure model' '_struct_ref_seq_dif.details'         
5 4 'Structure model' '_struct_site.pdbx_auth_asym_id'      
6 4 'Structure model' '_struct_site.pdbx_auth_comp_id'      
7 4 'Structure model' '_struct_site.pdbx_auth_seq_id'       
# 
_pdbx_database_status.status_code                     REL 
_pdbx_database_status.entry_id                        4GOF 
_pdbx_database_status.recvd_initial_deposition_date   2012-08-19 
_pdbx_database_status.deposit_site                    RCSB 
_pdbx_database_status.process_site                    RCSB 
_pdbx_database_status.status_code_sf                  REL 
_pdbx_database_status.status_code_mr                  ? 
_pdbx_database_status.SG_entry                        ? 
_pdbx_database_status.status_code_cs                  ? 
_pdbx_database_status.methods_development_category    ? 
_pdbx_database_status.pdb_format_compatible           Y 
_pdbx_database_status.status_code_nmr_data            ? 
# 
loop_
_pdbx_database_related.db_name 
_pdbx_database_related.db_id 
_pdbx_database_related.details 
_pdbx_database_related.content_type 
PDB 4GOC 'Crystal structure of Get5 UBL, the yeast homolog of the SGTA binding partner, Ubl4A' unspecified 
PDB 4GOD 'Crystal structure of unmodified SGTA'                                                unspecified 
PDB 4GOE 'Crystal structure of singly modified SGTA'                                           unspecified 
# 
loop_
_audit_author.name 
_audit_author.pdbx_ordinal 
'Chartron, J.W.'    1 
'VanderVelde, D.G.' 2 
'Clemons Jr., W.M.' 3 
# 
_citation.id                        primary 
_citation.title                     
;Structures of the Sgt2/SGTA Dimerization Domain with the Get5/UBL4A UBL Domain Reveal an Interaction that Forms a Conserved Dynamic Interface.
;
_citation.journal_abbrev            'Cell Rep' 
_citation.journal_volume            2 
_citation.page_first                1620 
_citation.page_last                 1632 
_citation.year                      2012 
_citation.journal_id_ASTM           ? 
_citation.country                   US 
_citation.journal_id_ISSN           2211-1247 
_citation.journal_id_CSD            ? 
_citation.book_publisher            ? 
_citation.pdbx_database_id_PubMed   23142665 
_citation.pdbx_database_id_DOI      10.1016/j.celrep.2012.10.010 
# 
loop_
_citation_author.citation_id 
_citation_author.name 
_citation_author.ordinal 
_citation_author.identifier_ORCID 
primary 'Chartron, J.W.'    1 ? 
primary 'Vandervelde, D.G.' 2 ? 
primary 'Clemons, W.M.'     3 ? 
# 
loop_
_entity.id 
_entity.type 
_entity.src_method 
_entity.pdbx_description 
_entity.formula_weight 
_entity.pdbx_number_of_molecules 
_entity.pdbx_ec 
_entity.pdbx_mutation 
_entity.pdbx_fragment 
_entity.details 
1 polymer     man 'Small glutamine-rich tetratricopeptide repeat-containing protein alpha' 5738.505 2  ? ? ? ? 
2 non-polymer syn BETA-MERCAPTOETHANOL                                                     78.133   2  ? ? ? ? 
3 non-polymer syn 'CHLORIDE ION'                                                           35.453   1  ? ? ? ? 
4 water       nat water                                                                    18.015   81 ? ? ? ? 
# 
_entity_name_com.entity_id   1 
_entity_name_com.name        'Alpha-SGT, Vpu-binding protein, UBP' 
# 
_entity_poly.entity_id                      1 
_entity_poly.type                           'polypeptide(L)' 
_entity_poly.nstd_linkage                   no 
_entity_poly.nstd_monomer                   no 
_entity_poly.pdbx_seq_one_letter_code       MKKRLAYAIIQFLHDQLRHGGLSSDAQESLEVAIQCLETAFGVTVEDSDLAL 
_entity_poly.pdbx_seq_one_letter_code_can   MKKRLAYAIIQFLHDQLRHGGLSSDAQESLEVAIQCLETAFGVTVEDSDLAL 
_entity_poly.pdbx_strand_id                 A,B 
_entity_poly.pdbx_target_identifier         ? 
# 
loop_
_pdbx_entity_nonpoly.entity_id 
_pdbx_entity_nonpoly.name 
_pdbx_entity_nonpoly.comp_id 
2 BETA-MERCAPTOETHANOL BME 
3 'CHLORIDE ION'       CL  
4 water                HOH 
# 
loop_
_entity_poly_seq.entity_id 
_entity_poly_seq.num 
_entity_poly_seq.mon_id 
_entity_poly_seq.hetero 
1 1  MET n 
1 2  LYS n 
1 3  LYS n 
1 4  ARG n 
1 5  LEU n 
1 6  ALA n 
1 7  TYR n 
1 8  ALA n 
1 9  ILE n 
1 10 ILE n 
1 11 GLN n 
1 12 PHE n 
1 13 LEU n 
1 14 HIS n 
1 15 ASP n 
1 16 GLN n 
1 17 LEU n 
1 18 ARG n 
1 19 HIS n 
1 20 GLY n 
1 21 GLY n 
1 22 LEU n 
1 23 SER n 
1 24 SER n 
1 25 ASP n 
1 26 ALA n 
1 27 GLN n 
1 28 GLU n 
1 29 SER n 
1 30 LEU n 
1 31 GLU n 
1 32 VAL n 
1 33 ALA n 
1 34 ILE n 
1 35 GLN n 
1 36 CYS n 
1 37 LEU n 
1 38 GLU n 
1 39 THR n 
1 40 ALA n 
1 41 PHE n 
1 42 GLY n 
1 43 VAL n 
1 44 THR n 
1 45 VAL n 
1 46 GLU n 
1 47 ASP n 
1 48 SER n 
1 49 ASP n 
1 50 LEU n 
1 51 ALA n 
1 52 LEU n 
# 
_entity_src_gen.entity_id                          1 
_entity_src_gen.pdbx_src_id                        1 
_entity_src_gen.pdbx_alt_source_flag               sample 
_entity_src_gen.pdbx_seq_type                      ? 
_entity_src_gen.pdbx_beg_seq_num                   ? 
_entity_src_gen.pdbx_end_seq_num                   ? 
_entity_src_gen.gene_src_common_name               human 
_entity_src_gen.gene_src_genus                     ? 
_entity_src_gen.pdbx_gene_src_gene                 'SGT, SGT1, SGTA' 
_entity_src_gen.gene_src_species                   ? 
_entity_src_gen.gene_src_strain                    ? 
_entity_src_gen.gene_src_tissue                    ? 
_entity_src_gen.gene_src_tissue_fraction           ? 
_entity_src_gen.gene_src_details                   ? 
_entity_src_gen.pdbx_gene_src_fragment             ? 
_entity_src_gen.pdbx_gene_src_scientific_name      'Homo sapiens' 
_entity_src_gen.pdbx_gene_src_ncbi_taxonomy_id     9606 
_entity_src_gen.pdbx_gene_src_variant              ? 
_entity_src_gen.pdbx_gene_src_cell_line            ? 
_entity_src_gen.pdbx_gene_src_atcc                 ? 
_entity_src_gen.pdbx_gene_src_organ                ? 
_entity_src_gen.pdbx_gene_src_organelle            ? 
_entity_src_gen.pdbx_gene_src_cell                 ? 
_entity_src_gen.pdbx_gene_src_cellular_location    ? 
_entity_src_gen.host_org_common_name               ? 
_entity_src_gen.pdbx_host_org_scientific_name      'Escherichia coli' 
_entity_src_gen.pdbx_host_org_ncbi_taxonomy_id     562 
_entity_src_gen.host_org_genus                     ? 
_entity_src_gen.pdbx_host_org_gene                 ? 
_entity_src_gen.pdbx_host_org_organ                ? 
_entity_src_gen.host_org_species                   ? 
_entity_src_gen.pdbx_host_org_tissue               ? 
_entity_src_gen.pdbx_host_org_tissue_fraction      ? 
_entity_src_gen.pdbx_host_org_strain               'NiCo21(DE3)' 
_entity_src_gen.pdbx_host_org_variant              ? 
_entity_src_gen.pdbx_host_org_cell_line            ? 
_entity_src_gen.pdbx_host_org_atcc                 ? 
_entity_src_gen.pdbx_host_org_culture_collection   ? 
_entity_src_gen.pdbx_host_org_cell                 ? 
_entity_src_gen.pdbx_host_org_organelle            ? 
_entity_src_gen.pdbx_host_org_cellular_location    ? 
_entity_src_gen.pdbx_host_org_vector_type          plasmid 
_entity_src_gen.pdbx_host_org_vector               ? 
_entity_src_gen.host_org_details                   ? 
_entity_src_gen.expression_system_id               ? 
_entity_src_gen.plasmid_name                       pET33b 
_entity_src_gen.plasmid_details                    ? 
_entity_src_gen.pdbx_description                   ? 
# 
loop_
_chem_comp.id 
_chem_comp.type 
_chem_comp.mon_nstd_flag 
_chem_comp.name 
_chem_comp.pdbx_synonyms 
_chem_comp.formula 
_chem_comp.formula_weight 
ALA 'L-peptide linking' y ALANINE              ? 'C3 H7 N O2'     89.093  
ARG 'L-peptide linking' y ARGININE             ? 'C6 H15 N4 O2 1' 175.209 
ASP 'L-peptide linking' y 'ASPARTIC ACID'      ? 'C4 H7 N O4'     133.103 
BME non-polymer         . BETA-MERCAPTOETHANOL ? 'C2 H6 O S'      78.133  
CL  non-polymer         . 'CHLORIDE ION'       ? 'Cl -1'          35.453  
CYS 'L-peptide linking' y CYSTEINE             ? 'C3 H7 N O2 S'   121.158 
GLN 'L-peptide linking' y GLUTAMINE            ? 'C5 H10 N2 O3'   146.144 
GLU 'L-peptide linking' y 'GLUTAMIC ACID'      ? 'C5 H9 N O4'     147.129 
GLY 'peptide linking'   y GLYCINE              ? 'C2 H5 N O2'     75.067  
HIS 'L-peptide linking' y HISTIDINE            ? 'C6 H10 N3 O2 1' 156.162 
HOH non-polymer         . WATER                ? 'H2 O'           18.015  
ILE 'L-peptide linking' y ISOLEUCINE           ? 'C6 H13 N O2'    131.173 
LEU 'L-peptide linking' y LEUCINE              ? 'C6 H13 N O2'    131.173 
LYS 'L-peptide linking' y LYSINE               ? 'C6 H15 N2 O2 1' 147.195 
MET 'L-peptide linking' y METHIONINE           ? 'C5 H11 N O2 S'  149.211 
PHE 'L-peptide linking' y PHENYLALANINE        ? 'C9 H11 N O2'    165.189 
SER 'L-peptide linking' y SERINE               ? 'C3 H7 N O3'     105.093 
THR 'L-peptide linking' y THREONINE            ? 'C4 H9 N O3'     119.119 
TYR 'L-peptide linking' y TYROSINE             ? 'C9 H11 N O3'    181.189 
VAL 'L-peptide linking' y VALINE               ? 'C5 H11 N O2'    117.146 
# 
loop_
_pdbx_poly_seq_scheme.asym_id 
_pdbx_poly_seq_scheme.entity_id 
_pdbx_poly_seq_scheme.seq_id 
_pdbx_poly_seq_scheme.mon_id 
_pdbx_poly_seq_scheme.ndb_seq_num 
_pdbx_poly_seq_scheme.pdb_seq_num 
_pdbx_poly_seq_scheme.auth_seq_num 
_pdbx_poly_seq_scheme.pdb_mon_id 
_pdbx_poly_seq_scheme.auth_mon_id 
_pdbx_poly_seq_scheme.pdb_strand_id 
_pdbx_poly_seq_scheme.pdb_ins_code 
_pdbx_poly_seq_scheme.hetero 
A 1 1  MET 1  3  3  MET MET A . n 
A 1 2  LYS 2  4  4  LYS LYS A . n 
A 1 3  LYS 3  5  5  LYS LYS A . n 
A 1 4  ARG 4  6  6  ARG ARG A . n 
A 1 5  LEU 5  7  7  LEU LEU A . n 
A 1 6  ALA 6  8  8  ALA ALA A . n 
A 1 7  TYR 7  9  9  TYR TYR A . n 
A 1 8  ALA 8  10 10 ALA ALA A . n 
A 1 9  ILE 9  11 11 ILE ILE A . n 
A 1 10 ILE 10 12 12 ILE ILE A . n 
A 1 11 GLN 11 13 13 GLN GLN A . n 
A 1 12 PHE 12 14 14 PHE PHE A . n 
A 1 13 LEU 13 15 15 LEU LEU A . n 
A 1 14 HIS 14 16 16 HIS HIS A . n 
A 1 15 ASP 15 17 17 ASP ASP A . n 
A 1 16 GLN 16 18 18 GLN GLN A . n 
A 1 17 LEU 17 19 19 LEU LEU A . n 
A 1 18 ARG 18 20 20 ARG ARG A . n 
A 1 19 HIS 19 21 21 HIS HIS A . n 
A 1 20 GLY 20 22 22 GLY GLY A . n 
A 1 21 GLY 21 23 23 GLY GLY A . n 
A 1 22 LEU 22 24 24 LEU LEU A . n 
A 1 23 SER 23 25 25 SER SER A . n 
A 1 24 SER 24 26 26 SER SER A . n 
A 1 25 ASP 25 27 27 ASP ASP A . n 
A 1 26 ALA 26 28 28 ALA ALA A . n 
A 1 27 GLN 27 29 29 GLN GLN A . n 
A 1 28 GLU 28 30 30 GLU GLU A . n 
A 1 29 SER 29 31 31 SER SER A . n 
A 1 30 LEU 30 32 32 LEU LEU A . n 
A 1 31 GLU 31 33 33 GLU GLU A . n 
A 1 32 VAL 32 34 34 VAL VAL A . n 
A 1 33 ALA 33 35 35 ALA ALA A . n 
A 1 34 ILE 34 36 36 ILE ILE A . n 
A 1 35 GLN 35 37 37 GLN GLN A . n 
A 1 36 CYS 36 38 38 CYS CYS A . n 
A 1 37 LEU 37 39 39 LEU LEU A . n 
A 1 38 GLU 38 40 40 GLU GLU A . n 
A 1 39 THR 39 41 41 THR THR A . n 
A 1 40 ALA 40 42 42 ALA ALA A . n 
A 1 41 PHE 41 43 43 PHE PHE A . n 
A 1 42 GLY 42 44 44 GLY GLY A . n 
A 1 43 VAL 43 45 45 VAL VAL A . n 
A 1 44 THR 44 46 46 THR THR A . n 
A 1 45 VAL 45 47 47 VAL VAL A . n 
A 1 46 GLU 46 48 48 GLU GLU A . n 
A 1 47 ASP 47 49 49 ASP ASP A . n 
A 1 48 SER 48 50 50 SER SER A . n 
A 1 49 ASP 49 51 51 ASP ASP A . n 
A 1 50 LEU 50 52 52 LEU LEU A . n 
A 1 51 ALA 51 53 53 ALA ALA A . n 
A 1 52 LEU 52 54 54 LEU LEU A . n 
B 1 1  MET 1  3  3  MET MET B . n 
B 1 2  LYS 2  4  4  LYS LYS B . n 
B 1 3  LYS 3  5  5  LYS LYS B . n 
B 1 4  ARG 4  6  6  ARG ARG B . n 
B 1 5  LEU 5  7  7  LEU LEU B . n 
B 1 6  ALA 6  8  8  ALA ALA B . n 
B 1 7  TYR 7  9  9  TYR TYR B . n 
B 1 8  ALA 8  10 10 ALA ALA B . n 
B 1 9  ILE 9  11 11 ILE ILE B . n 
B 1 10 ILE 10 12 12 ILE ILE B . n 
B 1 11 GLN 11 13 13 GLN GLN B . n 
B 1 12 PHE 12 14 14 PHE PHE B . n 
B 1 13 LEU 13 15 15 LEU LEU B . n 
B 1 14 HIS 14 16 16 HIS HIS B . n 
B 1 15 ASP 15 17 17 ASP ASP B . n 
B 1 16 GLN 16 18 18 GLN GLN B . n 
B 1 17 LEU 17 19 19 LEU LEU B . n 
B 1 18 ARG 18 20 20 ARG ARG B . n 
B 1 19 HIS 19 21 21 HIS HIS B . n 
B 1 20 GLY 20 22 22 GLY GLY B . n 
B 1 21 GLY 21 23 23 GLY GLY B . n 
B 1 22 LEU 22 24 24 LEU LEU B . n 
B 1 23 SER 23 25 25 SER SER B . n 
B 1 24 SER 24 26 26 SER SER B . n 
B 1 25 ASP 25 27 27 ASP ASP B . n 
B 1 26 ALA 26 28 28 ALA ALA B . n 
B 1 27 GLN 27 29 29 GLN GLN B . n 
B 1 28 GLU 28 30 30 GLU GLU B . n 
B 1 29 SER 29 31 31 SER SER B . n 
B 1 30 LEU 30 32 32 LEU LEU B . n 
B 1 31 GLU 31 33 33 GLU GLU B . n 
B 1 32 VAL 32 34 34 VAL VAL B . n 
B 1 33 ALA 33 35 35 ALA ALA B . n 
B 1 34 ILE 34 36 36 ILE ILE B . n 
B 1 35 GLN 35 37 37 GLN GLN B . n 
B 1 36 CYS 36 38 38 CYS CYS B . n 
B 1 37 LEU 37 39 39 LEU LEU B . n 
B 1 38 GLU 38 40 40 GLU GLU B . n 
B 1 39 THR 39 41 41 THR THR B . n 
B 1 40 ALA 40 42 42 ALA ALA B . n 
B 1 41 PHE 41 43 43 PHE PHE B . n 
B 1 42 GLY 42 44 44 GLY GLY B . n 
B 1 43 VAL 43 45 45 VAL VAL B . n 
B 1 44 THR 44 46 46 THR THR B . n 
B 1 45 VAL 45 47 47 VAL VAL B . n 
B 1 46 GLU 46 48 48 GLU GLU B . n 
B 1 47 ASP 47 49 49 ASP ASP B . n 
B 1 48 SER 48 50 50 SER SER B . n 
B 1 49 ASP 49 51 51 ASP ASP B . n 
B 1 50 LEU 50 52 52 LEU LEU B . n 
B 1 51 ALA 51 53 53 ALA ALA B . n 
B 1 52 LEU 52 54 54 LEU LEU B . n 
# 
loop_
_pdbx_nonpoly_scheme.asym_id 
_pdbx_nonpoly_scheme.entity_id 
_pdbx_nonpoly_scheme.mon_id 
_pdbx_nonpoly_scheme.ndb_seq_num 
_pdbx_nonpoly_scheme.pdb_seq_num 
_pdbx_nonpoly_scheme.auth_seq_num 
_pdbx_nonpoly_scheme.pdb_mon_id 
_pdbx_nonpoly_scheme.auth_mon_id 
_pdbx_nonpoly_scheme.pdb_strand_id 
_pdbx_nonpoly_scheme.pdb_ins_code 
C 2 BME 1  101 38 BME BME A . 
D 3 CL  1  102 1  CL  CL  A . 
E 2 BME 1  101 38 BME BME B . 
F 4 HOH 1  201 1  HOH HOH A . 
F 4 HOH 2  202 2  HOH HOH A . 
F 4 HOH 3  203 3  HOH HOH A . 
F 4 HOH 4  204 4  HOH HOH A . 
F 4 HOH 5  205 5  HOH HOH A . 
F 4 HOH 6  206 6  HOH HOH A . 
F 4 HOH 7  207 7  HOH HOH A . 
F 4 HOH 8  208 9  HOH HOH A . 
F 4 HOH 9  209 11 HOH HOH A . 
F 4 HOH 10 210 13 HOH HOH A . 
F 4 HOH 11 211 14 HOH HOH A . 
F 4 HOH 12 212 15 HOH HOH A . 
F 4 HOH 13 213 18 HOH HOH A . 
F 4 HOH 14 214 21 HOH HOH A . 
F 4 HOH 15 215 23 HOH HOH A . 
F 4 HOH 16 216 24 HOH HOH A . 
F 4 HOH 17 217 25 HOH HOH A . 
F 4 HOH 18 218 26 HOH HOH A . 
F 4 HOH 19 219 28 HOH HOH A . 
F 4 HOH 20 220 29 HOH HOH A . 
F 4 HOH 21 221 30 HOH HOH A . 
F 4 HOH 22 222 31 HOH HOH A . 
F 4 HOH 23 223 32 HOH HOH A . 
F 4 HOH 24 224 33 HOH HOH A . 
F 4 HOH 25 225 34 HOH HOH A . 
F 4 HOH 26 226 35 HOH HOH A . 
F 4 HOH 27 227 36 HOH HOH A . 
F 4 HOH 28 228 37 HOH HOH A . 
F 4 HOH 29 229 41 HOH HOH A . 
F 4 HOH 30 230 42 HOH HOH A . 
F 4 HOH 31 231 45 HOH HOH A . 
F 4 HOH 32 232 47 HOH HOH A . 
F 4 HOH 33 233 51 HOH HOH A . 
F 4 HOH 34 234 52 HOH HOH A . 
F 4 HOH 35 235 55 HOH HOH A . 
F 4 HOH 36 236 57 HOH HOH A . 
F 4 HOH 37 237 60 HOH HOH A . 
F 4 HOH 38 238 61 HOH HOH A . 
F 4 HOH 39 239 64 HOH HOH A . 
F 4 HOH 40 240 65 HOH HOH A . 
F 4 HOH 41 241 66 HOH HOH A . 
F 4 HOH 42 242 67 HOH HOH A . 
F 4 HOH 43 243 71 HOH HOH A . 
F 4 HOH 44 244 73 HOH HOH A . 
F 4 HOH 45 245 74 HOH HOH A . 
F 4 HOH 46 246 75 HOH HOH A . 
F 4 HOH 47 247 78 HOH HOH A . 
F 4 HOH 48 248 79 HOH HOH A . 
F 4 HOH 49 249 81 HOH HOH A . 
G 4 HOH 1  201 8  HOH HOH B . 
G 4 HOH 2  202 10 HOH HOH B . 
G 4 HOH 3  203 12 HOH HOH B . 
G 4 HOH 4  204 16 HOH HOH B . 
G 4 HOH 5  205 17 HOH HOH B . 
G 4 HOH 6  206 19 HOH HOH B . 
G 4 HOH 7  207 20 HOH HOH B . 
G 4 HOH 8  208 22 HOH HOH B . 
G 4 HOH 9  209 27 HOH HOH B . 
G 4 HOH 10 210 38 HOH HOH B . 
G 4 HOH 11 211 39 HOH HOH B . 
G 4 HOH 12 212 40 HOH HOH B . 
G 4 HOH 13 213 43 HOH HOH B . 
G 4 HOH 14 214 44 HOH HOH B . 
G 4 HOH 15 215 46 HOH HOH B . 
G 4 HOH 16 216 48 HOH HOH B . 
G 4 HOH 17 217 49 HOH HOH B . 
G 4 HOH 18 218 50 HOH HOH B . 
G 4 HOH 19 219 53 HOH HOH B . 
G 4 HOH 20 220 54 HOH HOH B . 
G 4 HOH 21 221 56 HOH HOH B . 
G 4 HOH 22 222 58 HOH HOH B . 
G 4 HOH 23 223 59 HOH HOH B . 
G 4 HOH 24 224 62 HOH HOH B . 
G 4 HOH 25 225 63 HOH HOH B . 
G 4 HOH 26 226 68 HOH HOH B . 
G 4 HOH 27 227 69 HOH HOH B . 
G 4 HOH 28 228 70 HOH HOH B . 
G 4 HOH 29 229 72 HOH HOH B . 
G 4 HOH 30 230 76 HOH HOH B . 
G 4 HOH 31 231 77 HOH HOH B . 
G 4 HOH 32 232 80 HOH HOH B . 
# 
loop_
_software.name 
_software.classification 
_software.version 
_software.citation_id 
_software.pdbx_ordinal 
Blu-Ice 'data collection' .                           ? 1 
PHASER  phasing           .                           ? 2 
PHENIX  refinement        '(phenix.refine: 1.8_1069)' ? 3 
XDS     'data reduction'  .                           ? 4 
XDS     'data scaling'    .                           ? 5 
# 
_cell.entry_id           4GOF 
_cell.length_a           29.607 
_cell.length_b           43.608 
_cell.length_c           63.468 
_cell.angle_alpha        90.00 
_cell.angle_beta         90.00 
_cell.angle_gamma        90.00 
_cell.Z_PDB              8 
_cell.pdbx_unique_axis   ? 
_cell.length_a_esd       ? 
_cell.length_b_esd       ? 
_cell.length_c_esd       ? 
_cell.angle_alpha_esd    ? 
_cell.angle_beta_esd     ? 
_cell.angle_gamma_esd    ? 
# 
_symmetry.entry_id                         4GOF 
_symmetry.space_group_name_H-M             'P 2 21 21' 
_symmetry.pdbx_full_space_group_name_H-M   ? 
_symmetry.cell_setting                     ? 
_symmetry.Int_Tables_number                18 
_symmetry.space_group_name_Hall            ? 
# 
_exptl.entry_id          4GOF 
_exptl.method            'X-RAY DIFFRACTION' 
_exptl.crystals_number   1 
# 
_exptl_crystal.id                    1 
_exptl_crystal.density_meas          ? 
_exptl_crystal.density_Matthews      1.78 
_exptl_crystal.density_percent_sol   31.09 
_exptl_crystal.description           ? 
_exptl_crystal.F_000                 ? 
_exptl_crystal.preparation           ? 
# 
_exptl_crystal_grow.crystal_id      1 
_exptl_crystal_grow.method          'VAPOR DIFFUSION, SITTING DROP' 
_exptl_crystal_grow.temp            277 
_exptl_crystal_grow.temp_details    ? 
_exptl_crystal_grow.pH              5.0 
_exptl_crystal_grow.pdbx_details    
'10% 2-propanol, 0.1 M sodium citrate, 26% PEG 400, 10 mM 2-mercaptoethanol, pH 5.0, VAPOR DIFFUSION, SITTING DROP, temperature 277K' 
_exptl_crystal_grow.pdbx_pH_range   ? 
# 
_diffrn.id                     1 
_diffrn.ambient_temp           100 
_diffrn.ambient_temp_details   ? 
_diffrn.crystal_id             1 
# 
_diffrn_detector.diffrn_id              1 
_diffrn_detector.detector               PIXEL 
_diffrn_detector.type                   'PSI PILATUS 6M' 
_diffrn_detector.pdbx_collection_date   2012-02-09 
_diffrn_detector.details                ? 
# 
_diffrn_radiation.diffrn_id                        1 
_diffrn_radiation.wavelength_id                    1 
_diffrn_radiation.pdbx_monochromatic_or_laue_m_l   M 
_diffrn_radiation.monochromator                    'Liquid nitrogen-cooled double crystal' 
_diffrn_radiation.pdbx_diffrn_protocol             'SINGLE WAVELENGTH' 
_diffrn_radiation.pdbx_scattering_type             x-ray 
# 
_diffrn_radiation_wavelength.id           1 
_diffrn_radiation_wavelength.wavelength   1.0000 
_diffrn_radiation_wavelength.wt           1.0 
# 
_diffrn_source.diffrn_id                   1 
_diffrn_source.source                      SYNCHROTRON 
_diffrn_source.type                        'SSRL BEAMLINE BL12-2' 
_diffrn_source.pdbx_synchrotron_site       SSRL 
_diffrn_source.pdbx_synchrotron_beamline   BL12-2 
_diffrn_source.pdbx_wavelength             ? 
_diffrn_source.pdbx_wavelength_list        1.0000 
# 
_reflns.entry_id                     4GOF 
_reflns.observed_criterion_sigma_I   ? 
_reflns.observed_criterion_sigma_F   ? 
_reflns.d_resolution_low             19.39 
_reflns.d_resolution_high            1.35 
_reflns.number_obs                   18421 
_reflns.number_all                   ? 
_reflns.percent_possible_obs         98.9 
_reflns.pdbx_Rmerge_I_obs            0.058 
_reflns.pdbx_Rsym_value              ? 
_reflns.pdbx_netI_over_sigmaI        10.1 
_reflns.B_iso_Wilson_estimate        ? 
_reflns.pdbx_redundancy              3.9 
_reflns.R_free_details               ? 
_reflns.limit_h_max                  ? 
_reflns.limit_h_min                  ? 
_reflns.limit_k_max                  ? 
_reflns.limit_k_min                  ? 
_reflns.limit_l_max                  ? 
_reflns.limit_l_min                  ? 
_reflns.observed_criterion_F_max     ? 
_reflns.observed_criterion_F_min     ? 
_reflns.pdbx_chi_squared             ? 
_reflns.pdbx_scaling_rejects         ? 
_reflns.pdbx_ordinal                 1 
_reflns.pdbx_diffrn_id               1 
# 
_reflns_shell.d_res_high             1.35 
_reflns_shell.d_res_low              1.37 
_reflns_shell.percent_possible_all   99.6 
_reflns_shell.Rmerge_I_obs           0.692 
_reflns_shell.pdbx_Rsym_value        ? 
_reflns_shell.meanI_over_sigI_obs    1.7 
_reflns_shell.pdbx_redundancy        3.6 
_reflns_shell.percent_possible_obs   ? 
_reflns_shell.number_unique_all      876 
_reflns_shell.number_measured_all    ? 
_reflns_shell.number_measured_obs    ? 
_reflns_shell.number_unique_obs      ? 
_reflns_shell.pdbx_chi_squared       ? 
_reflns_shell.pdbx_ordinal           1 
_reflns_shell.pdbx_diffrn_id         1 
# 
_refine.entry_id                                 4GOF 
_refine.ls_number_reflns_obs                     18388 
_refine.ls_number_reflns_all                     ? 
_refine.pdbx_ls_sigma_I                          ? 
_refine.pdbx_ls_sigma_F                          1.77 
_refine.pdbx_data_cutoff_high_absF               ? 
_refine.pdbx_data_cutoff_low_absF                ? 
_refine.pdbx_data_cutoff_high_rms_absF           ? 
_refine.ls_d_res_low                             19.390 
_refine.ls_d_res_high                            1.350 
_refine.ls_percent_reflns_obs                    98.48 
_refine.ls_R_factor_obs                          0.1817 
_refine.ls_R_factor_all                          ? 
_refine.ls_R_factor_R_work                       0.1806 
_refine.ls_R_factor_R_free                       0.1984 
_refine.ls_R_factor_R_free_error                 ? 
_refine.ls_R_factor_R_free_error_details         ? 
_refine.ls_percent_reflns_R_free                 5.93 
_refine.ls_number_reflns_R_free                  1090 
_refine.ls_number_parameters                     ? 
_refine.ls_number_restraints                     ? 
_refine.occupancy_min                            ? 
_refine.occupancy_max                            ? 
_refine.correlation_coeff_Fo_to_Fc               ? 
_refine.correlation_coeff_Fo_to_Fc_free          ? 
_refine.B_iso_mean                               ? 
_refine.aniso_B[1][1]                            ? 
_refine.aniso_B[2][2]                            ? 
_refine.aniso_B[3][3]                            ? 
_refine.aniso_B[1][2]                            ? 
_refine.aniso_B[1][3]                            ? 
_refine.aniso_B[2][3]                            ? 
_refine.solvent_model_details                    'FLAT BULK SOLVENT MODEL' 
_refine.solvent_model_param_ksol                 ? 
_refine.solvent_model_param_bsol                 ? 
_refine.pdbx_solvent_vdw_probe_radii             1.11 
_refine.pdbx_solvent_ion_probe_radii             ? 
_refine.pdbx_solvent_shrinkage_radii             0.90 
_refine.pdbx_ls_cross_valid_method               ? 
_refine.details                                  ? 
_refine.pdbx_starting_model                      ? 
_refine.pdbx_method_to_determine_struct          'MOLECULAR REPLACEMENT' 
_refine.pdbx_isotropic_thermal_model             ? 
_refine.pdbx_stereochemistry_target_values       ML 
_refine.pdbx_stereochem_target_val_spec_case     ? 
_refine.pdbx_R_Free_selection_details            RANDOM 
_refine.pdbx_overall_ESU_R                       ? 
_refine.pdbx_overall_ESU_R_Free                  ? 
_refine.overall_SU_ML                            0.13 
_refine.pdbx_overall_phase_error                 18.80 
_refine.overall_SU_B                             ? 
_refine.overall_SU_R_Cruickshank_DPI             ? 
_refine.ls_redundancy_reflns_obs                 ? 
_refine.B_iso_min                                ? 
_refine.B_iso_max                                ? 
_refine.overall_SU_R_free                        ? 
_refine.ls_wR_factor_R_free                      ? 
_refine.ls_wR_factor_R_work                      ? 
_refine.overall_FOM_free_R_set                   ? 
_refine.overall_FOM_work_R_set                   ? 
_refine.pdbx_diffrn_id                           1 
_refine.pdbx_refine_id                           'X-RAY DIFFRACTION' 
_refine.pdbx_TLS_residual_ADP_flag               ? 
_refine.pdbx_overall_SU_R_free_Cruickshank_DPI   ? 
_refine.pdbx_overall_SU_R_Blow_DPI               ? 
_refine.pdbx_overall_SU_R_free_Blow_DPI          ? 
# 
_refine_hist.pdbx_refine_id                   'X-RAY DIFFRACTION' 
_refine_hist.cycle_id                         LAST 
_refine_hist.pdbx_number_atoms_protein        803 
_refine_hist.pdbx_number_atoms_nucleic_acid   0 
_refine_hist.pdbx_number_atoms_ligand         9 
_refine_hist.number_atoms_solvent             81 
_refine_hist.number_atoms_total               893 
_refine_hist.d_res_high                       1.350 
_refine_hist.d_res_low                        19.390 
# 
loop_
_refine_ls_restr.type 
_refine_ls_restr.dev_ideal 
_refine_ls_restr.dev_ideal_target 
_refine_ls_restr.weight 
_refine_ls_restr.number 
_refine_ls_restr.pdbx_restraint_function 
_refine_ls_restr.pdbx_refine_id 
f_bond_d           0.006  ? ? 819  ? 'X-RAY DIFFRACTION' 
f_angle_d          1.039  ? ? 1100 ? 'X-RAY DIFFRACTION' 
f_dihedral_angle_d 18.699 ? ? 309  ? 'X-RAY DIFFRACTION' 
f_chiral_restr     0.066  ? ? 128  ? 'X-RAY DIFFRACTION' 
f_plane_restr      0.003  ? ? 141  ? 'X-RAY DIFFRACTION' 
# 
loop_
_refine_ls_shell.pdbx_total_number_of_bins_used 
_refine_ls_shell.d_res_high 
_refine_ls_shell.d_res_low 
_refine_ls_shell.number_reflns_R_work 
_refine_ls_shell.R_factor_R_work 
_refine_ls_shell.percent_reflns_obs 
_refine_ls_shell.R_factor_R_free 
_refine_ls_shell.R_factor_R_free_error 
_refine_ls_shell.percent_reflns_R_free 
_refine_ls_shell.number_reflns_R_free 
_refine_ls_shell.number_reflns_all 
_refine_ls_shell.R_factor_all 
_refine_ls_shell.number_reflns_obs 
_refine_ls_shell.redundancy_reflns_obs 
_refine_ls_shell.pdbx_refine_id 
. 1.3500 1.4114  2144 0.2655 99.00 0.2785 . . 123 . . . . 'X-RAY DIFFRACTION' 
. 1.4114 1.4858  2119 0.2145 99.00 0.2469 . . 140 . . . . 'X-RAY DIFFRACTION' 
. 1.4858 1.5789  2134 0.1927 99.00 0.2394 . . 145 . . . . 'X-RAY DIFFRACTION' 
. 1.5789 1.7007  2137 0.1806 99.00 0.1935 . . 156 . . . . 'X-RAY DIFFRACTION' 
. 1.7007 1.8717  2166 0.1793 99.00 0.1847 . . 130 . . . . 'X-RAY DIFFRACTION' 
. 1.8717 2.1423  2175 0.1579 99.00 0.1952 . . 133 . . . . 'X-RAY DIFFRACTION' 
. 2.1423 2.6979  2194 0.1718 98.00 0.2047 . . 141 . . . . 'X-RAY DIFFRACTION' 
. 2.6979 19.3924 2229 0.1801 95.00 0.1791 . . 122 . . . . 'X-RAY DIFFRACTION' 
# 
_struct.entry_id                  4GOF 
_struct.title                     'Crystal structure of the SGTA homodimerization domain with covalent modifications to both C38' 
_struct.pdbx_model_details        ? 
_struct.pdbx_CASP_flag            ? 
_struct.pdbx_model_type_details   ? 
# 
_struct_keywords.entry_id        4GOF 
_struct_keywords.pdbx_keywords   'PROTEIN BINDING' 
_struct_keywords.text            'Four-helix bundle, Protein-protein interaction, Ubl4A ubiquitin-like domain, PROTEIN BINDING' 
# 
loop_
_struct_asym.id 
_struct_asym.pdbx_blank_PDB_chainid_flag 
_struct_asym.pdbx_modified 
_struct_asym.entity_id 
_struct_asym.details 
A N N 1 ? 
B N N 1 ? 
C N N 2 ? 
D N N 3 ? 
E N N 2 ? 
F N N 4 ? 
G N N 4 ? 
# 
_struct_ref.id                         1 
_struct_ref.db_name                    UNP 
_struct_ref.db_code                    SGTA_HUMAN 
_struct_ref.pdbx_db_accession          O43765 
_struct_ref.entity_id                  1 
_struct_ref.pdbx_seq_one_letter_code   KKRLAYAIIQFLHDQLRHGGLSSDAQESLEVAIQCLETAFGVTVEDSDLAL 
_struct_ref.pdbx_align_begin           4 
_struct_ref.pdbx_db_isoform            ? 
# 
loop_
_struct_ref_seq.align_id 
_struct_ref_seq.ref_id 
_struct_ref_seq.pdbx_PDB_id_code 
_struct_ref_seq.pdbx_strand_id 
_struct_ref_seq.seq_align_beg 
_struct_ref_seq.pdbx_seq_align_beg_ins_code 
_struct_ref_seq.seq_align_end 
_struct_ref_seq.pdbx_seq_align_end_ins_code 
_struct_ref_seq.pdbx_db_accession 
_struct_ref_seq.db_align_beg 
_struct_ref_seq.pdbx_db_align_beg_ins_code 
_struct_ref_seq.db_align_end 
_struct_ref_seq.pdbx_db_align_end_ins_code 
_struct_ref_seq.pdbx_auth_seq_align_beg 
_struct_ref_seq.pdbx_auth_seq_align_end 
1 1 4GOF A 2 ? 52 ? O43765 4 ? 54 ? 4 54 
2 1 4GOF B 2 ? 52 ? O43765 4 ? 54 ? 4 54 
# 
loop_
_struct_ref_seq_dif.align_id 
_struct_ref_seq_dif.pdbx_pdb_id_code 
_struct_ref_seq_dif.mon_id 
_struct_ref_seq_dif.pdbx_pdb_strand_id 
_struct_ref_seq_dif.seq_num 
_struct_ref_seq_dif.pdbx_pdb_ins_code 
_struct_ref_seq_dif.pdbx_seq_db_name 
_struct_ref_seq_dif.pdbx_seq_db_accession_code 
_struct_ref_seq_dif.db_mon_id 
_struct_ref_seq_dif.pdbx_seq_db_seq_num 
_struct_ref_seq_dif.details 
_struct_ref_seq_dif.pdbx_auth_seq_num 
_struct_ref_seq_dif.pdbx_ordinal 
1 4GOF MET A 1 ? UNP O43765 ? ? 'expression tag' 3 1 
2 4GOF MET B 1 ? UNP O43765 ? ? 'expression tag' 3 2 
# 
_pdbx_struct_assembly.id                   1 
_pdbx_struct_assembly.details              author_and_software_defined_assembly 
_pdbx_struct_assembly.method_details       PISA 
_pdbx_struct_assembly.oligomeric_details   dimeric 
_pdbx_struct_assembly.oligomeric_count     2 
# 
loop_
_pdbx_struct_assembly_prop.biol_id 
_pdbx_struct_assembly_prop.type 
_pdbx_struct_assembly_prop.value 
_pdbx_struct_assembly_prop.details 
1 'ABSA (A^2)' 1520 ? 
1 MORE         -19  ? 
1 'SSA (A^2)'  6190 ? 
# 
_pdbx_struct_assembly_gen.assembly_id       1 
_pdbx_struct_assembly_gen.oper_expression   1 
_pdbx_struct_assembly_gen.asym_id_list      A,B,C,D,E,F,G 
# 
_pdbx_struct_oper_list.id                   1 
_pdbx_struct_oper_list.type                 'identity operation' 
_pdbx_struct_oper_list.name                 1_555 
_pdbx_struct_oper_list.symmetry_operation   x,y,z 
_pdbx_struct_oper_list.matrix[1][1]         1.0000000000 
_pdbx_struct_oper_list.matrix[1][2]         0.0000000000 
_pdbx_struct_oper_list.matrix[1][3]         0.0000000000 
_pdbx_struct_oper_list.vector[1]            0.0000000000 
_pdbx_struct_oper_list.matrix[2][1]         0.0000000000 
_pdbx_struct_oper_list.matrix[2][2]         1.0000000000 
_pdbx_struct_oper_list.matrix[2][3]         0.0000000000 
_pdbx_struct_oper_list.vector[2]            0.0000000000 
_pdbx_struct_oper_list.matrix[3][1]         0.0000000000 
_pdbx_struct_oper_list.matrix[3][2]         0.0000000000 
_pdbx_struct_oper_list.matrix[3][3]         1.0000000000 
_pdbx_struct_oper_list.vector[3]            0.0000000000 
# 
_struct_biol.id        1 
_struct_biol.details   ? 
# 
loop_
_struct_conf.conf_type_id 
_struct_conf.id 
_struct_conf.pdbx_PDB_helix_id 
_struct_conf.beg_label_comp_id 
_struct_conf.beg_label_asym_id 
_struct_conf.beg_label_seq_id 
_struct_conf.pdbx_beg_PDB_ins_code 
_struct_conf.end_label_comp_id 
_struct_conf.end_label_asym_id 
_struct_conf.end_label_seq_id 
_struct_conf.pdbx_end_PDB_ins_code 
_struct_conf.beg_auth_comp_id 
_struct_conf.beg_auth_asym_id 
_struct_conf.beg_auth_seq_id 
_struct_conf.end_auth_comp_id 
_struct_conf.end_auth_asym_id 
_struct_conf.end_auth_seq_id 
_struct_conf.pdbx_PDB_helix_class 
_struct_conf.details 
_struct_conf.pdbx_PDB_helix_length 
HELX_P HELX_P1 1 LYS A 2  ? GLY A 20 ? LYS A 4  GLY A 22 1 ? 19 
HELX_P HELX_P2 2 SER A 23 ? GLY A 42 ? SER A 25 GLY A 44 1 ? 20 
HELX_P HELX_P3 3 LYS B 2  ? GLY B 20 ? LYS B 4  GLY B 22 1 ? 19 
HELX_P HELX_P4 4 SER B 23 ? GLY B 42 ? SER B 25 GLY B 44 1 ? 20 
# 
_struct_conf_type.id          HELX_P 
_struct_conf_type.criteria    ? 
_struct_conf_type.reference   ? 
# 
loop_
_struct_conn.id 
_struct_conn.conn_type_id 
_struct_conn.pdbx_leaving_atom_flag 
_struct_conn.pdbx_PDB_id 
_struct_conn.ptnr1_label_asym_id 
_struct_conn.ptnr1_label_comp_id 
_struct_conn.ptnr1_label_seq_id 
_struct_conn.ptnr1_label_atom_id 
_struct_conn.pdbx_ptnr1_label_alt_id 
_struct_conn.pdbx_ptnr1_PDB_ins_code 
_struct_conn.pdbx_ptnr1_standard_comp_id 
_struct_conn.ptnr1_symmetry 
_struct_conn.ptnr2_label_asym_id 
_struct_conn.ptnr2_label_comp_id 
_struct_conn.ptnr2_label_seq_id 
_struct_conn.ptnr2_label_atom_id 
_struct_conn.pdbx_ptnr2_label_alt_id 
_struct_conn.pdbx_ptnr2_PDB_ins_code 
_struct_conn.ptnr1_auth_asym_id 
_struct_conn.ptnr1_auth_comp_id 
_struct_conn.ptnr1_auth_seq_id 
_struct_conn.ptnr2_auth_asym_id 
_struct_conn.ptnr2_auth_comp_id 
_struct_conn.ptnr2_auth_seq_id 
_struct_conn.ptnr2_symmetry 
_struct_conn.pdbx_ptnr3_label_atom_id 
_struct_conn.pdbx_ptnr3_label_seq_id 
_struct_conn.pdbx_ptnr3_label_comp_id 
_struct_conn.pdbx_ptnr3_label_asym_id 
_struct_conn.pdbx_ptnr3_label_alt_id 
_struct_conn.pdbx_ptnr3_PDB_ins_code 
_struct_conn.details 
_struct_conn.pdbx_dist_value 
_struct_conn.pdbx_value_order 
_struct_conn.pdbx_role 
covale1 covale none ? A CYS 36 SG ? ? ? 1_555 C BME . S2 ? ? A CYS 38 A BME 101 1_555 ? ? ? ? ? ? ? 2.010 ? ? 
covale2 covale none ? B CYS 36 SG ? ? ? 1_555 E BME . S2 ? ? B CYS 38 B BME 101 1_555 ? ? ? ? ? ? ? 2.024 ? ? 
# 
_struct_conn_type.id          covale 
_struct_conn_type.criteria    ? 
_struct_conn_type.reference   ? 
# 
_struct_mon_prot_cis.pdbx_id                1 
_struct_mon_prot_cis.label_comp_id          SER 
_struct_mon_prot_cis.label_seq_id           48 
_struct_mon_prot_cis.label_asym_id          B 
_struct_mon_prot_cis.label_alt_id           . 
_struct_mon_prot_cis.pdbx_PDB_ins_code      ? 
_struct_mon_prot_cis.auth_comp_id           SER 
_struct_mon_prot_cis.auth_seq_id            50 
_struct_mon_prot_cis.auth_asym_id           B 
_struct_mon_prot_cis.pdbx_label_comp_id_2   ASP 
_struct_mon_prot_cis.pdbx_label_seq_id_2    49 
_struct_mon_prot_cis.pdbx_label_asym_id_2   B 
_struct_mon_prot_cis.pdbx_PDB_ins_code_2    ? 
_struct_mon_prot_cis.pdbx_auth_comp_id_2    ASP 
_struct_mon_prot_cis.pdbx_auth_seq_id_2     51 
_struct_mon_prot_cis.pdbx_auth_asym_id_2    B 
_struct_mon_prot_cis.pdbx_PDB_model_num     1 
_struct_mon_prot_cis.pdbx_omega_angle       0.40 
# 
loop_
_struct_site.id 
_struct_site.pdbx_evidence_code 
_struct_site.pdbx_auth_asym_id 
_struct_site.pdbx_auth_comp_id 
_struct_site.pdbx_auth_seq_id 
_struct_site.pdbx_auth_ins_code 
_struct_site.pdbx_num_residues 
_struct_site.details 
AC1 Software A BME 101 ? 5 'BINDING SITE FOR RESIDUE BME A 101' 
AC2 Software A CL  102 ? 4 'BINDING SITE FOR RESIDUE CL A 102'  
AC3 Software B BME 101 ? 3 'BINDING SITE FOR RESIDUE BME B 101' 
# 
loop_
_struct_site_gen.id 
_struct_site_gen.site_id 
_struct_site_gen.pdbx_num_res 
_struct_site_gen.label_comp_id 
_struct_site_gen.label_asym_id 
_struct_site_gen.label_seq_id 
_struct_site_gen.pdbx_auth_ins_code 
_struct_site_gen.auth_comp_id 
_struct_site_gen.auth_asym_id 
_struct_site_gen.auth_seq_id 
_struct_site_gen.label_atom_id 
_struct_site_gen.label_alt_id 
_struct_site_gen.symmetry 
_struct_site_gen.details 
1  AC1 5 GLN A 35 ? GLN A 37 . ? 1_555 ? 
2  AC1 5 CYS A 36 ? CYS A 38 . ? 1_555 ? 
3  AC1 5 ALA A 51 ? ALA A 53 . ? 1_555 ? 
4  AC1 5 LEU A 52 ? LEU A 54 . ? 1_555 ? 
5  AC1 5 TYR B 7  ? TYR B 9  . ? 3_455 ? 
6  AC2 4 HIS A 14 ? HIS A 16 . ? 1_555 ? 
7  AC2 4 HIS A 14 ? HIS A 16 . ? 2_555 ? 
8  AC2 4 ARG A 18 ? ARG A 20 . ? 2_555 ? 
9  AC2 4 ARG A 18 ? ARG A 20 . ? 1_555 ? 
10 AC3 3 SER A 29 ? SER A 31 . ? 1_555 ? 
11 AC3 3 CYS B 36 ? CYS B 38 . ? 1_555 ? 
12 AC3 3 THR B 39 ? THR B 41 . ? 1_555 ? 
# 
_pdbx_entry_details.entry_id                   4GOF 
_pdbx_entry_details.compound_details           ? 
_pdbx_entry_details.source_details             ? 
_pdbx_entry_details.nonpolymer_details         ? 
_pdbx_entry_details.sequence_details           ? 
_pdbx_entry_details.has_ligand_of_interest     ? 
_pdbx_entry_details.has_protein_modification   N 
# 
loop_
_pdbx_validate_close_contact.id 
_pdbx_validate_close_contact.PDB_model_num 
_pdbx_validate_close_contact.auth_atom_id_1 
_pdbx_validate_close_contact.auth_asym_id_1 
_pdbx_validate_close_contact.auth_comp_id_1 
_pdbx_validate_close_contact.auth_seq_id_1 
_pdbx_validate_close_contact.PDB_ins_code_1 
_pdbx_validate_close_contact.label_alt_id_1 
_pdbx_validate_close_contact.auth_atom_id_2 
_pdbx_validate_close_contact.auth_asym_id_2 
_pdbx_validate_close_contact.auth_comp_id_2 
_pdbx_validate_close_contact.auth_seq_id_2 
_pdbx_validate_close_contact.PDB_ins_code_2 
_pdbx_validate_close_contact.label_alt_id_2 
_pdbx_validate_close_contact.dist 
1 1 OE1 A GLU 33 ? ? O A HOH 226 ? ? 2.09 
2 1 ND1 B HIS 16 ? ? O B HOH 221 ? ? 2.10 
3 1 OG  B SER 26 ? ? O B HOH 225 ? ? 2.13 
4 1 O   B MET 3  ? ? O B HOH 230 ? ? 2.17 
# 
loop_
_pdbx_validate_torsion.id 
_pdbx_validate_torsion.PDB_model_num 
_pdbx_validate_torsion.auth_comp_id 
_pdbx_validate_torsion.auth_asym_id 
_pdbx_validate_torsion.auth_seq_id 
_pdbx_validate_torsion.PDB_ins_code 
_pdbx_validate_torsion.label_alt_id 
_pdbx_validate_torsion.phi 
_pdbx_validate_torsion.psi 
1 1 HIS A 21 ? ? -142.10 -1.13  
2 1 VAL A 47 ? ? -126.47 -58.34 
3 1 ASP B 49 ? ? -163.13 107.20 
4 1 ASP B 51 ? ? -118.87 76.65  
# 
loop_
_pdbx_struct_special_symmetry.id 
_pdbx_struct_special_symmetry.PDB_model_num 
_pdbx_struct_special_symmetry.auth_asym_id 
_pdbx_struct_special_symmetry.auth_comp_id 
_pdbx_struct_special_symmetry.auth_seq_id 
_pdbx_struct_special_symmetry.PDB_ins_code 
_pdbx_struct_special_symmetry.label_asym_id 
_pdbx_struct_special_symmetry.label_comp_id 
_pdbx_struct_special_symmetry.label_seq_id 
1 1 A CL  102 ? D CL  . 
2 1 A HOH 201 ? F HOH . 
3 1 A HOH 221 ? F HOH . 
4 1 B HOH 210 ? G HOH . 
# 
loop_
_chem_comp_atom.comp_id 
_chem_comp_atom.atom_id 
_chem_comp_atom.type_symbol 
_chem_comp_atom.pdbx_aromatic_flag 
_chem_comp_atom.pdbx_stereo_config 
_chem_comp_atom.pdbx_ordinal 
ALA N    N  N N 1   
ALA CA   C  N S 2   
ALA C    C  N N 3   
ALA O    O  N N 4   
ALA CB   C  N N 5   
ALA OXT  O  N N 6   
ALA H    H  N N 7   
ALA H2   H  N N 8   
ALA HA   H  N N 9   
ALA HB1  H  N N 10  
ALA HB2  H  N N 11  
ALA HB3  H  N N 12  
ALA HXT  H  N N 13  
ARG N    N  N N 14  
ARG CA   C  N S 15  
ARG C    C  N N 16  
ARG O    O  N N 17  
ARG CB   C  N N 18  
ARG CG   C  N N 19  
ARG CD   C  N N 20  
ARG NE   N  N N 21  
ARG CZ   C  N N 22  
ARG NH1  N  N N 23  
ARG NH2  N  N N 24  
ARG OXT  O  N N 25  
ARG H    H  N N 26  
ARG H2   H  N N 27  
ARG HA   H  N N 28  
ARG HB2  H  N N 29  
ARG HB3  H  N N 30  
ARG HG2  H  N N 31  
ARG HG3  H  N N 32  
ARG HD2  H  N N 33  
ARG HD3  H  N N 34  
ARG HE   H  N N 35  
ARG HH11 H  N N 36  
ARG HH12 H  N N 37  
ARG HH21 H  N N 38  
ARG HH22 H  N N 39  
ARG HXT  H  N N 40  
ASP N    N  N N 41  
ASP CA   C  N S 42  
ASP C    C  N N 43  
ASP O    O  N N 44  
ASP CB   C  N N 45  
ASP CG   C  N N 46  
ASP OD1  O  N N 47  
ASP OD2  O  N N 48  
ASP OXT  O  N N 49  
ASP H    H  N N 50  
ASP H2   H  N N 51  
ASP HA   H  N N 52  
ASP HB2  H  N N 53  
ASP HB3  H  N N 54  
ASP HD2  H  N N 55  
ASP HXT  H  N N 56  
BME C1   C  N N 57  
BME C2   C  N N 58  
BME O1   O  N N 59  
BME S2   S  N N 60  
BME H11  H  N N 61  
BME H12  H  N N 62  
BME H21  H  N N 63  
BME H22  H  N N 64  
BME HO1  H  N N 65  
BME HS2  H  N N 66  
CL  CL   CL N N 67  
CYS N    N  N N 68  
CYS CA   C  N R 69  
CYS C    C  N N 70  
CYS O    O  N N 71  
CYS CB   C  N N 72  
CYS SG   S  N N 73  
CYS OXT  O  N N 74  
CYS H    H  N N 75  
CYS H2   H  N N 76  
CYS HA   H  N N 77  
CYS HB2  H  N N 78  
CYS HB3  H  N N 79  
CYS HG   H  N N 80  
CYS HXT  H  N N 81  
GLN N    N  N N 82  
GLN CA   C  N S 83  
GLN C    C  N N 84  
GLN O    O  N N 85  
GLN CB   C  N N 86  
GLN CG   C  N N 87  
GLN CD   C  N N 88  
GLN OE1  O  N N 89  
GLN NE2  N  N N 90  
GLN OXT  O  N N 91  
GLN H    H  N N 92  
GLN H2   H  N N 93  
GLN HA   H  N N 94  
GLN HB2  H  N N 95  
GLN HB3  H  N N 96  
GLN HG2  H  N N 97  
GLN HG3  H  N N 98  
GLN HE21 H  N N 99  
GLN HE22 H  N N 100 
GLN HXT  H  N N 101 
GLU N    N  N N 102 
GLU CA   C  N S 103 
GLU C    C  N N 104 
GLU O    O  N N 105 
GLU CB   C  N N 106 
GLU CG   C  N N 107 
GLU CD   C  N N 108 
GLU OE1  O  N N 109 
GLU OE2  O  N N 110 
GLU OXT  O  N N 111 
GLU H    H  N N 112 
GLU H2   H  N N 113 
GLU HA   H  N N 114 
GLU HB2  H  N N 115 
GLU HB3  H  N N 116 
GLU HG2  H  N N 117 
GLU HG3  H  N N 118 
GLU HE2  H  N N 119 
GLU HXT  H  N N 120 
GLY N    N  N N 121 
GLY CA   C  N N 122 
GLY C    C  N N 123 
GLY O    O  N N 124 
GLY OXT  O  N N 125 
GLY H    H  N N 126 
GLY H2   H  N N 127 
GLY HA2  H  N N 128 
GLY HA3  H  N N 129 
GLY HXT  H  N N 130 
HIS N    N  N N 131 
HIS CA   C  N S 132 
HIS C    C  N N 133 
HIS O    O  N N 134 
HIS CB   C  N N 135 
HIS CG   C  Y N 136 
HIS ND1  N  Y N 137 
HIS CD2  C  Y N 138 
HIS CE1  C  Y N 139 
HIS NE2  N  Y N 140 
HIS OXT  O  N N 141 
HIS H    H  N N 142 
HIS H2   H  N N 143 
HIS HA   H  N N 144 
HIS HB2  H  N N 145 
HIS HB3  H  N N 146 
HIS HD1  H  N N 147 
HIS HD2  H  N N 148 
HIS HE1  H  N N 149 
HIS HE2  H  N N 150 
HIS HXT  H  N N 151 
HOH O    O  N N 152 
HOH H1   H  N N 153 
HOH H2   H  N N 154 
ILE N    N  N N 155 
ILE CA   C  N S 156 
ILE C    C  N N 157 
ILE O    O  N N 158 
ILE CB   C  N S 159 
ILE CG1  C  N N 160 
ILE CG2  C  N N 161 
ILE CD1  C  N N 162 
ILE OXT  O  N N 163 
ILE H    H  N N 164 
ILE H2   H  N N 165 
ILE HA   H  N N 166 
ILE HB   H  N N 167 
ILE HG12 H  N N 168 
ILE HG13 H  N N 169 
ILE HG21 H  N N 170 
ILE HG22 H  N N 171 
ILE HG23 H  N N 172 
ILE HD11 H  N N 173 
ILE HD12 H  N N 174 
ILE HD13 H  N N 175 
ILE HXT  H  N N 176 
LEU N    N  N N 177 
LEU CA   C  N S 178 
LEU C    C  N N 179 
LEU O    O  N N 180 
LEU CB   C  N N 181 
LEU CG   C  N N 182 
LEU CD1  C  N N 183 
LEU CD2  C  N N 184 
LEU OXT  O  N N 185 
LEU H    H  N N 186 
LEU H2   H  N N 187 
LEU HA   H  N N 188 
LEU HB2  H  N N 189 
LEU HB3  H  N N 190 
LEU HG   H  N N 191 
LEU HD11 H  N N 192 
LEU HD12 H  N N 193 
LEU HD13 H  N N 194 
LEU HD21 H  N N 195 
LEU HD22 H  N N 196 
LEU HD23 H  N N 197 
LEU HXT  H  N N 198 
LYS N    N  N N 199 
LYS CA   C  N S 200 
LYS C    C  N N 201 
LYS O    O  N N 202 
LYS CB   C  N N 203 
LYS CG   C  N N 204 
LYS CD   C  N N 205 
LYS CE   C  N N 206 
LYS NZ   N  N N 207 
LYS OXT  O  N N 208 
LYS H    H  N N 209 
LYS H2   H  N N 210 
LYS HA   H  N N 211 
LYS HB2  H  N N 212 
LYS HB3  H  N N 213 
LYS HG2  H  N N 214 
LYS HG3  H  N N 215 
LYS HD2  H  N N 216 
LYS HD3  H  N N 217 
LYS HE2  H  N N 218 
LYS HE3  H  N N 219 
LYS HZ1  H  N N 220 
LYS HZ2  H  N N 221 
LYS HZ3  H  N N 222 
LYS HXT  H  N N 223 
MET N    N  N N 224 
MET CA   C  N S 225 
MET C    C  N N 226 
MET O    O  N N 227 
MET CB   C  N N 228 
MET CG   C  N N 229 
MET SD   S  N N 230 
MET CE   C  N N 231 
MET OXT  O  N N 232 
MET H    H  N N 233 
MET H2   H  N N 234 
MET HA   H  N N 235 
MET HB2  H  N N 236 
MET HB3  H  N N 237 
MET HG2  H  N N 238 
MET HG3  H  N N 239 
MET HE1  H  N N 240 
MET HE2  H  N N 241 
MET HE3  H  N N 242 
MET HXT  H  N N 243 
PHE N    N  N N 244 
PHE CA   C  N S 245 
PHE C    C  N N 246 
PHE O    O  N N 247 
PHE CB   C  N N 248 
PHE CG   C  Y N 249 
PHE CD1  C  Y N 250 
PHE CD2  C  Y N 251 
PHE CE1  C  Y N 252 
PHE CE2  C  Y N 253 
PHE CZ   C  Y N 254 
PHE OXT  O  N N 255 
PHE H    H  N N 256 
PHE H2   H  N N 257 
PHE HA   H  N N 258 
PHE HB2  H  N N 259 
PHE HB3  H  N N 260 
PHE HD1  H  N N 261 
PHE HD2  H  N N 262 
PHE HE1  H  N N 263 
PHE HE2  H  N N 264 
PHE HZ   H  N N 265 
PHE HXT  H  N N 266 
SER N    N  N N 267 
SER CA   C  N S 268 
SER C    C  N N 269 
SER O    O  N N 270 
SER CB   C  N N 271 
SER OG   O  N N 272 
SER OXT  O  N N 273 
SER H    H  N N 274 
SER H2   H  N N 275 
SER HA   H  N N 276 
SER HB2  H  N N 277 
SER HB3  H  N N 278 
SER HG   H  N N 279 
SER HXT  H  N N 280 
THR N    N  N N 281 
THR CA   C  N S 282 
THR C    C  N N 283 
THR O    O  N N 284 
THR CB   C  N R 285 
THR OG1  O  N N 286 
THR CG2  C  N N 287 
THR OXT  O  N N 288 
THR H    H  N N 289 
THR H2   H  N N 290 
THR HA   H  N N 291 
THR HB   H  N N 292 
THR HG1  H  N N 293 
THR HG21 H  N N 294 
THR HG22 H  N N 295 
THR HG23 H  N N 296 
THR HXT  H  N N 297 
TYR N    N  N N 298 
TYR CA   C  N S 299 
TYR C    C  N N 300 
TYR O    O  N N 301 
TYR CB   C  N N 302 
TYR CG   C  Y N 303 
TYR CD1  C  Y N 304 
TYR CD2  C  Y N 305 
TYR CE1  C  Y N 306 
TYR CE2  C  Y N 307 
TYR CZ   C  Y N 308 
TYR OH   O  N N 309 
TYR OXT  O  N N 310 
TYR H    H  N N 311 
TYR H2   H  N N 312 
TYR HA   H  N N 313 
TYR HB2  H  N N 314 
TYR HB3  H  N N 315 
TYR HD1  H  N N 316 
TYR HD2  H  N N 317 
TYR HE1  H  N N 318 
TYR HE2  H  N N 319 
TYR HH   H  N N 320 
TYR HXT  H  N N 321 
VAL N    N  N N 322 
VAL CA   C  N S 323 
VAL C    C  N N 324 
VAL O    O  N N 325 
VAL CB   C  N N 326 
VAL CG1  C  N N 327 
VAL CG2  C  N N 328 
VAL OXT  O  N N 329 
VAL H    H  N N 330 
VAL H2   H  N N 331 
VAL HA   H  N N 332 
VAL HB   H  N N 333 
VAL HG11 H  N N 334 
VAL HG12 H  N N 335 
VAL HG13 H  N N 336 
VAL HG21 H  N N 337 
VAL HG22 H  N N 338 
VAL HG23 H  N N 339 
VAL HXT  H  N N 340 
# 
loop_
_chem_comp_bond.comp_id 
_chem_comp_bond.atom_id_1 
_chem_comp_bond.atom_id_2 
_chem_comp_bond.value_order 
_chem_comp_bond.pdbx_aromatic_flag 
_chem_comp_bond.pdbx_stereo_config 
_chem_comp_bond.pdbx_ordinal 
ALA N   CA   sing N N 1   
ALA N   H    sing N N 2   
ALA N   H2   sing N N 3   
ALA CA  C    sing N N 4   
ALA CA  CB   sing N N 5   
ALA CA  HA   sing N N 6   
ALA C   O    doub N N 7   
ALA C   OXT  sing N N 8   
ALA CB  HB1  sing N N 9   
ALA CB  HB2  sing N N 10  
ALA CB  HB3  sing N N 11  
ALA OXT HXT  sing N N 12  
ARG N   CA   sing N N 13  
ARG N   H    sing N N 14  
ARG N   H2   sing N N 15  
ARG CA  C    sing N N 16  
ARG CA  CB   sing N N 17  
ARG CA  HA   sing N N 18  
ARG C   O    doub N N 19  
ARG C   OXT  sing N N 20  
ARG CB  CG   sing N N 21  
ARG CB  HB2  sing N N 22  
ARG CB  HB3  sing N N 23  
ARG CG  CD   sing N N 24  
ARG CG  HG2  sing N N 25  
ARG CG  HG3  sing N N 26  
ARG CD  NE   sing N N 27  
ARG CD  HD2  sing N N 28  
ARG CD  HD3  sing N N 29  
ARG NE  CZ   sing N N 30  
ARG NE  HE   sing N N 31  
ARG CZ  NH1  sing N N 32  
ARG CZ  NH2  doub N N 33  
ARG NH1 HH11 sing N N 34  
ARG NH1 HH12 sing N N 35  
ARG NH2 HH21 sing N N 36  
ARG NH2 HH22 sing N N 37  
ARG OXT HXT  sing N N 38  
ASP N   CA   sing N N 39  
ASP N   H    sing N N 40  
ASP N   H2   sing N N 41  
ASP CA  C    sing N N 42  
ASP CA  CB   sing N N 43  
ASP CA  HA   sing N N 44  
ASP C   O    doub N N 45  
ASP C   OXT  sing N N 46  
ASP CB  CG   sing N N 47  
ASP CB  HB2  sing N N 48  
ASP CB  HB3  sing N N 49  
ASP CG  OD1  doub N N 50  
ASP CG  OD2  sing N N 51  
ASP OD2 HD2  sing N N 52  
ASP OXT HXT  sing N N 53  
BME C1  C2   sing N N 54  
BME C1  O1   sing N N 55  
BME C1  H11  sing N N 56  
BME C1  H12  sing N N 57  
BME C2  S2   sing N N 58  
BME C2  H21  sing N N 59  
BME C2  H22  sing N N 60  
BME O1  HO1  sing N N 61  
BME S2  HS2  sing N N 62  
CYS N   CA   sing N N 63  
CYS N   H    sing N N 64  
CYS N   H2   sing N N 65  
CYS CA  C    sing N N 66  
CYS CA  CB   sing N N 67  
CYS CA  HA   sing N N 68  
CYS C   O    doub N N 69  
CYS C   OXT  sing N N 70  
CYS CB  SG   sing N N 71  
CYS CB  HB2  sing N N 72  
CYS CB  HB3  sing N N 73  
CYS SG  HG   sing N N 74  
CYS OXT HXT  sing N N 75  
GLN N   CA   sing N N 76  
GLN N   H    sing N N 77  
GLN N   H2   sing N N 78  
GLN CA  C    sing N N 79  
GLN CA  CB   sing N N 80  
GLN CA  HA   sing N N 81  
GLN C   O    doub N N 82  
GLN C   OXT  sing N N 83  
GLN CB  CG   sing N N 84  
GLN CB  HB2  sing N N 85  
GLN CB  HB3  sing N N 86  
GLN CG  CD   sing N N 87  
GLN CG  HG2  sing N N 88  
GLN CG  HG3  sing N N 89  
GLN CD  OE1  doub N N 90  
GLN CD  NE2  sing N N 91  
GLN NE2 HE21 sing N N 92  
GLN NE2 HE22 sing N N 93  
GLN OXT HXT  sing N N 94  
GLU N   CA   sing N N 95  
GLU N   H    sing N N 96  
GLU N   H2   sing N N 97  
GLU CA  C    sing N N 98  
GLU CA  CB   sing N N 99  
GLU CA  HA   sing N N 100 
GLU C   O    doub N N 101 
GLU C   OXT  sing N N 102 
GLU CB  CG   sing N N 103 
GLU CB  HB2  sing N N 104 
GLU CB  HB3  sing N N 105 
GLU CG  CD   sing N N 106 
GLU CG  HG2  sing N N 107 
GLU CG  HG3  sing N N 108 
GLU CD  OE1  doub N N 109 
GLU CD  OE2  sing N N 110 
GLU OE2 HE2  sing N N 111 
GLU OXT HXT  sing N N 112 
GLY N   CA   sing N N 113 
GLY N   H    sing N N 114 
GLY N   H2   sing N N 115 
GLY CA  C    sing N N 116 
GLY CA  HA2  sing N N 117 
GLY CA  HA3  sing N N 118 
GLY C   O    doub N N 119 
GLY C   OXT  sing N N 120 
GLY OXT HXT  sing N N 121 
HIS N   CA   sing N N 122 
HIS N   H    sing N N 123 
HIS N   H2   sing N N 124 
HIS CA  C    sing N N 125 
HIS CA  CB   sing N N 126 
HIS CA  HA   sing N N 127 
HIS C   O    doub N N 128 
HIS C   OXT  sing N N 129 
HIS CB  CG   sing N N 130 
HIS CB  HB2  sing N N 131 
HIS CB  HB3  sing N N 132 
HIS CG  ND1  sing Y N 133 
HIS CG  CD2  doub Y N 134 
HIS ND1 CE1  doub Y N 135 
HIS ND1 HD1  sing N N 136 
HIS CD2 NE2  sing Y N 137 
HIS CD2 HD2  sing N N 138 
HIS CE1 NE2  sing Y N 139 
HIS CE1 HE1  sing N N 140 
HIS NE2 HE2  sing N N 141 
HIS OXT HXT  sing N N 142 
HOH O   H1   sing N N 143 
HOH O   H2   sing N N 144 
ILE N   CA   sing N N 145 
ILE N   H    sing N N 146 
ILE N   H2   sing N N 147 
ILE CA  C    sing N N 148 
ILE CA  CB   sing N N 149 
ILE CA  HA   sing N N 150 
ILE C   O    doub N N 151 
ILE C   OXT  sing N N 152 
ILE CB  CG1  sing N N 153 
ILE CB  CG2  sing N N 154 
ILE CB  HB   sing N N 155 
ILE CG1 CD1  sing N N 156 
ILE CG1 HG12 sing N N 157 
ILE CG1 HG13 sing N N 158 
ILE CG2 HG21 sing N N 159 
ILE CG2 HG22 sing N N 160 
ILE CG2 HG23 sing N N 161 
ILE CD1 HD11 sing N N 162 
ILE CD1 HD12 sing N N 163 
ILE CD1 HD13 sing N N 164 
ILE OXT HXT  sing N N 165 
LEU N   CA   sing N N 166 
LEU N   H    sing N N 167 
LEU N   H2   sing N N 168 
LEU CA  C    sing N N 169 
LEU CA  CB   sing N N 170 
LEU CA  HA   sing N N 171 
LEU C   O    doub N N 172 
LEU C   OXT  sing N N 173 
LEU CB  CG   sing N N 174 
LEU CB  HB2  sing N N 175 
LEU CB  HB3  sing N N 176 
LEU CG  CD1  sing N N 177 
LEU CG  CD2  sing N N 178 
LEU CG  HG   sing N N 179 
LEU CD1 HD11 sing N N 180 
LEU CD1 HD12 sing N N 181 
LEU CD1 HD13 sing N N 182 
LEU CD2 HD21 sing N N 183 
LEU CD2 HD22 sing N N 184 
LEU CD2 HD23 sing N N 185 
LEU OXT HXT  sing N N 186 
LYS N   CA   sing N N 187 
LYS N   H    sing N N 188 
LYS N   H2   sing N N 189 
LYS CA  C    sing N N 190 
LYS CA  CB   sing N N 191 
LYS CA  HA   sing N N 192 
LYS C   O    doub N N 193 
LYS C   OXT  sing N N 194 
LYS CB  CG   sing N N 195 
LYS CB  HB2  sing N N 196 
LYS CB  HB3  sing N N 197 
LYS CG  CD   sing N N 198 
LYS CG  HG2  sing N N 199 
LYS CG  HG3  sing N N 200 
LYS CD  CE   sing N N 201 
LYS CD  HD2  sing N N 202 
LYS CD  HD3  sing N N 203 
LYS CE  NZ   sing N N 204 
LYS CE  HE2  sing N N 205 
LYS CE  HE3  sing N N 206 
LYS NZ  HZ1  sing N N 207 
LYS NZ  HZ2  sing N N 208 
LYS NZ  HZ3  sing N N 209 
LYS OXT HXT  sing N N 210 
MET N   CA   sing N N 211 
MET N   H    sing N N 212 
MET N   H2   sing N N 213 
MET CA  C    sing N N 214 
MET CA  CB   sing N N 215 
MET CA  HA   sing N N 216 
MET C   O    doub N N 217 
MET C   OXT  sing N N 218 
MET CB  CG   sing N N 219 
MET CB  HB2  sing N N 220 
MET CB  HB3  sing N N 221 
MET CG  SD   sing N N 222 
MET CG  HG2  sing N N 223 
MET CG  HG3  sing N N 224 
MET SD  CE   sing N N 225 
MET CE  HE1  sing N N 226 
MET CE  HE2  sing N N 227 
MET CE  HE3  sing N N 228 
MET OXT HXT  sing N N 229 
PHE N   CA   sing N N 230 
PHE N   H    sing N N 231 
PHE N   H2   sing N N 232 
PHE CA  C    sing N N 233 
PHE CA  CB   sing N N 234 
PHE CA  HA   sing N N 235 
PHE C   O    doub N N 236 
PHE C   OXT  sing N N 237 
PHE CB  CG   sing N N 238 
PHE CB  HB2  sing N N 239 
PHE CB  HB3  sing N N 240 
PHE CG  CD1  doub Y N 241 
PHE CG  CD2  sing Y N 242 
PHE CD1 CE1  sing Y N 243 
PHE CD1 HD1  sing N N 244 
PHE CD2 CE2  doub Y N 245 
PHE CD2 HD2  sing N N 246 
PHE CE1 CZ   doub Y N 247 
PHE CE1 HE1  sing N N 248 
PHE CE2 CZ   sing Y N 249 
PHE CE2 HE2  sing N N 250 
PHE CZ  HZ   sing N N 251 
PHE OXT HXT  sing N N 252 
SER N   CA   sing N N 253 
SER N   H    sing N N 254 
SER N   H2   sing N N 255 
SER CA  C    sing N N 256 
SER CA  CB   sing N N 257 
SER CA  HA   sing N N 258 
SER C   O    doub N N 259 
SER C   OXT  sing N N 260 
SER CB  OG   sing N N 261 
SER CB  HB2  sing N N 262 
SER CB  HB3  sing N N 263 
SER OG  HG   sing N N 264 
SER OXT HXT  sing N N 265 
THR N   CA   sing N N 266 
THR N   H    sing N N 267 
THR N   H2   sing N N 268 
THR CA  C    sing N N 269 
THR CA  CB   sing N N 270 
THR CA  HA   sing N N 271 
THR C   O    doub N N 272 
THR C   OXT  sing N N 273 
THR CB  OG1  sing N N 274 
THR CB  CG2  sing N N 275 
THR CB  HB   sing N N 276 
THR OG1 HG1  sing N N 277 
THR CG2 HG21 sing N N 278 
THR CG2 HG22 sing N N 279 
THR CG2 HG23 sing N N 280 
THR OXT HXT  sing N N 281 
TYR N   CA   sing N N 282 
TYR N   H    sing N N 283 
TYR N   H2   sing N N 284 
TYR CA  C    sing N N 285 
TYR CA  CB   sing N N 286 
TYR CA  HA   sing N N 287 
TYR C   O    doub N N 288 
TYR C   OXT  sing N N 289 
TYR CB  CG   sing N N 290 
TYR CB  HB2  sing N N 291 
TYR CB  HB3  sing N N 292 
TYR CG  CD1  doub Y N 293 
TYR CG  CD2  sing Y N 294 
TYR CD1 CE1  sing Y N 295 
TYR CD1 HD1  sing N N 296 
TYR CD2 CE2  doub Y N 297 
TYR CD2 HD2  sing N N 298 
TYR CE1 CZ   doub Y N 299 
TYR CE1 HE1  sing N N 300 
TYR CE2 CZ   sing Y N 301 
TYR CE2 HE2  sing N N 302 
TYR CZ  OH   sing N N 303 
TYR OH  HH   sing N N 304 
TYR OXT HXT  sing N N 305 
VAL N   CA   sing N N 306 
VAL N   H    sing N N 307 
VAL N   H2   sing N N 308 
VAL CA  C    sing N N 309 
VAL CA  CB   sing N N 310 
VAL CA  HA   sing N N 311 
VAL C   O    doub N N 312 
VAL C   OXT  sing N N 313 
VAL CB  CG1  sing N N 314 
VAL CB  CG2  sing N N 315 
VAL CB  HB   sing N N 316 
VAL CG1 HG11 sing N N 317 
VAL CG1 HG12 sing N N 318 
VAL CG1 HG13 sing N N 319 
VAL CG2 HG21 sing N N 320 
VAL CG2 HG22 sing N N 321 
VAL CG2 HG23 sing N N 322 
VAL OXT HXT  sing N N 323 
# 
_atom_sites.entry_id                    4GOF 
_atom_sites.fract_transf_matrix[1][1]   -0.02081003 
_atom_sites.fract_transf_matrix[1][2]   0.02056503 
_atom_sites.fract_transf_matrix[1][3]   0.01687721 
_atom_sites.fract_transf_matrix[2][1]   0.01545978 
_atom_sites.fract_transf_matrix[2][2]   0.00182486 
_atom_sites.fract_transf_matrix[2][3]   0.01683869 
_atom_sites.fract_transf_matrix[3][1]   0.00641772 
_atom_sites.fract_transf_matrix[3][2]   0.01243577 
_atom_sites.fract_transf_matrix[3][3]   -0.00723988 
_atom_sites.fract_transf_vector[1]      -0.398886 
_atom_sites.fract_transf_vector[2]      -0.066784 
_atom_sites.fract_transf_vector[3]      0.241986 
# 
loop_
_atom_type.symbol 
C  
CL 
N  
O  
S  
# 
loop_
_atom_site.group_PDB 
_atom_site.id 
_atom_site.type_symbol 
_atom_site.label_atom_id 
_atom_site.label_alt_id 
_atom_site.label_comp_id 
_atom_site.label_asym_id 
_atom_site.label_entity_id 
_atom_site.label_seq_id 
_atom_site.pdbx_PDB_ins_code 
_atom_site.Cartn_x 
_atom_site.Cartn_y 
_atom_site.Cartn_z 
_atom_site.occupancy 
_atom_site.B_iso_or_equiv 
_atom_site.pdbx_formal_charge 
_atom_site.auth_seq_id 
_atom_site.auth_comp_id 
_atom_site.auth_asym_id 
_atom_site.auth_atom_id 
_atom_site.pdbx_PDB_model_num 
ATOM   1   N  N   . MET A 1 1  ? -5.883  10.691  -5.596  1.00 27.78 ? 3   MET A N   1 
ATOM   2   C  CA  . MET A 1 1  ? -6.610  9.430   -5.484  1.00 20.75 ? 3   MET A CA  1 
ATOM   3   C  C   . MET A 1 1  ? -8.013  9.664   -4.928  1.00 19.89 ? 3   MET A C   1 
ATOM   4   O  O   . MET A 1 1  ? -8.205  10.458  -4.002  1.00 22.94 ? 3   MET A O   1 
ATOM   5   C  CB  . MET A 1 1  ? -5.837  8.437   -4.603  1.00 23.86 ? 3   MET A CB  1 
ATOM   6   C  CG  . MET A 1 1  ? -5.669  7.032   -5.214  1.00 19.67 ? 3   MET A CG  1 
ATOM   7   S  SD  . MET A 1 1  ? -6.770  5.786   -4.534  1.00 26.95 ? 3   MET A SD  1 
ATOM   8   C  CE  . MET A 1 1  ? -5.567  4.709   -3.785  1.00 25.31 ? 3   MET A CE  1 
ATOM   9   N  N   . LYS A 1 2  ? -8.993  8.968   -5.494  1.00 15.70 ? 4   LYS A N   1 
ATOM   10  C  CA  . LYS A 1 2  ? -10.366 9.058   -5.013  1.00 15.50 ? 4   LYS A CA  1 
ATOM   11  C  C   . LYS A 1 2  ? -10.517 8.256   -3.728  1.00 14.61 ? 4   LYS A C   1 
ATOM   12  O  O   . LYS A 1 2  ? -10.039 7.122   -3.632  1.00 12.40 ? 4   LYS A O   1 
ATOM   13  C  CB  . LYS A 1 2  ? -11.345 8.545   -6.070  1.00 16.19 ? 4   LYS A CB  1 
ATOM   14  C  CG  . LYS A 1 2  ? -12.807 8.636   -5.644  1.00 16.67 ? 4   LYS A CG  1 
ATOM   15  C  CD  . LYS A 1 2  ? -13.734 7.928   -6.627  1.00 20.45 ? 4   LYS A CD  1 
ATOM   16  C  CE  . LYS A 1 2  ? -13.755 8.605   -7.990  1.00 20.79 ? 4   LYS A CE  1 
ATOM   17  N  NZ  . LYS A 1 2  ? -14.518 9.896   -7.972  1.00 20.46 ? 4   LYS A NZ  1 
ATOM   18  N  N   . LYS A 1 3  ? -11.183 8.846   -2.742  1.00 12.70 ? 5   LYS A N   1 
ATOM   19  C  CA  . LYS A 1 3  ? -11.313 8.218   -1.433  1.00 13.95 ? 5   LYS A CA  1 
ATOM   20  C  C   . LYS A 1 3  ? -12.015 6.863   -1.490  1.00 12.74 ? 5   LYS A C   1 
ATOM   21  O  O   . LYS A 1 3  ? -11.625 5.938   -0.782  1.00 13.38 ? 5   LYS A O   1 
ATOM   22  C  CB  . LYS A 1 3  ? -12.031 9.153   -0.462  1.00 18.06 ? 5   LYS A CB  1 
ATOM   23  C  CG  . LYS A 1 3  ? -11.161 9.624   0.677   1.00 25.20 ? 5   LYS A CG  1 
ATOM   24  C  CD  . LYS A 1 3  ? -11.941 10.515  1.610   1.00 24.26 ? 5   LYS A CD  1 
ATOM   25  C  CE  . LYS A 1 3  ? -11.147 10.820  2.854   1.00 22.49 ? 5   LYS A CE  1 
ATOM   26  N  NZ  . LYS A 1 3  ? -9.801  11.383  2.604   1.00 21.43 ? 5   LYS A NZ  1 
ATOM   27  N  N   . ARG A 1 4  ? -13.035 6.742   -2.335  1.00 12.16 ? 6   ARG A N   1 
ATOM   28  C  CA  . ARG A 1 4  ? -13.767 5.490   -2.505  1.00 13.25 ? 6   ARG A CA  1 
ATOM   29  C  C   . ARG A 1 4  ? -12.828 4.354   -2.915  1.00 12.48 ? 6   ARG A C   1 
ATOM   30  O  O   . ARG A 1 4  ? -12.895 3.244   -2.387  1.00 12.39 ? 6   ARG A O   1 
ATOM   31  C  CB  . ARG A 1 4  ? -14.865 5.675   -3.559  1.00 14.62 ? 6   ARG A CB  1 
ATOM   32  C  CG  . ARG A 1 4  ? -15.710 4.444   -3.830  1.00 18.44 ? 6   ARG A CG  1 
ATOM   33  C  CD  . ARG A 1 4  ? -16.877 4.753   -4.772  1.00 20.20 ? 6   ARG A CD  1 
ATOM   34  N  NE  . ARG A 1 4  ? -16.431 5.084   -6.124  1.00 23.21 ? 6   ARG A NE  1 
ATOM   35  C  CZ  . ARG A 1 4  ? -16.824 6.153   -6.812  1.00 24.30 ? 6   ARG A CZ  1 
ATOM   36  N  NH1 . ARG A 1 4  ? -17.689 7.018   -6.289  1.00 22.65 ? 6   ARG A NH1 1 
ATOM   37  N  NH2 . ARG A 1 4  ? -16.358 6.355   -8.039  1.00 25.05 ? 6   ARG A NH2 1 
ATOM   38  N  N   . LEU A 1 5  ? -11.939 4.647   -3.852  1.00 11.67 ? 7   LEU A N   1 
ATOM   39  C  CA  . LEU A 1 5  ? -11.000 3.647   -4.337  1.00 12.07 ? 7   LEU A CA  1 
ATOM   40  C  C   . LEU A 1 5  ? -9.944  3.335   -3.284  1.00 11.63 ? 7   LEU A C   1 
ATOM   41  O  O   . LEU A 1 5  ? -9.578  2.182   -3.098  1.00 10.51 ? 7   LEU A O   1 
ATOM   42  C  CB  . LEU A 1 5  ? -10.344 4.133   -5.621  1.00 13.67 ? 7   LEU A CB  1 
ATOM   43  C  CG  . LEU A 1 5  ? -9.320  3.195   -6.246  1.00 13.16 ? 7   LEU A CG  1 
ATOM   44  C  CD1 . LEU A 1 5  ? -9.939  1.852   -6.542  1.00 14.29 ? 7   LEU A CD1 1 
ATOM   45  C  CD2 . LEU A 1 5  ? -8.782  3.828   -7.517  1.00 16.33 ? 7   LEU A CD2 1 
ATOM   46  N  N   . ALA A 1 6  ? -9.458  4.362   -2.593  1.00 11.28 ? 8   ALA A N   1 
ATOM   47  C  CA  . ALA A 1 6  ? -8.503  4.142   -1.511  1.00 10.13 ? 8   ALA A CA  1 
ATOM   48  C  C   . ALA A 1 6  ? -9.097  3.190   -0.464  1.00 10.67 ? 8   ALA A C   1 
ATOM   49  O  O   . ALA A 1 6  ? -8.435  2.253   -0.005  1.00 8.80  ? 8   ALA A O   1 
ATOM   50  C  CB  . ALA A 1 6  ? -8.108  5.473   -0.868  1.00 11.05 ? 8   ALA A CB  1 
ATOM   51  N  N   . TYR A 1 7  ? -10.353 3.416   -0.096  1.00 10.51 ? 9   TYR A N   1 
ATOM   52  C  CA  . TYR A 1 7  ? -11.023 2.575   0.883   1.00 11.31 ? 9   TYR A CA  1 
ATOM   53  C  C   . TYR A 1 7  ? -11.112 1.131   0.398   1.00 11.12 ? 9   TYR A C   1 
ATOM   54  O  O   . TYR A 1 7  ? -10.805 0.192   1.138   1.00 10.96 ? 9   TYR A O   1 
ATOM   55  C  CB  . TYR A 1 7  ? -12.427 3.118   1.176   1.00 12.34 ? 9   TYR A CB  1 
ATOM   56  C  CG  . TYR A 1 7  ? -13.098 2.441   2.353   1.00 16.30 ? 9   TYR A CG  1 
ATOM   57  C  CD1 . TYR A 1 7  ? -14.061 1.461   2.162   1.00 22.93 ? 9   TYR A CD1 1 
ATOM   58  C  CD2 . TYR A 1 7  ? -12.755 2.772   3.655   1.00 19.10 ? 9   TYR A CD2 1 
ATOM   59  C  CE1 . TYR A 1 7  ? -14.677 0.842   3.238   1.00 23.87 ? 9   TYR A CE1 1 
ATOM   60  C  CE2 . TYR A 1 7  ? -13.368 2.159   4.739   1.00 22.04 ? 9   TYR A CE2 1 
ATOM   61  C  CZ  . TYR A 1 7  ? -14.322 1.193   4.522   1.00 26.56 ? 9   TYR A CZ  1 
ATOM   62  O  OH  . TYR A 1 7  ? -14.930 0.573   5.594   1.00 29.36 ? 9   TYR A OH  1 
ATOM   63  N  N   . ALA A 1 8  ? -11.519 0.953   -0.854  1.00 9.53  ? 10  ALA A N   1 
ATOM   64  C  CA  . ALA A 1 8  ? -11.639 -0.381  -1.408  1.00 10.50 ? 10  ALA A CA  1 
ATOM   65  C  C   . ALA A 1 8  ? -10.290 -1.091  -1.443  1.00 9.29  ? 10  ALA A C   1 
ATOM   66  O  O   . ALA A 1 8  ? -10.197 -2.287  -1.177  1.00 9.60  ? 10  ALA A O   1 
ATOM   67  C  CB  . ALA A 1 8  ? -12.244 -0.318  -2.809  1.00 13.05 ? 10  ALA A CB  1 
ATOM   68  N  N   . ILE A 1 9  ? -9.247  -0.360  -1.804  1.00 9.97  ? 11  ILE A N   1 
ATOM   69  C  CA  . ILE A 1 9  ? -7.906  -0.923  -1.850  1.00 9.52  ? 11  ILE A CA  1 
ATOM   70  C  C   . ILE A 1 9  ? -7.476  -1.398  -0.472  1.00 9.09  ? 11  ILE A C   1 
ATOM   71  O  O   . ILE A 1 9  ? -6.987  -2.515  -0.319  1.00 8.44  ? 11  ILE A O   1 
ATOM   72  C  CB  . ILE A 1 9  ? -6.898  0.091   -2.407  1.00 8.93  ? 11  ILE A CB  1 
ATOM   73  C  CG1 . ILE A 1 9  ? -7.099  0.194   -3.919  1.00 9.49  ? 11  ILE A CG1 1 
ATOM   74  C  CG2 . ILE A 1 9  ? -5.465  -0.322  -2.066  1.00 9.83  ? 11  ILE A CG2 1 
ATOM   75  C  CD1 . ILE A 1 9  ? -6.316  1.326   -4.556  1.00 12.68 ? 11  ILE A CD1 1 
ATOM   76  N  N   . ILE A 1 10 ? -7.682  -0.566  0.539   1.00 8.56  ? 12  ILE A N   1 
ATOM   77  C  CA  . ILE A 1 10 ? -7.250  -0.930  1.876   1.00 8.93  ? 12  ILE A CA  1 
ATOM   78  C  C   . ILE A 1 10 ? -8.063  -2.116  2.406   1.00 9.45  ? 12  ILE A C   1 
ATOM   79  O  O   . ILE A 1 10 ? -7.524  -2.983  3.077   1.00 9.05  ? 12  ILE A O   1 
ATOM   80  C  CB  . ILE A 1 10 ? -7.264  0.289   2.809   1.00 9.16  ? 12  ILE A CB  1 
ATOM   81  C  CG1 . ILE A 1 10 ? -6.310  1.363   2.277   1.00 10.03 ? 12  ILE A CG1 1 
ATOM   82  C  CG2 . ILE A 1 10 ? -6.805  -0.118  4.195   1.00 11.79 ? 12  ILE A CG2 1 
ATOM   83  C  CD1 . ILE A 1 10 ? -6.496  2.726   2.909   1.00 11.73 ? 12  ILE A CD1 1 
ATOM   84  N  N   . GLN A 1 11 ? -9.348  -2.183  2.063   1.00 9.47  ? 13  GLN A N   1 
ATOM   85  C  CA  . GLN A 1 11 ? -10.143 -3.358  2.423   1.00 10.76 ? 13  GLN A CA  1 
ATOM   86  C  C   . GLN A 1 11 ? -9.605  -4.635  1.781   1.00 9.02  ? 13  GLN A C   1 
ATOM   87  O  O   . GLN A 1 11 ? -9.532  -5.678  2.435   1.00 9.78  ? 13  GLN A O   1 
ATOM   88  C  CB  . GLN A 1 11 ? -11.601 -3.165  2.025   1.00 11.55 ? 13  GLN A CB  1 
ATOM   89  C  CG  . GLN A 1 11 ? -12.362 -2.199  2.894   1.00 15.54 ? 13  GLN A CG  1 
ATOM   90  C  CD  . GLN A 1 11 ? -13.815 -2.133  2.482   1.00 24.94 ? 13  GLN A CD  1 
ATOM   91  O  OE1 . GLN A 1 11 ? -14.126 -1.966  1.302   1.00 28.78 ? 13  GLN A OE1 1 
ATOM   92  N  NE2 . GLN A 1 11 ? -14.715 -2.287  3.446   1.00 31.96 ? 13  GLN A NE2 1 
ATOM   93  N  N   . PHE A 1 12 ? -9.218  -4.560  0.513   1.00 8.39  ? 14  PHE A N   1 
ATOM   94  C  CA  . PHE A 1 12 ? -8.601  -5.691  -0.147  1.00 8.77  ? 14  PHE A CA  1 
ATOM   95  C  C   . PHE A 1 12 ? -7.302  -6.110  0.548   1.00 9.22  ? 14  PHE A C   1 
ATOM   96  O  O   . PHE A 1 12 ? -7.043  -7.302  0.733   1.00 10.22 ? 14  PHE A O   1 
ATOM   97  C  CB  . PHE A 1 12 ? -8.345  -5.371  -1.626  1.00 9.99  ? 14  PHE A CB  1 
ATOM   98  C  CG  . PHE A 1 12 ? -7.388  -6.318  -2.295  1.00 10.24 ? 14  PHE A CG  1 
ATOM   99  C  CD1 . PHE A 1 12 ? -7.805  -7.579  -2.689  1.00 12.23 ? 14  PHE A CD1 1 
ATOM   100 C  CD2 . PHE A 1 12 ? -6.077  -5.948  -2.536  1.00 10.93 ? 14  PHE A CD2 1 
ATOM   101 C  CE1 . PHE A 1 12 ? -6.921  -8.446  -3.297  1.00 12.85 ? 14  PHE A CE1 1 
ATOM   102 C  CE2 . PHE A 1 12 ? -5.191  -6.811  -3.151  1.00 13.95 ? 14  PHE A CE2 1 
ATOM   103 C  CZ  . PHE A 1 12 ? -5.620  -8.063  -3.532  1.00 11.78 ? 14  PHE A CZ  1 
ATOM   104 N  N   . LEU A 1 13 ? -6.478  -5.138  0.922   1.00 9.07  ? 15  LEU A N   1 
ATOM   105 C  CA  . LEU A 1 13 ? -5.220  -5.450  1.587   1.00 9.41  ? 15  LEU A CA  1 
ATOM   106 C  C   . LEU A 1 13 ? -5.456  -6.118  2.938   1.00 8.34  ? 15  LEU A C   1 
ATOM   107 O  O   . LEU A 1 13 ? -4.738  -7.055  3.300   1.00 8.27  ? 15  LEU A O   1 
ATOM   108 C  CB  . LEU A 1 13 ? -4.380  -4.184  1.746   1.00 9.18  ? 15  LEU A CB  1 
ATOM   109 C  CG  . LEU A 1 13 ? -3.979  -3.519  0.436   1.00 10.29 ? 15  LEU A CG  1 
ATOM   110 C  CD1 . LEU A 1 13 ? -3.215  -2.272  0.756   1.00 13.32 ? 15  LEU A CD1 1 
ATOM   111 C  CD2 . LEU A 1 13 ? -3.161  -4.447  -0.439  1.00 11.50 ? 15  LEU A CD2 1 
ATOM   112 N  N   . HIS A 1 14 ? -6.460  -5.651  3.675   1.00 7.20  ? 16  HIS A N   1 
ATOM   113 C  CA  . HIS A 1 14 ? -6.801  -6.252  4.958   1.00 8.37  ? 16  HIS A CA  1 
ATOM   114 C  C   . HIS A 1 14 ? -7.219  -7.708  4.737   1.00 8.51  ? 16  HIS A C   1 
ATOM   115 O  O   . HIS A 1 14 ? -6.866  -8.589  5.511   1.00 9.76  ? 16  HIS A O   1 
ATOM   116 C  CB  . HIS A 1 14 ? -7.927  -5.466  5.629   1.00 9.70  ? 16  HIS A CB  1 
ATOM   117 C  CG  . HIS A 1 14 ? -8.518  -6.153  6.817   1.00 10.18 ? 16  HIS A CG  1 
ATOM   118 N  ND1 . HIS A 1 14 ? -7.902  -6.173  8.050   1.00 12.93 ? 16  HIS A ND1 1 
ATOM   119 C  CD2 . HIS A 1 14 ? -9.669  -6.852  6.958   1.00 13.19 ? 16  HIS A CD2 1 
ATOM   120 C  CE1 . HIS A 1 14 ? -8.648  -6.853  8.900   1.00 14.10 ? 16  HIS A CE1 1 
ATOM   121 N  NE2 . HIS A 1 14 ? -9.729  -7.273  8.263   1.00 14.75 ? 16  HIS A NE2 1 
ATOM   122 N  N   . ASP A 1 15 ? -7.947  -7.961  3.656   1.00 8.47  ? 17  ASP A N   1 
ATOM   123 C  CA  . ASP A 1 15 ? -8.396  -9.313  3.359   1.00 9.07  ? 17  ASP A CA  1 
ATOM   124 C  C   . ASP A 1 15 ? -7.229  -10.219 2.981   1.00 9.15  ? 17  ASP A C   1 
ATOM   125 O  O   . ASP A 1 15 ? -7.191  -11.390 3.373   1.00 9.80  ? 17  ASP A O   1 
ATOM   126 C  CB  . ASP A 1 15 ? -9.466  -9.299  2.257   1.00 10.69 ? 17  ASP A CB  1 
ATOM   127 C  CG  . ASP A 1 15 ? -10.105 -10.661 2.059   1.00 15.38 ? 17  ASP A CG  1 
ATOM   128 O  OD1 . ASP A 1 15 ? -10.737 -11.162 3.013   1.00 18.32 ? 17  ASP A OD1 1 
ATOM   129 O  OD2 . ASP A 1 15 ? -9.976  -11.231 0.957   1.00 22.32 ? 17  ASP A OD2 1 
ATOM   130 N  N   . GLN A 1 16 ? -6.267  -9.674  2.247   1.00 8.52  ? 18  GLN A N   1 
ATOM   131 C  CA  . GLN A 1 16 ? -5.050  -10.402 1.911   1.00 8.80  ? 18  GLN A CA  1 
ATOM   132 C  C   . GLN A 1 16 ? -4.197  -10.716 3.143   1.00 9.01  ? 18  GLN A C   1 
ATOM   133 O  O   . GLN A 1 16 ? -3.536  -11.751 3.204   1.00 9.21  ? 18  GLN A O   1 
ATOM   134 C  CB  . GLN A 1 16 ? -4.233  -9.613  0.892   1.00 8.59  ? 18  GLN A CB  1 
ATOM   135 C  CG  . GLN A 1 16 ? -4.847  -9.640  -0.499  1.00 10.40 ? 18  GLN A CG  1 
ATOM   136 C  CD  . GLN A 1 16 ? -4.809  -11.031 -1.094  1.00 13.27 ? 18  GLN A CD  1 
ATOM   137 O  OE1 . GLN A 1 16 ? -3.737  -11.566 -1.382  1.00 15.67 ? 18  GLN A OE1 1 
ATOM   138 N  NE2 . GLN A 1 16 ? -5.975  -11.639 -1.253  1.00 15.67 ? 18  GLN A NE2 1 
ATOM   139 N  N   . LEU A 1 17 ? -4.196  -9.818  4.120   1.00 7.27  ? 19  LEU A N   1 
ATOM   140 C  CA  . LEU A 1 17 ? -3.473  -10.065 5.354   1.00 8.18  ? 19  LEU A CA  1 
ATOM   141 C  C   . LEU A 1 17 ? -4.053  -11.287 6.058   1.00 8.48  ? 19  LEU A C   1 
ATOM   142 O  O   . LEU A 1 17 ? -3.309  -12.132 6.570   1.00 8.41  ? 19  LEU A O   1 
ATOM   143 C  CB  . LEU A 1 17 ? -3.538  -8.830  6.246   1.00 8.87  ? 19  LEU A CB  1 
ATOM   144 C  CG  . LEU A 1 17 ? -2.709  -8.852  7.529   1.00 11.91 ? 19  LEU A CG  1 
ATOM   145 C  CD1 . LEU A 1 17 ? -1.275  -9.220  7.235   1.00 13.79 ? 19  LEU A CD1 1 
ATOM   146 C  CD2 . LEU A 1 17 ? -2.765  -7.479  8.199   1.00 17.51 ? 19  LEU A CD2 1 
ATOM   147 N  N   . ARG A 1 18 ? -5.376  -11.409 6.047   1.00 8.40  ? 20  ARG A N   1 
ATOM   148 C  CA  . ARG A 1 18 ? -6.044  -12.513 6.739   1.00 7.90  ? 20  ARG A CA  1 
ATOM   149 C  C   . ARG A 1 18 ? -6.233  -13.773 5.897   1.00 8.52  ? 20  ARG A C   1 
ATOM   150 O  O   . ARG A 1 18 ? -6.553  -14.823 6.448   1.00 9.34  ? 20  ARG A O   1 
ATOM   151 C  CB  . ARG A 1 18 ? -7.409  -12.058 7.258   1.00 9.84  ? 20  ARG A CB  1 
ATOM   152 C  CG  . ARG A 1 18 ? -7.346  -10.997 8.350   1.00 11.24 ? 20  ARG A CG  1 
ATOM   153 C  CD  . ARG A 1 18 ? -8.747  -10.588 8.815   1.00 12.28 ? 20  ARG A CD  1 
ATOM   154 N  NE  . ARG A 1 18 ? -9.537  -11.720 9.300   1.00 12.39 ? 20  ARG A NE  1 
ATOM   155 C  CZ  . ARG A 1 18 ? -9.511  -12.175 10.548  1.00 13.57 ? 20  ARG A CZ  1 
ATOM   156 N  NH1 . ARG A 1 18 ? -8.724  -11.616 11.455  1.00 13.97 ? 20  ARG A NH1 1 
ATOM   157 N  NH2 . ARG A 1 18 ? -10.269 -13.210 10.889  1.00 15.12 ? 20  ARG A NH2 1 
ATOM   158 N  N   . HIS A 1 19 ? -6.054  -13.687 4.580   1.00 7.64  ? 21  HIS A N   1 
ATOM   159 C  CA  . HIS A 1 19 ? -6.407  -14.811 3.683   1.00 8.33  ? 21  HIS A CA  1 
ATOM   160 C  C   . HIS A 1 19 ? -5.468  -15.046 2.519   1.00 9.77  ? 21  HIS A C   1 
ATOM   161 O  O   . HIS A 1 19 ? -5.681  -15.970 1.735   1.00 11.73 ? 21  HIS A O   1 
ATOM   162 C  CB  . HIS A 1 19 ? -7.831  -14.648 3.137   1.00 9.75  ? 21  HIS A CB  1 
ATOM   163 C  CG  . HIS A 1 19 ? -8.876  -14.696 4.197   1.00 11.21 ? 21  HIS A CG  1 
ATOM   164 N  ND1 . HIS A 1 19 ? -9.240  -15.872 4.822   1.00 11.99 ? 21  HIS A ND1 1 
ATOM   165 C  CD2 . HIS A 1 19 ? -9.601  -13.716 4.782   1.00 13.64 ? 21  HIS A CD2 1 
ATOM   166 C  CE1 . HIS A 1 19 ? -10.150 -15.612 5.741   1.00 16.34 ? 21  HIS A CE1 1 
ATOM   167 N  NE2 . HIS A 1 19 ? -10.393 -14.311 5.734   1.00 14.69 ? 21  HIS A NE2 1 
ATOM   168 N  N   . GLY A 1 20 ? -4.440  -14.222 2.396   1.00 9.30  ? 22  GLY A N   1 
ATOM   169 C  CA  . GLY A 1 20 ? -3.588  -14.291 1.225   1.00 10.71 ? 22  GLY A CA  1 
ATOM   170 C  C   . GLY A 1 20 ? -2.508  -15.352 1.252   1.00 9.87  ? 22  GLY A C   1 
ATOM   171 O  O   . GLY A 1 20 ? -1.868  -15.606 0.240   1.00 11.05 ? 22  GLY A O   1 
ATOM   172 N  N   . GLY A 1 21 ? -2.278  -15.965 2.409   1.00 8.41  ? 23  GLY A N   1 
ATOM   173 C  CA  . GLY A 1 21 ? -1.255  -16.991 2.511   1.00 9.01  ? 23  GLY A CA  1 
ATOM   174 C  C   . GLY A 1 21 ? 0.157   -16.442 2.398   1.00 11.08 ? 23  GLY A C   1 
ATOM   175 O  O   . GLY A 1 21 ? 1.080   -17.158 2.007   1.00 11.47 ? 23  GLY A O   1 
ATOM   176 N  N   . LEU A 1 22 ? 0.322   -15.170 2.751   1.00 8.79  ? 24  LEU A N   1 
ATOM   177 C  CA  . LEU A 1 22 ? 1.617   -14.488 2.657   1.00 9.15  ? 24  LEU A CA  1 
ATOM   178 C  C   . LEU A 1 22 ? 2.581   -15.003 3.729   1.00 8.40  ? 24  LEU A C   1 
ATOM   179 O  O   . LEU A 1 22 ? 2.155   -15.428 4.799   1.00 9.23  ? 24  LEU A O   1 
ATOM   180 C  CB  . LEU A 1 22 ? 1.429   -12.986 2.853   1.00 9.81  ? 24  LEU A CB  1 
ATOM   181 C  CG  . LEU A 1 22 ? 0.866   -12.128 1.715   1.00 13.47 ? 24  LEU A CG  1 
ATOM   182 C  CD1 . LEU A 1 22 ? -0.481  -12.571 1.226   1.00 18.62 ? 24  LEU A CD1 1 
ATOM   183 C  CD2 . LEU A 1 22 ? 0.793   -10.678 2.162   1.00 14.17 ? 24  LEU A CD2 1 
ATOM   184 N  N   . SER A 1 23 ? 3.881   -14.930 3.465   1.00 9.36  ? 25  SER A N   1 
ATOM   185 C  CA  . SER A 1 23 ? 4.879   -15.266 4.479   1.00 8.43  ? 25  SER A CA  1 
ATOM   186 C  C   . SER A 1 23 ? 4.806   -14.299 5.655   1.00 8.37  ? 25  SER A C   1 
ATOM   187 O  O   . SER A 1 23 ? 4.216   -13.230 5.553   1.00 8.30  ? 25  SER A O   1 
ATOM   188 C  CB  . SER A 1 23 ? 6.279   -15.177 3.876   1.00 11.70 ? 25  SER A CB  1 
ATOM   189 O  OG  . SER A 1 23 ? 6.640   -13.816 3.668   1.00 12.41 ? 25  SER A OG  1 
ATOM   190 N  N   . SER A 1 24 ? 5.443   -14.650 6.766   1.00 9.05  ? 26  SER A N   1 
ATOM   191 C  CA  . SER A 1 24 ? 5.442   -13.765 7.928   1.00 9.57  ? 26  SER A CA  1 
ATOM   192 C  C   . SER A 1 24 ? 6.015   -12.383 7.615   1.00 9.61  ? 26  SER A C   1 
ATOM   193 O  O   . SER A 1 24 ? 5.465   -11.366 8.048   1.00 8.73  ? 26  SER A O   1 
ATOM   194 C  CB  . SER A 1 24 ? 6.215   -14.380 9.094   1.00 12.76 ? 26  SER A CB  1 
ATOM   195 O  OG  . SER A 1 24 ? 5.554   -15.525 9.594   1.00 18.31 ? 26  SER A OG  1 
ATOM   196 N  N   . ASP A 1 25 ? 7.104   -12.350 6.851   1.00 10.05 ? 27  ASP A N   1 
ATOM   197 C  CA  . ASP A 1 25 ? 7.730   -11.081 6.486   1.00 10.24 ? 27  ASP A CA  1 
ATOM   198 C  C   . ASP A 1 25 ? 6.774   -10.273 5.635   1.00 9.16  ? 27  ASP A C   1 
ATOM   199 O  O   . ASP A 1 25 ? 6.669   -9.059  5.766   1.00 9.71  ? 27  ASP A O   1 
ATOM   200 C  CB  . ASP A 1 25 ? 8.984   -11.300 5.640   1.00 14.20 ? 27  ASP A CB  1 
ATOM   201 C  CG  . ASP A 1 25 ? 10.112  -11.950 6.402   1.00 19.47 ? 27  ASP A CG  1 
ATOM   202 O  OD1 . ASP A 1 25 ? 9.986   -12.158 7.624   1.00 19.58 ? 27  ASP A OD1 1 
ATOM   203 O  OD2 . ASP A 1 25 ? 11.145  -12.238 5.761   1.00 22.16 ? 27  ASP A OD2 1 
ATOM   204 N  N   . ALA A 1 26 ? 6.087   -10.956 4.733   1.00 8.35  ? 28  ALA A N   1 
ATOM   205 C  CA  . ALA A 1 26 ? 5.187   -10.282 3.817   1.00 8.85  ? 28  ALA A CA  1 
ATOM   206 C  C   . ALA A 1 26 ? 3.983   -9.745  4.569   1.00 7.93  ? 28  ALA A C   1 
ATOM   207 O  O   . ALA A 1 26 ? 3.517   -8.644  4.300   1.00 8.47  ? 28  ALA A O   1 
ATOM   208 C  CB  . ALA A 1 26 ? 4.766   -11.232 2.715   1.00 9.21  ? 28  ALA A CB  1 
ATOM   209 N  N   . GLN A 1 27 ? 3.495   -10.511 5.540   1.00 7.05  ? 29  GLN A N   1 
ATOM   210 C  CA  . GLN A 1 27 ? 2.380   -10.042 6.347   1.00 7.09  ? 29  GLN A CA  1 
ATOM   211 C  C   . GLN A 1 27 ? 2.720   -8.784  7.118   1.00 6.61  ? 29  GLN A C   1 
ATOM   212 O  O   . GLN A 1 27 ? 1.907   -7.878  7.217   1.00 7.20  ? 29  GLN A O   1 
ATOM   213 C  CB  . GLN A 1 27 ? 1.933   -11.119 7.325   1.00 6.96  ? 29  GLN A CB  1 
ATOM   214 C  CG  . GLN A 1 27 ? 1.194   -12.269 6.668   1.00 7.18  ? 29  GLN A CG  1 
ATOM   215 C  CD  . GLN A 1 27 ? 0.592   -13.186 7.689   1.00 8.26  ? 29  GLN A CD  1 
ATOM   216 O  OE1 . GLN A 1 27 ? 1.313   -13.895 8.392   1.00 8.47  ? 29  GLN A OE1 1 
ATOM   217 N  NE2 . GLN A 1 27 ? -0.725  -13.173 7.798   1.00 8.37  ? 29  GLN A NE2 1 
ATOM   218 N  N   . GLU A 1 28 ? 3.913   -8.741  7.693   1.00 8.21  ? 30  GLU A N   1 
ATOM   219 C  CA  . GLU A 1 28 ? 4.307   -7.574  8.457   1.00 8.62  ? 30  GLU A CA  1 
ATOM   220 C  C   . GLU A 1 28 ? 4.386   -6.366  7.547   1.00 8.04  ? 30  GLU A C   1 
ATOM   221 O  O   . GLU A 1 28 ? 3.908   -5.275  7.888   1.00 8.23  ? 30  GLU A O   1 
ATOM   222 C  CB  . GLU A 1 28 ? 5.645   -7.814  9.154   1.00 9.51  ? 30  GLU A CB  1 
ATOM   223 C  CG  . GLU A 1 28 ? 6.222   -6.575  9.804   1.00 10.70 ? 30  GLU A CG  1 
ATOM   224 C  CD  . GLU A 1 28 ? 5.365   -6.016  10.921  1.00 12.61 ? 30  GLU A CD  1 
ATOM   225 O  OE1 . GLU A 1 28 ? 4.486   -6.727  11.459  1.00 13.75 ? 30  GLU A OE1 1 
ATOM   226 O  OE2 . GLU A 1 28 ? 5.583   -4.836  11.275  1.00 13.38 ? 30  GLU A OE2 1 
ATOM   227 N  N   . SER A 1 29 ? 4.987   -6.559  6.381   1.00 7.99  ? 31  SER A N   1 
ATOM   228 C  CA  . SER A 1 29 ? 5.066   -5.472  5.414   1.00 7.76  ? 31  SER A CA  1 
ATOM   229 C  C   . SER A 1 29 ? 3.686   -5.002  5.007   1.00 7.11  ? 31  SER A C   1 
ATOM   230 O  O   . SER A 1 29 ? 3.466   -3.810  4.825   1.00 8.29  ? 31  SER A O   1 
ATOM   231 C  CB  . SER A 1 29 ? 5.863   -5.884  4.176   1.00 10.50 ? 31  SER A CB  1 
ATOM   232 O  OG  . SER A 1 29 ? 7.208   -6.175  4.511   1.00 14.35 ? 31  SER A OG  1 
ATOM   233 N  N   . LEU A 1 30 ? 2.746   -5.933  4.875   1.00 7.43  ? 32  LEU A N   1 
ATOM   234 C  CA  . LEU A 1 30 ? 1.392   -5.575  4.486   1.00 7.54  ? 32  LEU A CA  1 
ATOM   235 C  C   . LEU A 1 30 ? 0.688   -4.768  5.587   1.00 7.89  ? 32  LEU A C   1 
ATOM   236 O  O   . LEU A 1 30 ? -0.006  -3.786  5.309   1.00 8.21  ? 32  LEU A O   1 
ATOM   237 C  CB  . LEU A 1 30 ? 0.621   -6.836  4.133   1.00 7.74  ? 32  LEU A CB  1 
ATOM   238 C  CG  . LEU A 1 30 ? -0.803  -6.632  3.645   1.00 8.27  ? 32  LEU A CG  1 
ATOM   239 C  CD1 . LEU A 1 30 ? -0.840  -5.653  2.488   1.00 9.40  ? 32  LEU A CD1 1 
ATOM   240 C  CD2 . LEU A 1 30 ? -1.376  -7.961  3.212   1.00 9.26  ? 32  LEU A CD2 1 
ATOM   241 N  N   . GLU A 1 31 ? 0.872   -5.171  6.840   1.00 7.46  ? 33  GLU A N   1 
ATOM   242 C  CA  . GLU A 1 31 ? 0.290   -4.437  7.951   1.00 8.60  ? 33  GLU A CA  1 
ATOM   243 C  C   . GLU A 1 31 ? 0.783   -2.990  7.970   1.00 8.79  ? 33  GLU A C   1 
ATOM   244 O  O   . GLU A 1 31 ? 0.006   -2.051  8.161   1.00 8.83  ? 33  GLU A O   1 
ATOM   245 C  CB  . GLU A 1 31 ? 0.619   -5.147  9.263   1.00 11.22 ? 33  GLU A CB  1 
ATOM   246 C  CG  . GLU A 1 31 ? 0.313   -4.374  10.515  1.00 16.58 ? 33  GLU A CG  1 
ATOM   247 C  CD  . GLU A 1 31 ? 0.582   -5.195  11.764  1.00 17.51 ? 33  GLU A CD  1 
ATOM   248 O  OE1 . GLU A 1 31 ? 1.592   -4.939  12.456  1.00 21.99 ? 33  GLU A OE1 1 
ATOM   249 O  OE2 . GLU A 1 31 ? -0.219  -6.098  12.050  1.00 21.85 ? 33  GLU A OE2 1 
ATOM   250 N  N   . VAL A 1 32 ? 2.076   -2.808  7.736   1.00 7.64  ? 34  VAL A N   1 
ATOM   251 C  CA  . VAL A 1 32 ? 2.635   -1.468  7.671   1.00 9.06  ? 34  VAL A CA  1 
ATOM   252 C  C   . VAL A 1 32 ? 2.122   -0.696  6.451   1.00 7.52  ? 34  VAL A C   1 
ATOM   253 O  O   . VAL A 1 32 ? 1.785   0.484   6.569   1.00 8.42  ? 34  VAL A O   1 
ATOM   254 C  CB  . VAL A 1 32 ? 4.163   -1.503  7.710   1.00 7.88  ? 34  VAL A CB  1 
ATOM   255 C  CG1 . VAL A 1 32 ? 4.723   -0.089  7.603   1.00 9.14  ? 34  VAL A CG1 1 
ATOM   256 C  CG2 . VAL A 1 32 ? 4.632   -2.159  9.005   1.00 7.92  ? 34  VAL A CG2 1 
ATOM   257 N  N   . ALA A 1 33 ? 2.039   -1.354  5.292   1.00 7.04  ? 35  ALA A N   1 
ATOM   258 C  CA  . ALA A 1 33 ? 1.485   -0.706  4.110   1.00 8.04  ? 35  ALA A CA  1 
ATOM   259 C  C   . ALA A 1 33 ? 0.078   -0.160  4.381   1.00 7.77  ? 35  ALA A C   1 
ATOM   260 O  O   . ALA A 1 33 ? -0.257  0.942   3.943   1.00 7.97  ? 35  ALA A O   1 
ATOM   261 C  CB  . ALA A 1 33 ? 1.450   -1.679  2.927   1.00 8.34  ? 35  ALA A CB  1 
ATOM   262 N  N   . ILE A 1 34 ? -0.740  -0.928  5.097   1.00 6.42  ? 36  ILE A N   1 
ATOM   263 C  CA  . ILE A 1 34 ? -2.082  -0.489  5.445   1.00 8.66  ? 36  ILE A CA  1 
ATOM   264 C  C   . ILE A 1 34 ? -2.049  0.789   6.293   1.00 7.38  ? 36  ILE A C   1 
ATOM   265 O  O   . ILE A 1 34 ? -2.778  1.745   6.009   1.00 7.83  ? 36  ILE A O   1 
ATOM   266 C  CB  . ILE A 1 34 ? -2.876  -1.625  6.140   1.00 8.14  ? 36  ILE A CB  1 
ATOM   267 C  CG1 . ILE A 1 34 ? -3.229  -2.712  5.124   1.00 7.51  ? 36  ILE A CG1 1 
ATOM   268 C  CG2 . ILE A 1 34 ? -4.116  -1.084  6.799   1.00 9.54  ? 36  ILE A CG2 1 
ATOM   269 C  CD1 . ILE A 1 34 ? -3.706  -4.020  5.749   1.00 9.92  ? 36  ILE A CD1 1 
ATOM   270 N  N   . GLN A 1 35 ? -1.184  0.819   7.308   1.00 8.15  ? 37  GLN A N   1 
ATOM   271 C  CA  . GLN A 1 35 ? -0.996  2.048   8.089   1.00 8.50  ? 37  GLN A CA  1 
ATOM   272 C  C   . GLN A 1 35 ? -0.680  3.244   7.188   1.00 8.48  ? 37  GLN A C   1 
ATOM   273 O  O   . GLN A 1 35 ? -1.254  4.325   7.336   1.00 8.89  ? 37  GLN A O   1 
ATOM   274 C  CB  . GLN A 1 35 ? 0.163   1.895   9.076   1.00 8.41  ? 37  GLN A CB  1 
ATOM   275 C  CG  . GLN A 1 35 ? 0.008   0.814   10.114  1.00 9.06  ? 37  GLN A CG  1 
ATOM   276 C  CD  . GLN A 1 35 ? 1.316   0.553   10.847  1.00 8.51  ? 37  GLN A CD  1 
ATOM   277 O  OE1 . GLN A 1 35 ? 2.242   1.358   10.789  1.00 9.75  ? 37  GLN A OE1 1 
ATOM   278 N  NE2 . GLN A 1 35 ? 1.396   -0.576  11.522  1.00 10.91 ? 37  GLN A NE2 1 
ATOM   279 N  N   . CYS A 1 36 ? 0.233   3.031   6.244   1.00 7.46  ? 38  CYS A N   1 
ATOM   280 C  CA  . CYS A 1 36 ? 0.728   4.083   5.400   1.00 7.89  ? 38  CYS A CA  1 
ATOM   281 C  C   . CYS A 1 36 ? -0.345  4.558   4.462   1.00 8.56  ? 38  CYS A C   1 
ATOM   282 O  O   . CYS A 1 36 ? -0.477  5.790   4.228   1.00 9.24  ? 38  CYS A O   1 
ATOM   283 C  CB  . CYS A 1 36 ? 1.927   3.605   4.633   1.00 8.26  ? 38  CYS A CB  1 
ATOM   284 S  SG  . CYS A 1 36 ? 3.356   3.311   5.652   1.00 10.89 ? 38  CYS A SG  1 
ATOM   285 N  N   . LEU A 1 37 ? -1.136  3.643   3.900   1.00 8.15  ? 39  LEU A N   1 
ATOM   286 C  CA  . LEU A 1 37 ? -2.216  4.056   2.996   1.00 7.80  ? 39  LEU A CA  1 
ATOM   287 C  C   . LEU A 1 37 ? -3.354  4.773   3.723   1.00 9.48  ? 39  LEU A C   1 
ATOM   288 O  O   . LEU A 1 37 ? -3.953  5.714   3.178   1.00 9.75  ? 39  LEU A O   1 
ATOM   289 C  CB  . LEU A 1 37 ? -2.751  2.863   2.204   1.00 9.40  ? 39  LEU A CB  1 
ATOM   290 C  CG  . LEU A 1 37 ? -1.710  2.266   1.264   1.00 8.99  ? 39  LEU A CG  1 
ATOM   291 C  CD1 . LEU A 1 37 ? -2.255  0.990   0.701   1.00 13.86 ? 39  LEU A CD1 1 
ATOM   292 C  CD2 . LEU A 1 37 ? -1.368  3.241   0.135   1.00 10.80 ? 39  LEU A CD2 1 
ATOM   293 N  N   . GLU A 1 38 ? -3.654  4.343   4.941   1.00 9.51  ? 40  GLU A N   1 
ATOM   294 C  CA  . GLU A 1 38 ? -4.641  5.035   5.759   1.00 10.04 ? 40  GLU A CA  1 
ATOM   295 C  C   . GLU A 1 38 ? -4.196  6.472   5.971   1.00 11.71 ? 40  GLU A C   1 
ATOM   296 O  O   . GLU A 1 38 ? -4.983  7.401   5.834   1.00 12.91 ? 40  GLU A O   1 
ATOM   297 C  CB  . GLU A 1 38 ? -4.824  4.332   7.099   1.00 10.68 ? 40  GLU A CB  1 
ATOM   298 C  CG  . GLU A 1 38 ? -5.552  2.998   6.998   1.00 10.87 ? 40  GLU A CG  1 
ATOM   299 C  CD  . GLU A 1 38 ? -5.660  2.291   8.344   1.00 13.65 ? 40  GLU A CD  1 
ATOM   300 O  OE1 . GLU A 1 38 ? -4.783  2.495   9.212   1.00 16.57 ? 40  GLU A OE1 1 
ATOM   301 O  OE2 . GLU A 1 38 ? -6.627  1.524   8.533   1.00 17.98 ? 40  GLU A OE2 1 
ATOM   302 N  N   . THR A 1 39 ? -2.921  6.652   6.284   1.00 10.47 ? 41  THR A N   1 
ATOM   303 C  CA  . THR A 1 39 ? -2.381  7.987   6.492   1.00 13.29 ? 41  THR A CA  1 
ATOM   304 C  C   . THR A 1 39 ? -2.374  8.793   5.198   1.00 12.63 ? 41  THR A C   1 
ATOM   305 O  O   . THR A 1 39 ? -2.785  9.960   5.196   1.00 16.21 ? 41  THR A O   1 
ATOM   306 C  CB  . THR A 1 39 ? -0.963  7.922   7.062   1.00 14.25 ? 41  THR A CB  1 
ATOM   307 O  OG1 . THR A 1 39 ? -1.004  7.292   8.348   1.00 17.39 ? 41  THR A OG1 1 
ATOM   308 C  CG2 . THR A 1 39 ? -0.389  9.320   7.211   1.00 18.91 ? 41  THR A CG2 1 
ATOM   309 N  N   . ALA A 1 40 ? -1.927  8.173   4.102   1.00 10.14 ? 42  ALA A N   1 
ATOM   310 C  CA  . ALA A 1 40 ? -1.790  8.870   2.825   1.00 11.55 ? 42  ALA A CA  1 
ATOM   311 C  C   . ALA A 1 40 ? -3.120  9.411   2.323   1.00 13.34 ? 42  ALA A C   1 
ATOM   312 O  O   . ALA A 1 40 ? -3.201  10.544  1.836   1.00 14.55 ? 42  ALA A O   1 
ATOM   313 C  CB  . ALA A 1 40 ? -1.184  7.943   1.773   1.00 12.31 ? 42  ALA A CB  1 
ATOM   314 N  N   . PHE A 1 41 ? -4.163  8.598   2.430   1.00 12.18 ? 43  PHE A N   1 
ATOM   315 C  CA  . PHE A 1 41 ? -5.409  8.892   1.745   1.00 13.86 ? 43  PHE A CA  1 
ATOM   316 C  C   . PHE A 1 41 ? -6.547  9.264   2.677   1.00 12.61 ? 43  PHE A C   1 
ATOM   317 O  O   . PHE A 1 41 ? -7.664  9.502   2.225   1.00 14.78 ? 43  PHE A O   1 
ATOM   318 C  CB  . PHE A 1 41 ? -5.797  7.711   0.858   1.00 13.76 ? 43  PHE A CB  1 
ATOM   319 C  CG  . PHE A 1 41 ? -4.792  7.424   -0.215  1.00 14.33 ? 43  PHE A CG  1 
ATOM   320 C  CD1 . PHE A 1 41 ? -4.287  8.456   -0.991  1.00 16.08 ? 43  PHE A CD1 1 
ATOM   321 C  CD2 . PHE A 1 41 ? -4.322  6.145   -0.425  1.00 15.19 ? 43  PHE A CD2 1 
ATOM   322 C  CE1 . PHE A 1 41 ? -3.351  8.212   -1.983  1.00 18.41 ? 43  PHE A CE1 1 
ATOM   323 C  CE2 . PHE A 1 41 ? -3.380  5.896   -1.412  1.00 16.86 ? 43  PHE A CE2 1 
ATOM   324 C  CZ  . PHE A 1 41 ? -2.902  6.928   -2.192  1.00 16.45 ? 43  PHE A CZ  1 
ATOM   325 N  N   . GLY A 1 42 ? -6.275  9.291   3.974   1.00 12.65 ? 44  GLY A N   1 
ATOM   326 C  CA  . GLY A 1 42 ? -7.239  9.794   4.934   1.00 13.63 ? 44  GLY A CA  1 
ATOM   327 C  C   . GLY A 1 42 ? -8.500  8.975   5.119   1.00 14.59 ? 44  GLY A C   1 
ATOM   328 O  O   . GLY A 1 42 ? -9.602  9.525   5.229   1.00 14.06 ? 44  GLY A O   1 
ATOM   329 N  N   . VAL A 1 43 ? -8.350  7.656   5.156   1.00 12.80 ? 45  VAL A N   1 
ATOM   330 C  CA  . VAL A 1 43 ? -9.463  6.766   5.474   1.00 15.54 ? 45  VAL A CA  1 
ATOM   331 C  C   . VAL A 1 43 ? -8.921  5.653   6.345   1.00 16.37 ? 45  VAL A C   1 
ATOM   332 O  O   . VAL A 1 43 ? -7.750  5.322   6.255   1.00 20.26 ? 45  VAL A O   1 
ATOM   333 C  CB  . VAL A 1 43 ? -10.107 6.126   4.217   1.00 17.54 ? 45  VAL A CB  1 
ATOM   334 C  CG1 . VAL A 1 43 ? -10.729 7.178   3.327   1.00 20.69 ? 45  VAL A CG1 1 
ATOM   335 C  CG2 . VAL A 1 43 ? -9.094  5.293   3.455   1.00 17.85 ? 45  VAL A CG2 1 
ATOM   336 N  N   . THR A 1 44 ? -9.760  5.074   7.191   1.00 16.19 ? 46  THR A N   1 
ATOM   337 C  CA  . THR A 1 44 ? -9.308  3.991   8.065   1.00 17.63 ? 46  THR A CA  1 
ATOM   338 C  C   . THR A 1 44 ? -10.081 2.690   7.872   1.00 18.66 ? 46  THR A C   1 
ATOM   339 O  O   . THR A 1 44 ? -11.294 2.685   7.665   1.00 18.76 ? 46  THR A O   1 
ATOM   340 C  CB  . THR A 1 44 ? -9.369  4.386   9.546   1.00 23.10 ? 46  THR A CB  1 
ATOM   341 O  OG1 . THR A 1 44 ? -10.733 4.514   9.951   1.00 27.50 ? 46  THR A OG1 1 
ATOM   342 C  CG2 . THR A 1 44 ? -8.649  5.695   9.779   1.00 21.12 ? 46  THR A CG2 1 
ATOM   343 N  N   . VAL A 1 45 ? -9.347  1.588   7.951   1.00 16.35 ? 47  VAL A N   1 
ATOM   344 C  CA  . VAL A 1 45 ? -9.912  0.251   7.865   1.00 17.53 ? 47  VAL A CA  1 
ATOM   345 C  C   . VAL A 1 45 ? -9.466  -0.560  9.083   1.00 17.77 ? 47  VAL A C   1 
ATOM   346 O  O   . VAL A 1 45 ? -10.294 -1.049  9.847   1.00 19.79 ? 47  VAL A O   1 
ATOM   347 C  CB  . VAL A 1 45 ? -9.460  -0.449  6.572   1.00 16.80 ? 47  VAL A CB  1 
ATOM   348 C  CG1 . VAL A 1 45 ? -9.767  -1.930  6.613   1.00 17.80 ? 47  VAL A CG1 1 
ATOM   349 C  CG2 . VAL A 1 45 ? -10.109 0.216   5.355   1.00 17.72 ? 47  VAL A CG2 1 
ATOM   350 N  N   . GLU A 1 46 ? -8.157  -0.699  9.265   1.00 15.17 ? 48  GLU A N   1 
ATOM   351 C  CA  . GLU A 1 46 ? -7.620  -1.395  10.435  1.00 16.33 ? 48  GLU A CA  1 
ATOM   352 C  C   . GLU A 1 46 ? -7.441  -0.482  11.649  1.00 18.54 ? 48  GLU A C   1 
ATOM   353 O  O   . GLU A 1 46 ? -7.578  -0.936  12.792  1.00 20.53 ? 48  GLU A O   1 
ATOM   354 C  CB  . GLU A 1 46 ? -6.301  -2.097  10.107  1.00 16.17 ? 48  GLU A CB  1 
ATOM   355 C  CG  . GLU A 1 46 ? -6.469  -3.289  9.179   1.00 14.80 ? 48  GLU A CG  1 
ATOM   356 C  CD  . GLU A 1 46 ? -5.323  -4.275  9.264   1.00 14.40 ? 48  GLU A CD  1 
ATOM   357 O  OE1 . GLU A 1 46 ? -4.242  -3.910  9.780   1.00 15.50 ? 48  GLU A OE1 1 
ATOM   358 O  OE2 . GLU A 1 46 ? -5.493  -5.427  8.802   1.00 13.68 ? 48  GLU A OE2 1 
ATOM   359 N  N   . ASP A 1 47 ? -7.116  0.787   11.406  1.00 18.23 ? 49  ASP A N   1 
ATOM   360 C  CA  . ASP A 1 47 ? -7.059  1.787   12.476  1.00 19.70 ? 49  ASP A CA  1 
ATOM   361 C  C   . ASP A 1 47 ? -6.088  1.400   13.604  1.00 19.81 ? 49  ASP A C   1 
ATOM   362 O  O   . ASP A 1 47 ? -6.386  1.579   14.784  1.00 18.57 ? 49  ASP A O   1 
ATOM   363 C  CB  . ASP A 1 47 ? -8.478  2.018   13.024  1.00 20.90 ? 49  ASP A CB  1 
ATOM   364 C  CG  . ASP A 1 47 ? -8.577  3.227   13.938  1.00 25.65 ? 49  ASP A CG  1 
ATOM   365 O  OD1 . ASP A 1 47 ? -7.731  4.142   13.826  1.00 23.60 ? 49  ASP A OD1 1 
ATOM   366 O  OD2 . ASP A 1 47 ? -9.511  3.254   14.770  1.00 27.62 ? 49  ASP A OD2 1 
ATOM   367 N  N   . SER A 1 48 ? -4.923  0.874   13.241  1.00 17.25 ? 50  SER A N   1 
ATOM   368 C  CA  . SER A 1 48 ? -3.931  0.482   14.235  1.00 16.20 ? 50  SER A CA  1 
ATOM   369 C  C   . SER A 1 48 ? -3.388  1.676   15.014  1.00 15.63 ? 50  SER A C   1 
ATOM   370 O  O   . SER A 1 48 ? -3.136  2.734   14.435  1.00 15.91 ? 50  SER A O   1 
ATOM   371 C  CB  . SER A 1 48 ? -2.767  -0.232  13.553  1.00 16.69 ? 50  SER A CB  1 
ATOM   372 O  OG  . SER A 1 48 ? -1.761  -0.580  14.481  1.00 18.46 ? 50  SER A OG  1 
ATOM   373 N  N   . ASP A 1 49 ? -3.172  1.485   16.312  1.00 16.64 ? 51  ASP A N   1 
ATOM   374 C  CA  . ASP A 1 49 ? -2.477  2.482   17.126  1.00 17.03 ? 51  ASP A CA  1 
ATOM   375 C  C   . ASP A 1 49 ? -1.057  2.701   16.605  1.00 15.13 ? 51  ASP A C   1 
ATOM   376 O  O   . ASP A 1 49 ? -0.424  3.712   16.904  1.00 14.25 ? 51  ASP A O   1 
ATOM   377 C  CB  . ASP A 1 49 ? -2.383  2.032   18.588  1.00 19.79 ? 51  ASP A CB  1 
ATOM   378 C  CG  . ASP A 1 49 ? -3.689  2.193   19.348  1.00 24.74 ? 51  ASP A CG  1 
ATOM   379 O  OD1 . ASP A 1 49 ? -4.616  2.862   18.845  1.00 23.07 ? 51  ASP A OD1 1 
ATOM   380 O  OD2 . ASP A 1 49 ? -3.774  1.653   20.476  1.00 29.52 ? 51  ASP A OD2 1 
ATOM   381 N  N   . LEU A 1 50 ? -0.542  1.742   15.841  1.00 13.53 ? 52  LEU A N   1 
ATOM   382 C  CA  . LEU A 1 50 ? 0.821   1.833   15.326  1.00 14.81 ? 52  LEU A CA  1 
ATOM   383 C  C   . LEU A 1 50 ? 0.982   2.859   14.205  1.00 13.03 ? 52  LEU A C   1 
ATOM   384 O  O   . LEU A 1 50 ? 2.085   3.313   13.936  1.00 13.67 ? 52  LEU A O   1 
ATOM   385 C  CB  . LEU A 1 50 ? 1.300   0.467   14.832  1.00 15.69 ? 52  LEU A CB  1 
ATOM   386 C  CG  . LEU A 1 50 ? 1.453   -0.625  15.883  1.00 17.16 ? 52  LEU A CG  1 
ATOM   387 C  CD1 . LEU A 1 50 ? 1.592   -1.976  15.191  1.00 18.81 ? 52  LEU A CD1 1 
ATOM   388 C  CD2 . LEU A 1 50 ? 2.647   -0.329  16.770  1.00 19.86 ? 52  LEU A CD2 1 
ATOM   389 N  N   . ALA A 1 51 ? -0.110  3.217   13.545  1.00 12.24 ? 53  ALA A N   1 
ATOM   390 C  CA  . ALA A 1 51 ? -0.028  4.088   12.383  1.00 11.82 ? 53  ALA A CA  1 
ATOM   391 C  C   . ALA A 1 51 ? 0.532   5.458   12.738  1.00 14.40 ? 53  ALA A C   1 
ATOM   392 O  O   . ALA A 1 51 ? 0.048   6.105   13.668  1.00 15.20 ? 53  ALA A O   1 
ATOM   393 C  CB  . ALA A 1 51 ? -1.394  4.237   11.770  1.00 13.14 ? 53  ALA A CB  1 
ATOM   394 N  N   . LEU A 1 52 ? 1.544   5.884   11.988  1.00 13.55 ? 54  LEU A N   1 
ATOM   395 C  CA  . LEU A 1 52 ? 2.171   7.190   12.161  1.00 16.08 ? 54  LEU A CA  1 
ATOM   396 C  C   . LEU A 1 52 ? 1.811   8.101   10.994  1.00 21.74 ? 54  LEU A C   1 
ATOM   397 O  O   . LEU A 1 52 ? 1.621   9.310   11.147  1.00 23.41 ? 54  LEU A O   1 
ATOM   398 C  CB  . LEU A 1 52 ? 3.693   7.039   12.235  1.00 14.45 ? 54  LEU A CB  1 
ATOM   399 C  CG  . LEU A 1 52 ? 4.541   8.305   12.386  1.00 19.38 ? 54  LEU A CG  1 
ATOM   400 C  CD1 . LEU A 1 52 ? 4.169   9.058   13.647  1.00 19.45 ? 54  LEU A CD1 1 
ATOM   401 C  CD2 . LEU A 1 52 ? 6.025   7.964   12.393  1.00 19.37 ? 54  LEU A CD2 1 
ATOM   402 O  OXT . LEU A 1 52 ? 1.709   7.659   9.846   1.00 20.81 ? 54  LEU A OXT 1 
ATOM   403 N  N   . MET B 1 1  ? -2.818  -15.939 -2.565  1.00 30.05 ? 3   MET B N   1 
ATOM   404 C  CA  . MET B 1 1  ? -2.846  -14.485 -2.663  1.00 23.42 ? 3   MET B CA  1 
ATOM   405 C  C   . MET B 1 1  ? -3.377  -14.045 -4.033  1.00 25.50 ? 3   MET B C   1 
ATOM   406 O  O   . MET B 1 1  ? -3.254  -14.770 -5.027  1.00 30.89 ? 3   MET B O   1 
ATOM   407 C  CB  . MET B 1 1  ? -1.449  -13.910 -2.378  1.00 25.47 ? 3   MET B CB  1 
ATOM   408 C  CG  . MET B 1 1  ? -0.840  -13.048 -3.481  1.00 25.41 ? 3   MET B CG  1 
ATOM   409 S  SD  . MET B 1 1  ? 0.967   -13.150 -3.558  1.00 35.66 ? 3   MET B SD  1 
ATOM   410 C  CE  . MET B 1 1  ? 1.422   -13.097 -1.829  1.00 24.10 ? 3   MET B CE  1 
ATOM   411 N  N   . LYS B 1 2  ? -3.985  -12.863 -4.077  1.00 22.49 ? 4   LYS B N   1 
ATOM   412 C  CA  . LYS B 1 2  ? -4.444  -12.285 -5.336  1.00 22.06 ? 4   LYS B CA  1 
ATOM   413 C  C   . LYS B 1 2  ? -3.315  -11.442 -5.897  1.00 21.05 ? 4   LYS B C   1 
ATOM   414 O  O   . LYS B 1 2  ? -3.337  -10.216 -5.787  1.00 16.60 ? 4   LYS B O   1 
ATOM   415 C  CB  . LYS B 1 2  ? -5.692  -11.428 -5.122  1.00 19.54 ? 4   LYS B CB  1 
ATOM   416 C  CG  . LYS B 1 2  ? -6.923  -12.225 -4.736  1.00 24.53 ? 4   LYS B CG  1 
ATOM   417 C  CD  . LYS B 1 2  ? -7.196  -13.308 -5.761  1.00 30.34 ? 4   LYS B CD  1 
ATOM   418 C  CE  . LYS B 1 2  ? -8.519  -13.986 -5.486  1.00 32.84 ? 4   LYS B CE  1 
ATOM   419 N  NZ  . LYS B 1 2  ? -8.739  -15.170 -6.362  1.00 35.99 ? 4   LYS B NZ  1 
ATOM   420 N  N   . LYS B 1 3  ? -2.328  -12.118 -6.484  1.00 20.38 ? 5   LYS B N   1 
ATOM   421 C  CA  . LYS B 1 3  ? -1.095  -11.478 -6.919  1.00 19.54 ? 5   LYS B CA  1 
ATOM   422 C  C   . LYS B 1 3  ? -1.321  -10.465 -8.025  1.00 13.41 ? 5   LYS B C   1 
ATOM   423 O  O   . LYS B 1 3  ? -0.701  -9.404  -8.017  1.00 13.63 ? 5   LYS B O   1 
ATOM   424 C  CB  . LYS B 1 3  ? -0.061  -12.514 -7.370  1.00 21.78 ? 5   LYS B CB  1 
ATOM   425 C  CG  . LYS B 1 3  ? 1.346   -11.947 -7.483  1.00 22.98 ? 5   LYS B CG  1 
ATOM   426 C  CD  . LYS B 1 3  ? 2.401   -13.025 -7.282  1.00 26.85 ? 5   LYS B CD  1 
ATOM   427 C  CE  . LYS B 1 3  ? 3.798   -12.431 -7.204  1.00 28.68 ? 5   LYS B CE  1 
ATOM   428 N  NZ  . LYS B 1 3  ? 4.721   -13.285 -6.401  1.00 27.45 ? 5   LYS B NZ  1 
ATOM   429 N  N   . ARG B 1 4  ? -2.189  -10.787 -8.982  1.00 13.59 ? 6   ARG B N   1 
ATOM   430 C  CA  . ARG B 1 4  ? -2.416  -9.869  -10.098 1.00 12.09 ? 6   ARG B CA  1 
ATOM   431 C  C   . ARG B 1 4  ? -3.143  -8.604  -9.677  1.00 11.82 ? 6   ARG B C   1 
ATOM   432 O  O   . ARG B 1 4  ? -2.788  -7.518  -10.121 1.00 10.93 ? 6   ARG B O   1 
ATOM   433 C  CB  . ARG B 1 4  ? -3.175  -10.556 -11.227 1.00 13.85 ? 6   ARG B CB  1 
ATOM   434 C  CG  . ARG B 1 4  ? -2.373  -11.602 -11.953 1.00 19.93 ? 6   ARG B CG  1 
ATOM   435 C  CD  . ARG B 1 4  ? -3.265  -12.362 -12.918 1.00 22.67 ? 6   ARG B CD  1 
ATOM   436 N  NE  . ARG B 1 4  ? -2.580  -13.516 -13.489 1.00 32.43 ? 6   ARG B NE  1 
ATOM   437 C  CZ  . ARG B 1 4  ? -1.774  -13.433 -14.539 1.00 30.12 ? 6   ARG B CZ  1 
ATOM   438 N  NH1 . ARG B 1 4  ? -1.574  -12.254 -15.103 1.00 29.39 ? 6   ARG B NH1 1 
ATOM   439 N  NH2 . ARG B 1 4  ? -1.175  -14.513 -15.023 1.00 33.55 ? 6   ARG B NH2 1 
ATOM   440 N  N   . LEU B 1 5  ? -4.165  -8.735  -8.836  1.00 10.42 ? 7   LEU B N   1 
ATOM   441 C  CA  . LEU B 1 5  ? -4.845  -7.549  -8.329  1.00 10.21 ? 7   LEU B CA  1 
ATOM   442 C  C   . LEU B 1 5  ? -3.891  -6.704  -7.488  1.00 9.22  ? 7   LEU B C   1 
ATOM   443 O  O   . LEU B 1 5  ? -3.892  -5.480  -7.566  1.00 8.78  ? 7   LEU B O   1 
ATOM   444 C  CB  . LEU B 1 5  ? -6.096  -7.916  -7.522  1.00 10.58 ? 7   LEU B CB  1 
ATOM   445 C  CG  . LEU B 1 5  ? -6.918  -6.719  -7.037  1.00 11.17 ? 7   LEU B CG  1 
ATOM   446 C  CD1 . LEU B 1 5  ? -7.273  -5.814  -8.206  1.00 12.93 ? 7   LEU B CD1 1 
ATOM   447 C  CD2 . LEU B 1 5  ? -8.191  -7.170  -6.315  1.00 14.78 ? 7   LEU B CD2 1 
ATOM   448 N  N   . ALA B 1 6  ? -3.077  -7.354  -6.662  1.00 10.07 ? 8   ALA B N   1 
ATOM   449 C  CA  . ALA B 1 6  ? -2.125  -6.609  -5.851  1.00 10.23 ? 8   ALA B CA  1 
ATOM   450 C  C   . ALA B 1 6  ? -1.139  -5.875  -6.739  1.00 9.59  ? 8   ALA B C   1 
ATOM   451 O  O   . ALA B 1 6  ? -0.805  -4.718  -6.489  1.00 9.04  ? 8   ALA B O   1 
ATOM   452 C  CB  . ALA B 1 6  ? -1.402  -7.534  -4.888  1.00 10.09 ? 8   ALA B CB  1 
ATOM   453 N  N   . TYR B 1 7  ? -0.687  -6.544  -7.793  1.00 8.75  ? 9   TYR B N   1 
ATOM   454 C  CA  . TYR B 1 7  ? 0.250   -5.939  -8.730  1.00 9.53  ? 9   TYR B CA  1 
ATOM   455 C  C   . TYR B 1 7  ? -0.382  -4.747  -9.464  1.00 8.37  ? 9   TYR B C   1 
ATOM   456 O  O   . TYR B 1 7  ? 0.262   -3.709  -9.652  1.00 9.69  ? 9   TYR B O   1 
ATOM   457 C  CB  . TYR B 1 7  ? 0.760   -6.985  -9.712  1.00 11.42 ? 9   TYR B CB  1 
ATOM   458 C  CG  . TYR B 1 7  ? 1.703   -6.445  -10.760 1.00 10.31 ? 9   TYR B CG  1 
ATOM   459 C  CD1 . TYR B 1 7  ? 2.824   -5.703  -10.408 1.00 11.45 ? 9   TYR B CD1 1 
ATOM   460 C  CD2 . TYR B 1 7  ? 1.480   -6.698  -12.106 1.00 11.40 ? 9   TYR B CD2 1 
ATOM   461 C  CE1 . TYR B 1 7  ? 3.694   -5.227  -11.368 1.00 12.84 ? 9   TYR B CE1 1 
ATOM   462 C  CE2 . TYR B 1 7  ? 2.343   -6.230  -13.068 1.00 13.17 ? 9   TYR B CE2 1 
ATOM   463 C  CZ  . TYR B 1 7  ? 3.443   -5.491  -12.696 1.00 12.83 ? 9   TYR B CZ  1 
ATOM   464 O  OH  . TYR B 1 7  ? 4.296   -5.024  -13.665 1.00 13.33 ? 9   TYR B OH  1 
ATOM   465 N  N   . ALA B 1 8  ? -1.652  -4.890  -9.852  1.00 8.09  ? 10  ALA B N   1 
ATOM   466 C  CA  . ALA B 1 8  ? -2.384  -3.774  -10.449 1.00 8.89  ? 10  ALA B CA  1 
ATOM   467 C  C   . ALA B 1 8  ? -2.421  -2.582  -9.498  1.00 7.64  ? 10  ALA B C   1 
ATOM   468 O  O   . ALA B 1 8  ? -2.187  -1.446  -9.900  1.00 9.75  ? 10  ALA B O   1 
ATOM   469 C  CB  . ALA B 1 8  ? -3.802  -4.207  -10.805 1.00 10.05 ? 10  ALA B CB  1 
ATOM   470 N  N   . ILE B 1 9  ? -2.699  -2.853  -8.227  1.00 8.53  ? 11  ILE B N   1 
ATOM   471 C  CA  . ILE B 1 9  ? -2.736  -1.811  -7.217  1.00 8.94  ? 11  ILE B CA  1 
ATOM   472 C  C   . ILE B 1 9  ? -1.362  -1.159  -7.038  1.00 8.47  ? 11  ILE B C   1 
ATOM   473 O  O   . ILE B 1 9  ? -1.258  0.059   -6.947  1.00 8.59  ? 11  ILE B O   1 
ATOM   474 C  CB  . ILE B 1 9  ? -3.285  -2.374  -5.899  1.00 9.86  ? 11  ILE B CB  1 
ATOM   475 C  CG1 . ILE B 1 9  ? -4.779  -2.660  -6.060  1.00 10.33 ? 11  ILE B CG1 1 
ATOM   476 C  CG2 . ILE B 1 9  ? -3.028  -1.412  -4.738  1.00 11.40 ? 11  ILE B CG2 1 
ATOM   477 C  CD1 . ILE B 1 9  ? -5.350  -3.531  -4.959  1.00 14.18 ? 11  ILE B CD1 1 
ATOM   478 N  N   . ILE B 1 10 ? -0.304  -1.961  -7.037  1.00 8.31  ? 12  ILE B N   1 
ATOM   479 C  CA  . ILE B 1 10 ? 1.040   -1.419  -6.892  1.00 9.38  ? 12  ILE B CA  1 
ATOM   480 C  C   . ILE B 1 10 ? 1.384   -0.499  -8.069  1.00 9.83  ? 12  ILE B C   1 
ATOM   481 O  O   . ILE B 1 10 ? 1.944   0.579   -7.880  1.00 8.82  ? 12  ILE B O   1 
ATOM   482 C  CB  . ILE B 1 10 ? 2.071   -2.552  -6.712  1.00 7.78  ? 12  ILE B CB  1 
ATOM   483 C  CG1 . ILE B 1 10 ? 1.889   -3.184  -5.327  1.00 9.16  ? 12  ILE B CG1 1 
ATOM   484 C  CG2 . ILE B 1 10 ? 3.496   -2.029  -6.879  1.00 11.81 ? 12  ILE B CG2 1 
ATOM   485 C  CD1 . ILE B 1 10 ? 2.576   -4.531  -5.161  1.00 10.71 ? 12  ILE B CD1 1 
ATOM   486 N  N   . GLN B 1 11 ? 1.002   -0.900  -9.279  1.00 8.96  ? 13  GLN B N   1 
ATOM   487 C  CA  . GLN B 1 11 ? 1.245   -0.059  -10.437 1.00 8.34  ? 13  GLN B CA  1 
ATOM   488 C  C   . GLN B 1 11 ? 0.460   1.239   -10.323 1.00 9.51  ? 13  GLN B C   1 
ATOM   489 O  O   . GLN B 1 11 ? 0.983   2.319   -10.605 1.00 9.36  ? 13  GLN B O   1 
ATOM   490 C  CB  . GLN B 1 11 ? 0.817   -0.765  -11.719 1.00 8.95  ? 13  GLN B CB  1 
ATOM   491 C  CG  . GLN B 1 11 ? 1.749   -1.831  -12.203 1.00 10.42 ? 13  GLN B CG  1 
ATOM   492 C  CD  . GLN B 1 11 ? 1.336   -2.338  -13.558 1.00 10.35 ? 13  GLN B CD  1 
ATOM   493 O  OE1 . GLN B 1 11 ? 1.457   -1.631  -14.551 1.00 11.91 ? 13  GLN B OE1 1 
ATOM   494 N  NE2 . GLN B 1 11 ? 0.826   -3.547  -13.604 1.00 11.38 ? 13  GLN B NE2 1 
ATOM   495 N  N   . PHE B 1 12 ? -0.806  1.129   -9.927  1.00 8.69  ? 14  PHE B N   1 
ATOM   496 C  CA  . PHE B 1 12 ? -1.657  2.304   -9.752  1.00 9.74  ? 14  PHE B CA  1 
ATOM   497 C  C   . PHE B 1 12 ? -1.078  3.287   -8.737  1.00 10.34 ? 14  PHE B C   1 
ATOM   498 O  O   . PHE B 1 12 ? -1.042  4.495   -8.969  1.00 10.48 ? 14  PHE B O   1 
ATOM   499 C  CB  . PHE B 1 12 ? -3.081  1.885   -9.353  1.00 9.92  ? 14  PHE B CB  1 
ATOM   500 C  CG  . PHE B 1 12 ? -4.052  3.022   -9.310  1.00 12.57 ? 14  PHE B CG  1 
ATOM   501 C  CD1 . PHE B 1 12 ? -4.772  3.368   -10.439 1.00 13.08 ? 14  PHE B CD1 1 
ATOM   502 C  CD2 . PHE B 1 12 ? -4.242  3.752   -8.144  1.00 15.48 ? 14  PHE B CD2 1 
ATOM   503 C  CE1 . PHE B 1 12 ? -5.671  4.421   -10.405 1.00 13.39 ? 14  PHE B CE1 1 
ATOM   504 C  CE2 . PHE B 1 12 ? -5.137  4.810   -8.106  1.00 16.40 ? 14  PHE B CE2 1 
ATOM   505 C  CZ  . PHE B 1 12 ? -5.855  5.140   -9.237  1.00 14.96 ? 14  PHE B CZ  1 
ATOM   506 N  N   . LEU B 1 13 ? -0.616  2.768   -7.607  1.00 10.75 ? 15  LEU B N   1 
ATOM   507 C  CA  . LEU B 1 13 ? -0.034  3.611   -6.570  1.00 9.68  ? 15  LEU B CA  1 
ATOM   508 C  C   . LEU B 1 13 ? 1.287   4.250   -6.991  1.00 11.17 ? 15  LEU B C   1 
ATOM   509 O  O   . LEU B 1 13 ? 1.529   5.414   -6.679  1.00 11.43 ? 15  LEU B O   1 
ATOM   510 C  CB  . LEU B 1 13 ? 0.133   2.813   -5.281  1.00 11.04 ? 15  LEU B CB  1 
ATOM   511 C  CG  . LEU B 1 13 ? -1.190  2.352   -4.678  1.00 11.57 ? 15  LEU B CG  1 
ATOM   512 C  CD1 . LEU B 1 13 ? -0.933  1.435   -3.492  1.00 12.12 ? 15  LEU B CD1 1 
ATOM   513 C  CD2 . LEU B 1 13 ? -2.052  3.534   -4.272  1.00 15.40 ? 15  LEU B CD2 1 
ATOM   514 N  N   . HIS B 1 14 ? 2.138   3.498   -7.691  1.00 10.59 ? 16  HIS B N   1 
ATOM   515 C  CA  . HIS B 1 14 ? 3.369   4.054   -8.254  1.00 13.27 ? 16  HIS B CA  1 
ATOM   516 C  C   . HIS B 1 14 ? 3.026   5.244   -9.136  1.00 13.33 ? 16  HIS B C   1 
ATOM   517 O  O   . HIS B 1 14 ? 3.683   6.286   -9.108  1.00 14.05 ? 16  HIS B O   1 
ATOM   518 C  CB  . HIS B 1 14 ? 4.083   3.027   -9.129  1.00 17.05 ? 16  HIS B CB  1 
ATOM   519 C  CG  . HIS B 1 14 ? 5.164   2.261   -8.436  1.00 17.59 ? 16  HIS B CG  1 
ATOM   520 N  ND1 . HIS B 1 14 ? 6.436   2.764   -8.249  1.00 23.54 ? 16  HIS B ND1 1 
ATOM   521 C  CD2 . HIS B 1 14 ? 5.178   1.005   -7.931  1.00 18.60 ? 16  HIS B CD2 1 
ATOM   522 C  CE1 . HIS B 1 14 ? 7.177   1.857   -7.637  1.00 22.28 ? 16  HIS B CE1 1 
ATOM   523 N  NE2 . HIS B 1 14 ? 6.438   0.781   -7.433  1.00 20.37 ? 16  HIS B NE2 1 
ATOM   524 N  N   . ASP B 1 15 ? 1.979   5.089   -9.929  1.00 11.92 ? 17  ASP B N   1 
ATOM   525 C  CA  . ASP B 1 15 ? 1.596   6.141   -10.848 1.00 12.57 ? 17  ASP B CA  1 
ATOM   526 C  C   . ASP B 1 15 ? 1.099   7.373   -10.108 1.00 13.59 ? 17  ASP B C   1 
ATOM   527 O  O   . ASP B 1 15 ? 1.339   8.495   -10.544 1.00 14.04 ? 17  ASP B O   1 
ATOM   528 C  CB  . ASP B 1 15 ? 0.541   5.639   -11.827 1.00 12.15 ? 17  ASP B CB  1 
ATOM   529 C  CG  . ASP B 1 15 ? 0.127   6.702   -12.812 1.00 14.06 ? 17  ASP B CG  1 
ATOM   530 O  OD1 . ASP B 1 15 ? 0.884   6.936   -13.779 1.00 17.84 ? 17  ASP B OD1 1 
ATOM   531 O  OD2 . ASP B 1 15 ? -0.939  7.305   -12.609 1.00 13.87 ? 17  ASP B OD2 1 
ATOM   532 N  N   . GLN B 1 16 ? 0.428   7.169   -8.979  1.00 12.31 ? 18  GLN B N   1 
ATOM   533 C  CA  . GLN B 1 16 ? -0.004  8.277   -8.131  1.00 12.70 ? 18  GLN B CA  1 
ATOM   534 C  C   . GLN B 1 16 ? 1.167   9.155   -7.699  1.00 15.44 ? 18  GLN B C   1 
ATOM   535 O  O   . GLN B 1 16 ? 1.010   10.365  -7.570  1.00 17.09 ? 18  GLN B O   1 
ATOM   536 C  CB  . GLN B 1 16 ? -0.733  7.754   -6.892  1.00 14.93 ? 18  GLN B CB  1 
ATOM   537 C  CG  . GLN B 1 16 ? -2.106  7.207   -7.186  1.00 15.10 ? 18  GLN B CG  1 
ATOM   538 C  CD  . GLN B 1 16 ? -3.094  8.302   -7.505  1.00 19.57 ? 18  GLN B CD  1 
ATOM   539 O  OE1 . GLN B 1 16 ? -3.304  9.217   -6.712  1.00 20.64 ? 18  GLN B OE1 1 
ATOM   540 N  NE2 . GLN B 1 16 ? -3.696  8.223   -8.681  1.00 16.87 ? 18  GLN B NE2 1 
ATOM   541 N  N   . LEU B 1 17 ? 2.330   8.546   -7.468  1.00 13.08 ? 19  LEU B N   1 
ATOM   542 C  CA  . LEU B 1 17 ? 3.535   9.306   -7.123  1.00 17.03 ? 19  LEU B CA  1 
ATOM   543 C  C   . LEU B 1 17 ? 3.952   10.255  -8.228  1.00 20.01 ? 19  LEU B C   1 
ATOM   544 O  O   . LEU B 1 17 ? 4.373   11.383  -7.961  1.00 22.46 ? 19  LEU B O   1 
ATOM   545 C  CB  . LEU B 1 17 ? 4.711   8.375   -6.843  1.00 19.22 ? 19  LEU B CB  1 
ATOM   546 C  CG  . LEU B 1 17 ? 4.725   7.617   -5.523  1.00 20.43 ? 19  LEU B CG  1 
ATOM   547 C  CD1 . LEU B 1 17 ? 6.037   6.872   -5.388  1.00 20.84 ? 19  LEU B CD1 1 
ATOM   548 C  CD2 . LEU B 1 17 ? 4.540   8.579   -4.370  1.00 19.28 ? 19  LEU B CD2 1 
ATOM   549 N  N   . ARG B 1 18 ? 3.854   9.785   -9.466  1.00 21.62 ? 20  ARG B N   1 
ATOM   550 C  CA  . ARG B 1 18 ? 4.358   10.535  -10.609 1.00 23.55 ? 20  ARG B CA  1 
ATOM   551 C  C   . ARG B 1 18 ? 3.301   11.405  -11.274 1.00 24.78 ? 20  ARG B C   1 
ATOM   552 O  O   . ARG B 1 18 ? 3.625   12.440  -11.849 1.00 29.91 ? 20  ARG B O   1 
ATOM   553 C  CB  . ARG B 1 18 ? 4.972   9.587   -11.644 1.00 29.04 ? 20  ARG B CB  1 
ATOM   554 C  CG  . ARG B 1 18 ? 6.389   9.128   -11.324 1.00 35.33 ? 20  ARG B CG  1 
ATOM   555 C  CD  . ARG B 1 18 ? 7.449   10.073  -11.896 1.00 41.02 ? 20  ARG B CD  1 
ATOM   556 N  NE  . ARG B 1 18 ? 7.463   11.390  -11.258 1.00 42.72 ? 20  ARG B NE  1 
ATOM   557 C  CZ  . ARG B 1 18 ? 6.983   12.502  -11.812 1.00 39.09 ? 20  ARG B CZ  1 
ATOM   558 N  NH1 . ARG B 1 18 ? 6.447   12.466  -13.026 1.00 39.42 ? 20  ARG B NH1 1 
ATOM   559 N  NH2 . ARG B 1 18 ? 7.043   13.652  -11.152 1.00 40.98 ? 20  ARG B NH2 1 
ATOM   560 N  N   . HIS B 1 19 ? 2.041   10.987  -11.206 1.00 22.21 ? 21  HIS B N   1 
ATOM   561 C  CA  . HIS B 1 19 ? 0.982   11.677  -11.946 1.00 22.70 ? 21  HIS B CA  1 
ATOM   562 C  C   . HIS B 1 19 ? -0.234  12.040  -11.088 1.00 23.60 ? 21  HIS B C   1 
ATOM   563 O  O   . HIS B 1 19 ? -1.230  12.559  -11.605 1.00 26.99 ? 21  HIS B O   1 
ATOM   564 C  CB  . HIS B 1 19 ? 0.528   10.831  -13.147 1.00 20.01 ? 21  HIS B CB  1 
ATOM   565 C  CG  . HIS B 1 19 ? 1.621   10.513  -14.117 1.00 19.33 ? 21  HIS B CG  1 
ATOM   566 N  ND1 . HIS B 1 19 ? 2.059   9.227   -14.347 1.00 20.80 ? 21  HIS B ND1 1 
ATOM   567 C  CD2 . HIS B 1 19 ? 2.364   11.311  -14.920 1.00 21.04 ? 21  HIS B CD2 1 
ATOM   568 C  CE1 . HIS B 1 19 ? 3.025   9.246   -15.249 1.00 22.25 ? 21  HIS B CE1 1 
ATOM   569 N  NE2 . HIS B 1 19 ? 3.227   10.499  -15.615 1.00 21.22 ? 21  HIS B NE2 1 
ATOM   570 N  N   . GLY B 1 20 ? -0.154  11.781  -9.784  1.00 24.37 ? 22  GLY B N   1 
ATOM   571 C  CA  . GLY B 1 20 ? -1.308  11.909  -8.910  1.00 23.52 ? 22  GLY B CA  1 
ATOM   572 C  C   . GLY B 1 20 ? -1.514  13.260  -8.250  1.00 27.09 ? 22  GLY B C   1 
ATOM   573 O  O   . GLY B 1 20 ? -2.611  13.557  -7.785  1.00 29.06 ? 22  GLY B O   1 
ATOM   574 N  N   . GLY B 1 21 ? -0.462  14.070  -8.196  1.00 28.91 ? 23  GLY B N   1 
ATOM   575 C  CA  . GLY B 1 21 ? -0.552  15.398  -7.614  1.00 28.74 ? 23  GLY B CA  1 
ATOM   576 C  C   . GLY B 1 21 ? -0.962  15.415  -6.151  1.00 30.46 ? 23  GLY B C   1 
ATOM   577 O  O   . GLY B 1 21 ? -1.728  16.277  -5.725  1.00 31.69 ? 23  GLY B O   1 
ATOM   578 N  N   . LEU B 1 22 ? -0.451  14.463  -5.379  1.00 26.78 ? 24  LEU B N   1 
ATOM   579 C  CA  . LEU B 1 22 ? -0.769  14.373  -3.956  1.00 25.58 ? 24  LEU B CA  1 
ATOM   580 C  C   . LEU B 1 22 ? 0.035   15.380  -3.139  1.00 22.82 ? 24  LEU B C   1 
ATOM   581 O  O   . LEU B 1 22 ? 1.042   15.906  -3.613  1.00 24.45 ? 24  LEU B O   1 
ATOM   582 C  CB  . LEU B 1 22 ? -0.475  12.964  -3.440  1.00 24.24 ? 24  LEU B CB  1 
ATOM   583 C  CG  . LEU B 1 22 ? -1.072  11.815  -4.252  1.00 23.53 ? 24  LEU B CG  1 
ATOM   584 C  CD1 . LEU B 1 22 ? -0.700  10.485  -3.622  1.00 26.02 ? 24  LEU B CD1 1 
ATOM   585 C  CD2 . LEU B 1 22 ? -2.581  11.957  -4.362  1.00 29.21 ? 24  LEU B CD2 1 
ATOM   586 N  N   . SER B 1 23 ? -0.404  15.635  -1.909  1.00 23.97 ? 25  SER B N   1 
ATOM   587 C  CA  . SER B 1 23 ? 0.332   16.510  -0.996  1.00 23.53 ? 25  SER B CA  1 
ATOM   588 C  C   . SER B 1 23 ? 1.661   15.864  -0.599  1.00 24.28 ? 25  SER B C   1 
ATOM   589 O  O   . SER B 1 23 ? 1.836   14.659  -0.759  1.00 21.52 ? 25  SER B O   1 
ATOM   590 C  CB  . SER B 1 23 ? -0.499  16.799  0.253   1.00 26.34 ? 25  SER B CB  1 
ATOM   591 O  OG  . SER B 1 23 ? -0.529  15.670  1.110   1.00 25.90 ? 25  SER B OG  1 
ATOM   592 N  N   . SER B 1 24 ? 2.598   16.657  -0.085  1.00 22.24 ? 26  SER B N   1 
ATOM   593 C  CA  . SER B 1 24 ? 3.898   16.116  0.302   1.00 22.24 ? 26  SER B CA  1 
ATOM   594 C  C   . SER B 1 24 ? 3.777   15.070  1.416   1.00 25.22 ? 26  SER B C   1 
ATOM   595 O  O   . SER B 1 24 ? 4.502   14.070  1.424   1.00 21.68 ? 26  SER B O   1 
ATOM   596 C  CB  . SER B 1 24 ? 4.871   17.235  0.695   1.00 29.06 ? 26  SER B CB  1 
ATOM   597 O  OG  . SER B 1 24 ? 4.367   18.030  1.754   1.00 34.49 ? 26  SER B OG  1 
ATOM   598 N  N   . ASP B 1 25 ? 2.858   15.294  2.349   1.00 25.96 ? 27  ASP B N   1 
ATOM   599 C  CA  . ASP B 1 25 ? 2.681   14.368  3.462   1.00 26.99 ? 27  ASP B CA  1 
ATOM   600 C  C   . ASP B 1 25 ? 2.104   13.053  2.961   1.00 20.45 ? 27  ASP B C   1 
ATOM   601 O  O   . ASP B 1 25 ? 2.531   11.970  3.378   1.00 22.83 ? 27  ASP B O   1 
ATOM   602 C  CB  . ASP B 1 25 ? 1.770   14.963  4.535   1.00 29.21 ? 27  ASP B CB  1 
ATOM   603 C  CG  . ASP B 1 25 ? 1.842   14.198  5.839   1.00 34.81 ? 27  ASP B CG  1 
ATOM   604 O  OD1 . ASP B 1 25 ? 1.250   13.099  5.919   1.00 35.93 ? 27  ASP B OD1 1 
ATOM   605 O  OD2 . ASP B 1 25 ? 2.493   14.698  6.784   1.00 39.82 ? 27  ASP B OD2 1 
ATOM   606 N  N   . ALA B 1 26 ? 1.137   13.155  2.055   1.00 22.32 ? 28  ALA B N   1 
ATOM   607 C  CA  . ALA B 1 26 ? 0.560   11.977  1.434   1.00 17.74 ? 28  ALA B CA  1 
ATOM   608 C  C   . ALA B 1 26 ? 1.618   11.262  0.605   1.00 18.53 ? 28  ALA B C   1 
ATOM   609 O  O   . ALA B 1 26 ? 1.680   10.037  0.588   1.00 14.70 ? 28  ALA B O   1 
ATOM   610 C  CB  . ALA B 1 26 ? -0.637  12.359  0.561   1.00 19.45 ? 28  ALA B CB  1 
ATOM   611 N  N   . GLN B 1 27 ? 2.463   12.030  -0.075  1.00 17.76 ? 29  GLN B N   1 
ATOM   612 C  CA  . GLN B 1 27 ? 3.498   11.435  -0.905  1.00 17.04 ? 29  GLN B CA  1 
ATOM   613 C  C   . GLN B 1 27 ? 4.473   10.616  -0.070  1.00 13.84 ? 29  GLN B C   1 
ATOM   614 O  O   . GLN B 1 27 ? 4.865   9.526   -0.475  1.00 13.22 ? 29  GLN B O   1 
ATOM   615 C  CB  . GLN B 1 27 ? 4.253   12.508  -1.708  1.00 19.02 ? 29  GLN B CB  1 
ATOM   616 C  CG  . GLN B 1 27 ? 3.450   13.106  -2.858  1.00 26.73 ? 29  GLN B CG  1 
ATOM   617 C  CD  . GLN B 1 27 ? 4.270   14.075  -3.690  1.00 30.89 ? 29  GLN B CD  1 
ATOM   618 O  OE1 . GLN B 1 27 ? 5.442   13.829  -3.974  1.00 34.01 ? 29  GLN B OE1 1 
ATOM   619 N  NE2 . GLN B 1 27 ? 3.658   15.190  -4.075  1.00 29.91 ? 29  GLN B NE2 1 
ATOM   620 N  N   . GLU B 1 28 ? 4.866   11.139  1.093   1.00 14.57 ? 30  GLU B N   1 
ATOM   621 C  CA  . GLU B 1 28 ? 5.812   10.420  1.943   1.00 14.20 ? 30  GLU B CA  1 
ATOM   622 C  C   . GLU B 1 28 ? 5.237   9.085   2.399   1.00 12.75 ? 30  GLU B C   1 
ATOM   623 O  O   . GLU B 1 28 ? 5.899   8.048   2.329   1.00 13.18 ? 30  GLU B O   1 
ATOM   624 C  CB  . GLU B 1 28 ? 6.233   11.237  3.172   1.00 17.36 ? 30  GLU B CB  1 
ATOM   625 C  CG  . GLU B 1 28 ? 7.288   10.514  4.022   1.00 18.90 ? 30  GLU B CG  1 
ATOM   626 C  CD  . GLU B 1 28 ? 7.404   11.009  5.466   1.00 23.64 ? 30  GLU B CD  1 
ATOM   627 O  OE1 . GLU B 1 28 ? 6.557   11.819  5.906   1.00 25.75 ? 30  GLU B OE1 1 
ATOM   628 O  OE2 . GLU B 1 28 ? 8.345   10.563  6.169   1.00 22.74 ? 30  GLU B OE2 1 
ATOM   629 N  N   . SER B 1 29 ? 3.996   9.111   2.873   1.00 11.45 ? 31  SER B N   1 
ATOM   630 C  CA  . SER B 1 29 ? 3.355   7.890   3.335   1.00 10.54 ? 31  SER B CA  1 
ATOM   631 C  C   . SER B 1 29 ? 3.126   6.927   2.180   1.00 8.79  ? 31  SER B C   1 
ATOM   632 O  O   . SER B 1 29 ? 3.299   5.720   2.345   1.00 9.57  ? 31  SER B O   1 
ATOM   633 C  CB  . SER B 1 29 ? 2.033   8.203   4.032   1.00 12.90 ? 31  SER B CB  1 
ATOM   634 O  OG  . SER B 1 29 ? 2.263   8.909   5.239   1.00 19.20 ? 31  SER B OG  1 
ATOM   635 N  N   . LEU B 1 30 ? 2.744   7.452   1.017   1.00 9.19  ? 32  LEU B N   1 
ATOM   636 C  CA  . LEU B 1 30 ? 2.539   6.600   -0.149  1.00 10.25 ? 32  LEU B CA  1 
ATOM   637 C  C   . LEU B 1 30 ? 3.826   5.912   -0.600  1.00 9.30  ? 32  LEU B C   1 
ATOM   638 O  O   . LEU B 1 30 ? 3.803   4.736   -0.968  1.00 9.96  ? 32  LEU B O   1 
ATOM   639 C  CB  . LEU B 1 30 ? 1.898   7.383   -1.300  1.00 12.21 ? 32  LEU B CB  1 
ATOM   640 C  CG  . LEU B 1 30 ? 1.653   6.570   -2.570  1.00 12.41 ? 32  LEU B CG  1 
ATOM   641 C  CD1 . LEU B 1 30 ? 0.730   5.393   -2.283  1.00 14.33 ? 32  LEU B CD1 1 
ATOM   642 C  CD2 . LEU B 1 30 ? 1.061   7.445   -3.657  1.00 15.38 ? 32  LEU B CD2 1 
ATOM   643 N  N   . GLU B 1 31 ? 4.950   6.633   -0.577  1.00 9.46  ? 33  GLU B N   1 
ATOM   644 C  CA  . GLU B 1 31 ? 6.219   6.021   -0.940  1.00 9.94  ? 33  GLU B CA  1 
ATOM   645 C  C   . GLU B 1 31 ? 6.519   4.819   -0.049  1.00 9.03  ? 33  GLU B C   1 
ATOM   646 O  O   . GLU B 1 31 ? 6.969   3.778   -0.525  1.00 11.68 ? 33  GLU B O   1 
ATOM   647 C  CB  . GLU B 1 31 ? 7.368   7.027   -0.836  1.00 12.79 ? 33  GLU B CB  1 
ATOM   648 C  CG  . GLU B 1 31 ? 7.406   8.030   -1.962  1.00 15.97 ? 33  GLU B CG  1 
ATOM   649 C  CD  . GLU B 1 31 ? 8.645   8.897   -1.921  1.00 25.24 ? 33  GLU B CD  1 
ATOM   650 O  OE1 . GLU B 1 31 ? 9.597   8.549   -1.186  1.00 29.23 ? 33  GLU B OE1 1 
ATOM   651 O  OE2 . GLU B 1 31 ? 8.663   9.926   -2.631  1.00 28.57 ? 33  GLU B OE2 1 
ATOM   652 N  N   . VAL B 1 32 ? 6.296   4.977   1.250   1.00 8.59  ? 34  VAL B N   1 
ATOM   653 C  CA  . VAL B 1 32 ? 6.538   3.880   2.174   1.00 8.95  ? 34  VAL B CA  1 
ATOM   654 C  C   . VAL B 1 32 ? 5.595   2.711   1.887   1.00 8.67  ? 34  VAL B C   1 
ATOM   655 O  O   . VAL B 1 32 ? 6.020   1.564   1.821   1.00 9.71  ? 34  VAL B O   1 
ATOM   656 C  CB  . VAL B 1 32 ? 6.421   4.320   3.644   1.00 9.24  ? 34  VAL B CB  1 
ATOM   657 C  CG1 . VAL B 1 32 ? 6.746   3.159   4.558   1.00 9.47  ? 34  VAL B CG1 1 
ATOM   658 C  CG2 . VAL B 1 32 ? 7.368   5.485   3.919   1.00 10.59 ? 34  VAL B CG2 1 
ATOM   659 N  N   . ALA B 1 33 ? 4.321   3.011   1.672   1.00 8.31  ? 35  ALA B N   1 
ATOM   660 C  CA  . ALA B 1 33 ? 3.339   1.977   1.371   1.00 8.43  ? 35  ALA B CA  1 
ATOM   661 C  C   . ALA B 1 33 ? 3.749   1.155   0.157   1.00 8.08  ? 35  ALA B C   1 
ATOM   662 O  O   . ALA B 1 33 ? 3.625   -0.068  0.153   1.00 9.01  ? 35  ALA B O   1 
ATOM   663 C  CB  . ALA B 1 33 ? 1.997   2.621   1.126   1.00 9.42  ? 35  ALA B CB  1 
ATOM   664 N  N   . ILE B 1 34 ? 4.242   1.829   -0.881  1.00 8.71  ? 36  ILE B N   1 
ATOM   665 C  CA  . ILE B 1 34 ? 4.619   1.132   -2.111  1.00 9.86  ? 36  ILE B CA  1 
ATOM   666 C  C   . ILE B 1 34 ? 5.782   0.175   -1.845  1.00 9.75  ? 36  ILE B C   1 
ATOM   667 O  O   . ILE B 1 34 ? 5.744   -0.985  -2.240  1.00 10.43 ? 36  ILE B O   1 
ATOM   668 C  CB  . ILE B 1 34 ? 4.974   2.112   -3.221  1.00 10.14 ? 36  ILE B CB  1 
ATOM   669 C  CG1 . ILE B 1 34 ? 3.714   2.832   -3.692  1.00 11.83 ? 36  ILE B CG1 1 
ATOM   670 C  CG2 . ILE B 1 34 ? 5.647   1.386   -4.380  1.00 13.16 ? 36  ILE B CG2 1 
ATOM   671 C  CD1 . ILE B 1 34 ? 3.996   4.078   -4.486  1.00 12.86 ? 36  ILE B CD1 1 
ATOM   672 N  N   . GLN B 1 35 ? 6.802   0.655   -1.143  1.00 8.50  ? 37  GLN B N   1 
ATOM   673 C  CA  . GLN B 1 35 ? 7.921   -0.206  -0.783  1.00 10.87 ? 37  GLN B CA  1 
ATOM   674 C  C   . GLN B 1 35 ? 7.464   -1.433  0.029   1.00 10.12 ? 37  GLN B C   1 
ATOM   675 O  O   . GLN B 1 35 ? 7.878   -2.566  -0.242  1.00 11.69 ? 37  GLN B O   1 
ATOM   676 C  CB  . GLN B 1 35 ? 8.989   0.601   -0.043  1.00 13.12 ? 37  GLN B CB  1 
ATOM   677 C  CG  . GLN B 1 35 ? 9.702   1.591   -0.952  1.00 14.21 ? 37  GLN B CG  1 
ATOM   678 C  CD  . GLN B 1 35 ? 10.497  2.637   -0.198  1.00 19.53 ? 37  GLN B CD  1 
ATOM   679 O  OE1 . GLN B 1 35 ? 11.696  2.473   0.027   1.00 22.63 ? 37  GLN B OE1 1 
ATOM   680 N  NE2 . GLN B 1 35 ? 9.838   3.725   0.184   1.00 15.30 ? 37  GLN B NE2 1 
ATOM   681 N  N   . CYS B 1 36 ? 6.575   -1.206  0.993   1.00 8.77  ? 38  CYS B N   1 
ATOM   682 C  CA  . CYS B 1 36 ? 6.074   -2.266  1.826   1.00 8.49  ? 38  CYS B CA  1 
ATOM   683 C  C   . CYS B 1 36 ? 5.254   -3.233  1.003   1.00 8.68  ? 38  CYS B C   1 
ATOM   684 O  O   . CYS B 1 36 ? 5.361   -4.471  1.204   1.00 9.47  ? 38  CYS B O   1 
ATOM   685 C  CB  . CYS B 1 36 ? 5.281   -1.697  2.971   1.00 8.48  ? 38  CYS B CB  1 
ATOM   686 S  SG  . CYS B 1 36 ? 6.278   -0.854  4.184   1.00 10.88 ? 38  CYS B SG  1 
ATOM   687 N  N   . LEU B 1 37 ? 4.444   -2.730  0.067   1.00 8.08  ? 39  LEU B N   1 
ATOM   688 C  CA  . LEU B 1 37 ? 3.595   -3.598  -0.749  1.00 8.33  ? 39  LEU B CA  1 
ATOM   689 C  C   . LEU B 1 37 ? 4.409   -4.474  -1.695  1.00 8.54  ? 39  LEU B C   1 
ATOM   690 O  O   . LEU B 1 37 ? 4.038   -5.619  -1.977  1.00 8.43  ? 39  LEU B O   1 
ATOM   691 C  CB  . LEU B 1 37 ? 2.604   -2.770  -1.562  1.00 8.44  ? 39  LEU B CB  1 
ATOM   692 C  CG  . LEU B 1 37 ? 1.443   -2.166  -0.791  1.00 8.39  ? 39  LEU B CG  1 
ATOM   693 C  CD1 . LEU B 1 37 ? 0.694   -1.195  -1.699  1.00 9.73  ? 39  LEU B CD1 1 
ATOM   694 C  CD2 . LEU B 1 37 ? 0.500   -3.229  -0.250  1.00 9.66  ? 39  LEU B CD2 1 
ATOM   695 N  N   . GLU B 1 38 ? 5.529   -3.959  -2.175  1.00 9.43  ? 40  GLU B N   1 
ATOM   696 C  CA  . GLU B 1 38 ? 6.358   -4.766  -3.056  1.00 11.84 ? 40  GLU B CA  1 
ATOM   697 C  C   . GLU B 1 38 ? 6.940   -5.970  -2.311  1.00 11.48 ? 40  GLU B C   1 
ATOM   698 O  O   . GLU B 1 38 ? 7.006   -7.067  -2.854  1.00 12.93 ? 40  GLU B O   1 
ATOM   699 C  CB  . GLU B 1 38 ? 7.415   -3.897  -3.739  1.00 12.91 ? 40  GLU B CB  1 
ATOM   700 C  CG  . GLU B 1 38 ? 6.763   -2.905  -4.698  1.00 14.98 ? 40  GLU B CG  1 
ATOM   701 C  CD  . GLU B 1 38 ? 7.738   -2.062  -5.474  1.00 20.07 ? 40  GLU B CD  1 
ATOM   702 O  OE1 . GLU B 1 38 ? 8.849   -1.811  -4.969  1.00 23.45 ? 40  GLU B OE1 1 
ATOM   703 O  OE2 . GLU B 1 38 ? 7.377   -1.641  -6.594  1.00 19.64 ? 40  GLU B OE2 1 
ATOM   704 N  N   . THR B 1 39 ? 7.315   -5.783  -1.050  1.00 10.41 ? 41  THR B N   1 
ATOM   705 C  CA  . THR B 1 39 ? 7.728   -6.911  -0.220  1.00 11.62 ? 41  THR B CA  1 
ATOM   706 C  C   . THR B 1 39 ? 6.563   -7.842  0.087   1.00 10.89 ? 41  THR B C   1 
ATOM   707 O  O   . THR B 1 39 ? 6.697   -9.069  0.023   1.00 13.89 ? 41  THR B O   1 
ATOM   708 C  CB  . THR B 1 39 ? 8.349   -6.429  1.098   1.00 12.44 ? 41  THR B CB  1 
ATOM   709 O  OG1 . THR B 1 39 ? 9.565   -5.739  0.805   1.00 16.92 ? 41  THR B OG1 1 
ATOM   710 C  CG2 . THR B 1 39 ? 8.651   -7.604  2.007   1.00 14.45 ? 41  THR B CG2 1 
ATOM   711 N  N   . ALA B 1 40 ? 5.413   -7.264  0.407   1.00 10.02 ? 42  ALA B N   1 
ATOM   712 C  CA  . ALA B 1 40 ? 4.237   -8.059  0.759   1.00 10.06 ? 42  ALA B CA  1 
ATOM   713 C  C   . ALA B 1 40 ? 3.804   -9.015  -0.354  1.00 9.91  ? 42  ALA B C   1 
ATOM   714 O  O   . ALA B 1 40 ? 3.411   -10.154 -0.086  1.00 11.90 ? 42  ALA B O   1 
ATOM   715 C  CB  . ALA B 1 40 ? 3.082   -7.148  1.144   1.00 10.45 ? 42  ALA B CB  1 
ATOM   716 N  N   . PHE B 1 41 ? 3.871   -8.552  -1.599  1.00 9.81  ? 43  PHE B N   1 
ATOM   717 C  CA  . PHE B 1 41 ? 3.324   -9.331  -2.704  1.00 9.56  ? 43  PHE B CA  1 
ATOM   718 C  C   . PHE B 1 41 ? 4.370   -9.892  -3.656  1.00 12.16 ? 43  PHE B C   1 
ATOM   719 O  O   . PHE B 1 41 ? 4.035   -10.587 -4.612  1.00 14.25 ? 43  PHE B O   1 
ATOM   720 C  CB  . PHE B 1 41 ? 2.243   -8.530  -3.421  1.00 9.83  ? 43  PHE B CB  1 
ATOM   721 C  CG  . PHE B 1 41 ? 1.026   -8.319  -2.581  1.00 9.30  ? 43  PHE B CG  1 
ATOM   722 C  CD1 . PHE B 1 41 ? 0.128   -9.354  -2.388  1.00 8.86  ? 43  PHE B CD1 1 
ATOM   723 C  CD2 . PHE B 1 41 ? 0.793   -7.110  -1.953  1.00 8.86  ? 43  PHE B CD2 1 
ATOM   724 C  CE1 . PHE B 1 41 ? -0.997  -9.172  -1.599  1.00 9.31  ? 43  PHE B CE1 1 
ATOM   725 C  CE2 . PHE B 1 41 ? -0.322  -6.924  -1.166  1.00 8.71  ? 43  PHE B CE2 1 
ATOM   726 C  CZ  . PHE B 1 41 ? -1.216  -7.950  -0.987  1.00 9.50  ? 43  PHE B CZ  1 
ATOM   727 N  N   . GLY B 1 42 ? 5.636   -9.617  -3.368  1.00 12.15 ? 44  GLY B N   1 
ATOM   728 C  CA  . GLY B 1 42 ? 6.728   -10.239 -4.091  1.00 14.54 ? 44  GLY B CA  1 
ATOM   729 C  C   . GLY B 1 42 ? 6.766   -9.826  -5.546  1.00 16.02 ? 44  GLY B C   1 
ATOM   730 O  O   . GLY B 1 42 ? 7.118   -10.616 -6.421  1.00 19.00 ? 44  GLY B O   1 
ATOM   731 N  N   . VAL B 1 43 ? 6.395   -8.583  -5.807  1.00 13.39 ? 45  VAL B N   1 
ATOM   732 C  CA  . VAL B 1 43 ? 6.414   -8.055  -7.159  1.00 14.44 ? 45  VAL B CA  1 
ATOM   733 C  C   . VAL B 1 43 ? 6.809   -6.580  -7.106  1.00 15.40 ? 45  VAL B C   1 
ATOM   734 O  O   . VAL B 1 43 ? 6.427   -5.871  -6.175  1.00 16.08 ? 45  VAL B O   1 
ATOM   735 C  CB  . VAL B 1 43 ? 5.041   -8.263  -7.836  1.00 15.48 ? 45  VAL B CB  1 
ATOM   736 C  CG1 . VAL B 1 43 ? 3.965   -7.418  -7.160  1.00 16.59 ? 45  VAL B CG1 1 
ATOM   737 C  CG2 . VAL B 1 43 ? 5.120   -7.974  -9.304  1.00 19.59 ? 45  VAL B CG2 1 
ATOM   738 N  N   . THR B 1 44 ? 7.608   -6.121  -8.065  1.00 13.18 ? 46  THR B N   1 
ATOM   739 C  CA  . THR B 1 44 ? 8.056   -4.731  -8.054  1.00 16.94 ? 46  THR B CA  1 
ATOM   740 C  C   . THR B 1 44 ? 7.693   -3.985  -9.324  1.00 17.77 ? 46  THR B C   1 
ATOM   741 O  O   . THR B 1 44 ? 7.360   -4.586  -10.345 1.00 19.70 ? 46  THR B O   1 
ATOM   742 C  CB  . THR B 1 44 ? 9.574   -4.623  -7.944  1.00 19.12 ? 46  THR B CB  1 
ATOM   743 O  OG1 . THR B 1 44 ? 10.164  -5.038  -9.184  1.00 20.58 ? 46  THR B OG1 1 
ATOM   744 C  CG2 . THR B 1 44 ? 10.100  -5.468  -6.796  1.00 18.24 ? 46  THR B CG2 1 
ATOM   745 N  N   . VAL B 1 45 ? 7.758   -2.664  -9.231  1.00 18.82 ? 47  VAL B N   1 
ATOM   746 C  CA  . VAL B 1 45 ? 7.804   -1.792  -10.395 1.00 20.68 ? 47  VAL B CA  1 
ATOM   747 C  C   . VAL B 1 45 ? 9.041   -0.922  -10.186 1.00 23.49 ? 47  VAL B C   1 
ATOM   748 O  O   . VAL B 1 45 ? 9.176   -0.271  -9.148  1.00 25.79 ? 47  VAL B O   1 
ATOM   749 C  CB  . VAL B 1 45 ? 6.547   -0.917  -10.513 1.00 21.89 ? 47  VAL B CB  1 
ATOM   750 C  CG1 . VAL B 1 45 ? 6.598   -0.091  -11.789 1.00 25.20 ? 47  VAL B CG1 1 
ATOM   751 C  CG2 . VAL B 1 45 ? 5.290   -1.781  -10.482 1.00 22.07 ? 47  VAL B CG2 1 
ATOM   752 N  N   . GLU B 1 46 ? 9.960   -0.939  -11.144 1.00 30.03 ? 48  GLU B N   1 
ATOM   753 C  CA  . GLU B 1 46 ? 11.269  -0.313  -10.938 1.00 33.78 ? 48  GLU B CA  1 
ATOM   754 C  C   . GLU B 1 46 ? 11.217  1.203   -10.756 1.00 36.89 ? 48  GLU B C   1 
ATOM   755 O  O   . GLU B 1 46 ? 10.598  1.912   -11.549 1.00 37.41 ? 48  GLU B O   1 
ATOM   756 C  CB  . GLU B 1 46 ? 12.243  -0.691  -12.058 1.00 38.20 ? 48  GLU B CB  1 
ATOM   757 C  CG  . GLU B 1 46 ? 13.110  -1.902  -11.733 1.00 39.87 ? 48  GLU B CG  1 
ATOM   758 C  CD  . GLU B 1 46 ? 14.298  -2.038  -12.669 1.00 42.28 ? 48  GLU B CD  1 
ATOM   759 O  OE1 . GLU B 1 46 ? 14.144  -1.732  -13.872 1.00 42.53 ? 48  GLU B OE1 1 
ATOM   760 O  OE2 . GLU B 1 46 ? 15.387  -2.439  -12.198 1.00 39.17 ? 48  GLU B OE2 1 
ATOM   761 N  N   . ASP B 1 47 ? 11.874  1.683   -9.701  1.00 36.73 ? 49  ASP B N   1 
ATOM   762 C  CA  . ASP B 1 47 ? 11.893  3.107   -9.376  1.00 38.18 ? 49  ASP B CA  1 
ATOM   763 C  C   . ASP B 1 47 ? 13.015  3.457   -8.402  1.00 42.39 ? 49  ASP B C   1 
ATOM   764 O  O   . ASP B 1 47 ? 12.943  3.143   -7.213  1.00 40.62 ? 49  ASP B O   1 
ATOM   765 C  CB  . ASP B 1 47 ? 10.550  3.546   -8.780  1.00 38.17 ? 49  ASP B CB  1 
ATOM   766 C  CG  . ASP B 1 47 ? 10.463  5.057   -8.557  1.00 40.25 ? 49  ASP B CG  1 
ATOM   767 O  OD1 . ASP B 1 47 ? 11.442  5.778   -8.847  1.00 42.61 ? 49  ASP B OD1 1 
ATOM   768 O  OD2 . ASP B 1 47 ? 9.408   5.525   -8.077  1.00 37.79 ? 49  ASP B OD2 1 
ATOM   769 N  N   . SER B 1 48 ? 14.047  4.120   -8.912  1.00 45.03 ? 50  SER B N   1 
ATOM   770 C  CA  . SER B 1 48 ? 15.003  4.803   -8.055  1.00 45.49 ? 50  SER B CA  1 
ATOM   771 C  C   . SER B 1 48 ? 14.532  6.251   -7.936  1.00 46.85 ? 50  SER B C   1 
ATOM   772 O  O   . SER B 1 48 ? 14.128  6.846   -8.925  1.00 48.67 ? 50  SER B O   1 
ATOM   773 C  CB  . SER B 1 48 ? 16.417  4.732   -8.643  1.00 47.70 ? 50  SER B CB  1 
ATOM   774 O  OG  . SER B 1 48 ? 16.472  5.314   -9.934  1.00 47.49 ? 50  SER B OG  1 
ATOM   775 N  N   . ASP B 1 49 ? 14.552  6.807   -6.730  1.00 44.77 ? 51  ASP B N   1 
ATOM   776 C  CA  . ASP B 1 49 ? 15.011  6.077   -5.563  1.00 44.43 ? 51  ASP B CA  1 
ATOM   777 C  C   . ASP B 1 49 ? 13.944  5.917   -4.488  1.00 42.23 ? 51  ASP B C   1 
ATOM   778 O  O   . ASP B 1 49 ? 13.951  6.624   -3.478  1.00 42.56 ? 51  ASP B O   1 
ATOM   779 C  CB  . ASP B 1 49 ? 16.269  6.722   -4.970  1.00 47.79 ? 51  ASP B CB  1 
ATOM   780 C  CG  . ASP B 1 49 ? 17.507  5.860   -5.154  1.00 51.62 ? 51  ASP B CG  1 
ATOM   781 O  OD1 . ASP B 1 49 ? 17.362  4.681   -5.542  1.00 52.96 ? 51  ASP B OD1 1 
ATOM   782 O  OD2 . ASP B 1 49 ? 18.625  6.358   -4.901  1.00 54.43 ? 51  ASP B OD2 1 
ATOM   783 N  N   . LEU B 1 50 ? 13.013  4.999   -4.720  1.00 38.46 ? 52  LEU B N   1 
ATOM   784 C  CA  . LEU B 1 50 ? 12.338  4.363   -3.607  1.00 32.86 ? 52  LEU B CA  1 
ATOM   785 C  C   . LEU B 1 50 ? 13.445  3.481   -3.049  1.00 31.10 ? 52  LEU B C   1 
ATOM   786 O  O   . LEU B 1 50 ? 14.037  2.690   -3.786  1.00 29.82 ? 52  LEU B O   1 
ATOM   787 C  CB  . LEU B 1 50 ? 11.156  3.522   -4.080  1.00 30.20 ? 52  LEU B CB  1 
ATOM   788 C  CG  . LEU B 1 50 ? 9.893   4.266   -4.525  1.00 25.42 ? 52  LEU B CG  1 
ATOM   789 C  CD1 . LEU B 1 50 ? 9.063   3.381   -5.425  1.00 30.82 ? 52  LEU B CD1 1 
ATOM   790 C  CD2 . LEU B 1 50 ? 9.070   4.704   -3.324  1.00 28.73 ? 52  LEU B CD2 1 
ATOM   791 N  N   . ALA B 1 51 ? 13.753  3.643   -1.767  1.00 25.54 ? 53  ALA B N   1 
ATOM   792 C  CA  . ALA B 1 51 ? 14.932  3.010   -1.182  1.00 27.34 ? 53  ALA B CA  1 
ATOM   793 C  C   . ALA B 1 51 ? 14.869  1.482   -1.214  1.00 24.99 ? 53  ALA B C   1 
ATOM   794 O  O   . ALA B 1 51 ? 15.866  0.814   -1.488  1.00 24.95 ? 53  ALA B O   1 
ATOM   795 C  CB  . ALA B 1 51 ? 15.152  3.507   0.248   1.00 23.50 ? 53  ALA B CB  1 
ATOM   796 N  N   . LEU B 1 52 ? 13.690  0.934   -0.936  1.00 22.24 ? 54  LEU B N   1 
ATOM   797 C  CA  . LEU B 1 52 ? 13.540  -0.509  -0.793  1.00 22.98 ? 54  LEU B CA  1 
ATOM   798 C  C   . LEU B 1 52 ? 12.799  -1.116  -1.983  1.00 27.95 ? 54  LEU B C   1 
ATOM   799 O  O   . LEU B 1 52 ? 12.184  -0.398  -2.778  1.00 31.19 ? 54  LEU B O   1 
ATOM   800 C  CB  . LEU B 1 52 ? 12.799  -0.830  0.506   1.00 22.50 ? 54  LEU B CB  1 
ATOM   801 C  CG  . LEU B 1 52 ? 13.212  -0.032  1.748   1.00 20.78 ? 54  LEU B CG  1 
ATOM   802 C  CD1 . LEU B 1 52 ? 12.396  -0.474  2.950   1.00 22.09 ? 54  LEU B CD1 1 
ATOM   803 C  CD2 . LEU B 1 52 ? 14.703  -0.152  2.036   1.00 18.20 ? 54  LEU B CD2 1 
HETATM 804 C  C1  . BME C 2 .  ? 3.619   3.967   9.014   1.00 13.62 ? 101 BME A C1  1 
HETATM 805 C  C2  . BME C 2 .  ? 3.001   4.999   8.118   1.00 14.57 ? 101 BME A C2  1 
HETATM 806 O  O1  . BME C 2 .  ? 2.976   3.965   10.241  1.00 13.41 ? 101 BME A O1  1 
HETATM 807 S  S2  . BME C 2 .  ? 3.782   5.070   6.525   1.00 15.06 ? 101 BME A S2  1 
HETATM 808 CL CL  . CL  D 3 .  ? -7.528  -8.693  11.819  0.50 14.53 ? 102 CL  A CL  1 
HETATM 809 C  C1  . BME E 2 .  ? 9.116   -2.836  3.370   1.00 23.78 ? 101 BME B C1  1 
HETATM 810 C  C2  . BME E 2 .  ? 8.965   -2.283  4.745   1.00 21.13 ? 101 BME B C2  1 
HETATM 811 O  O1  . BME E 2 .  ? 9.098   -4.212  3.452   1.00 18.92 ? 101 BME B O1  1 
HETATM 812 S  S2  . BME E 2 .  ? 7.266   -2.266  5.246   1.00 18.40 ? 101 BME B S2  1 
HETATM 813 O  O   . HOH F 4 .  ? -0.317  -15.819 5.972   0.50 8.74  ? 201 HOH A O   1 
HETATM 814 O  O   . HOH F 4 .  ? -1.444  -13.571 4.469   1.00 10.04 ? 202 HOH A O   1 
HETATM 815 O  O   . HOH F 4 .  ? -2.406  -1.850  9.798   1.00 11.62 ? 203 HOH A O   1 
HETATM 816 O  O   . HOH F 4 .  ? 4.691   -10.993 10.671  1.00 12.65 ? 204 HOH A O   1 
HETATM 817 O  O   . HOH F 4 .  ? 4.655   -14.560 0.663   1.00 14.86 ? 205 HOH A O   1 
HETATM 818 O  O   . HOH F 4 .  ? -3.627  0.628   10.640  1.00 14.91 ? 206 HOH A O   1 
HETATM 819 O  O   . HOH F 4 .  ? 6.795   -17.230 6.931   1.00 17.12 ? 207 HOH A O   1 
HETATM 820 O  O   . HOH F 4 .  ? 4.210   -3.698  13.178  1.00 17.01 ? 208 HOH A O   1 
HETATM 821 O  O   . HOH F 4 .  ? 8.829   -14.860 6.213   1.00 18.22 ? 209 HOH A O   1 
HETATM 822 O  O   . HOH F 4 .  ? -0.927  -2.217  12.200  1.00 15.87 ? 210 HOH A O   1 
HETATM 823 O  O   . HOH F 4 .  ? -4.757  4.722   10.704  1.00 18.59 ? 211 HOH A O   1 
HETATM 824 O  O   . HOH F 4 .  ? -0.942  -7.325  14.296  1.00 20.13 ? 212 HOH A O   1 
HETATM 825 O  O   . HOH F 4 .  ? -15.182 1.785   -1.342  1.00 23.18 ? 213 HOH A O   1 
HETATM 826 O  O   . HOH F 4 .  ? 8.520   -12.324 10.243  1.00 22.08 ? 214 HOH A O   1 
HETATM 827 O  O   . HOH F 4 .  ? -3.965  -1.043  17.551  1.00 22.91 ? 215 HOH A O   1 
HETATM 828 O  O   . HOH F 4 .  ? -9.983  4.874   16.602  1.00 23.66 ? 216 HOH A O   1 
HETATM 829 O  O   . HOH F 4 .  ? -5.948  8.712   8.078   1.00 23.36 ? 217 HOH A O   1 
HETATM 830 O  O   . HOH F 4 .  ? -8.187  7.543   -7.629  1.00 22.79 ? 218 HOH A O   1 
HETATM 831 O  O   . HOH F 4 .  ? 12.627  -14.143 6.381   1.00 28.44 ? 219 HOH A O   1 
HETATM 832 O  O   . HOH F 4 .  ? -10.556 6.707   -8.920  1.00 23.90 ? 220 HOH A O   1 
HETATM 833 O  O   . HOH F 4 .  ? 2.693   -18.794 3.530   0.50 22.49 ? 221 HOH A O   1 
HETATM 834 O  O   . HOH F 4 .  ? -13.510 1.413   -5.785  1.00 23.25 ? 222 HOH A O   1 
HETATM 835 O  O   . HOH F 4 .  ? -11.580 -6.468  4.130   1.00 20.26 ? 223 HOH A O   1 
HETATM 836 O  O   . HOH F 4 .  ? -5.668  3.684   16.581  1.00 22.79 ? 224 HOH A O   1 
HETATM 837 O  O   . HOH F 4 .  ? -14.595 5.720   -10.277 1.00 25.75 ? 225 HOH A O   1 
HETATM 838 O  O   . HOH F 4 .  ? 2.266   -5.525  14.343  1.00 26.80 ? 226 HOH A O   1 
HETATM 839 O  O   . HOH F 4 .  ? 1.610   3.048   18.878  1.00 25.76 ? 227 HOH A O   1 
HETATM 840 O  O   . HOH F 4 .  ? -11.805 -8.380  9.295   1.00 25.08 ? 228 HOH A O   1 
HETATM 841 O  O   . HOH F 4 .  ? 5.673   -16.301 12.052  1.00 25.69 ? 229 HOH A O   1 
HETATM 842 O  O   . HOH F 4 .  ? -15.864 0.763   -4.220  1.00 30.99 ? 230 HOH A O   1 
HETATM 843 O  O   . HOH F 4 .  ? -8.603  -10.863 -1.074  1.00 26.45 ? 231 HOH A O   1 
HETATM 844 O  O   . HOH F 4 .  ? -14.163 3.592   -7.254  1.00 26.89 ? 232 HOH A O   1 
HETATM 845 O  O   . HOH F 4 .  ? 10.757  -12.530 2.753   1.00 24.48 ? 233 HOH A O   1 
HETATM 846 O  O   . HOH F 4 .  ? -11.237 -10.066 5.677   1.00 26.03 ? 234 HOH A O   1 
HETATM 847 O  O   . HOH F 4 .  ? 2.995   -16.790 -0.016  1.00 28.51 ? 235 HOH A O   1 
HETATM 848 O  O   . HOH F 4 .  ? -4.230  11.483  6.664   1.00 29.36 ? 236 HOH A O   1 
HETATM 849 O  O   . HOH F 4 .  ? -12.442 4.714   -8.916  1.00 22.01 ? 237 HOH A O   1 
HETATM 850 O  O   . HOH F 4 .  ? 5.169   -16.799 14.203  1.00 24.11 ? 238 HOH A O   1 
HETATM 851 O  O   . HOH F 4 .  ? 5.469   -18.633 2.563   1.00 28.46 ? 239 HOH A O   1 
HETATM 852 O  O   . HOH F 4 .  ? 10.405  -15.026 8.210   1.00 30.13 ? 240 HOH A O   1 
HETATM 853 O  O   . HOH F 4 .  ? -13.885 1.025   8.021   1.00 33.01 ? 241 HOH A O   1 
HETATM 854 O  O   . HOH F 4 .  ? -15.521 -0.331  -0.374  1.00 29.74 ? 242 HOH A O   1 
HETATM 855 O  O   . HOH F 4 .  ? -1.229  12.150  4.330   1.00 27.65 ? 243 HOH A O   1 
HETATM 856 O  O   . HOH F 4 .  ? 4.176   2.337   18.144  1.00 29.24 ? 244 HOH A O   1 
HETATM 857 O  O   . HOH F 4 .  ? -11.443 1.848   14.768  1.00 30.32 ? 245 HOH A O   1 
HETATM 858 O  O   . HOH F 4 .  ? -7.925  9.982   -0.844  1.00 28.45 ? 246 HOH A O   1 
HETATM 859 O  O   . HOH F 4 .  ? -10.127 -4.007  10.121  1.00 27.50 ? 247 HOH A O   1 
HETATM 860 O  O   . HOH F 4 .  ? -10.323 -10.467 -3.209  1.00 37.05 ? 248 HOH A O   1 
HETATM 861 O  O   . HOH F 4 .  ? 0.737   -6.180  17.022  1.00 37.04 ? 249 HOH A O   1 
HETATM 862 O  O   . HOH G 4 .  ? 18.121  1.438   -0.268  1.00 18.42 ? 201 HOH B O   1 
HETATM 863 O  O   . HOH G 4 .  ? 3.126   2.273   -12.399 1.00 19.93 ? 202 HOH B O   1 
HETATM 864 O  O   . HOH G 4 .  ? 4.584   -12.470 -1.052  1.00 19.25 ? 203 HOH B O   1 
HETATM 865 O  O   . HOH G 4 .  ? 9.876   8.529   5.202   1.00 17.45 ? 204 HOH B O   1 
HETATM 866 O  O   . HOH G 4 .  ? 9.462   -7.736  -3.871  1.00 19.57 ? 205 HOH B O   1 
HETATM 867 O  O   . HOH G 4 .  ? -2.723  6.370   -10.564 1.00 17.22 ? 206 HOH B O   1 
HETATM 868 O  O   . HOH G 4 .  ? 9.740   -8.789  -6.368  1.00 20.49 ? 207 HOH B O   1 
HETATM 869 O  O   . HOH G 4 .  ? 1.591   12.652  -6.352  1.00 23.79 ? 208 HOH B O   1 
HETATM 870 O  O   . HOH G 4 .  ? 8.940   8.291   2.463   1.00 21.98 ? 209 HOH B O   1 
HETATM 871 O  O   . HOH G 4 .  ? 2.084   19.629  -0.074  0.50 27.59 ? 210 HOH B O   1 
HETATM 872 O  O   . HOH G 4 .  ? 10.525  6.557   0.930   1.00 24.42 ? 211 HOH B O   1 
HETATM 873 O  O   . HOH G 4 .  ? 15.239  -3.439  -15.869 1.00 25.38 ? 212 HOH B O   1 
HETATM 874 O  O   . HOH G 4 .  ? 6.956   14.225  0.098   1.00 31.75 ? 213 HOH B O   1 
HETATM 875 O  O   . HOH G 4 .  ? 10.247  -0.411  -6.999  1.00 28.37 ? 214 HOH B O   1 
HETATM 876 O  O   . HOH G 4 .  ? 11.218  -5.823  -3.644  1.00 26.57 ? 215 HOH B O   1 
HETATM 877 O  O   . HOH G 4 .  ? 12.939  -4.946  -9.194  1.00 27.08 ? 216 HOH B O   1 
HETATM 878 O  O   . HOH G 4 .  ? -2.389  -18.207 -1.450  1.00 28.38 ? 217 HOH B O   1 
HETATM 879 O  O   . HOH G 4 .  ? 10.753  -3.041  -3.539  1.00 30.14 ? 218 HOH B O   1 
HETATM 880 O  O   . HOH G 4 .  ? 12.864  6.371   -0.573  1.00 33.40 ? 219 HOH B O   1 
HETATM 881 O  O   . HOH G 4 .  ? 7.219   -11.546 -0.376  1.00 25.66 ? 220 HOH B O   1 
HETATM 882 O  O   . HOH G 4 .  ? 7.283   4.258   -9.461  1.00 31.63 ? 221 HOH B O   1 
HETATM 883 O  O   . HOH G 4 .  ? 3.057   5.225   -14.695 1.00 26.81 ? 222 HOH B O   1 
HETATM 884 O  O   . HOH G 4 .  ? -9.193  -13.640 -8.761  1.00 31.57 ? 223 HOH B O   1 
HETATM 885 O  O   . HOH G 4 .  ? 18.880  4.182   -0.277  1.00 26.44 ? 224 HOH B O   1 
HETATM 886 O  O   . HOH G 4 .  ? 4.964   17.333  3.678   1.00 37.39 ? 225 HOH B O   1 
HETATM 887 O  O   . HOH G 4 .  ? 16.531  -1.107  -3.421  1.00 32.45 ? 226 HOH B O   1 
HETATM 888 O  O   . HOH G 4 .  ? 7.190   -12.921 -2.170  1.00 28.42 ? 227 HOH B O   1 
HETATM 889 O  O   . HOH G 4 .  ? 13.228  -2.581  -4.872  1.00 36.72 ? 228 HOH B O   1 
HETATM 890 O  O   . HOH G 4 .  ? 5.308   11.843  -5.240  1.00 29.96 ? 229 HOH B O   1 
HETATM 891 O  O   . HOH G 4 .  ? -2.638  -14.943 -7.095  1.00 29.68 ? 230 HOH B O   1 
HETATM 892 O  O   . HOH G 4 .  ? 1.435   17.936  3.274   1.00 32.21 ? 231 HOH B O   1 
HETATM 893 O  O   . HOH G 4 .  ? 2.705   20.315  1.844   1.00 36.64 ? 232 HOH B O   1 
# 
